data_8ZLE
#
_entry.id   8ZLE
#
_cell.length_a   1.00
_cell.length_b   1.00
_cell.length_c   1.00
_cell.angle_alpha   90.00
_cell.angle_beta   90.00
_cell.angle_gamma   90.00
#
_symmetry.space_group_name_H-M   'P 1'
#
loop_
_entity.id
_entity.type
_entity.pdbx_description
1 polymer 'the NTD of hAE3 with the TMD of hAE2'
2 non-polymer CHOLESTEROL
3 non-polymer 'CHOLESTEROL HEMISUCCINATE'
4 non-polymer '[(2R)-1-octadecanoyloxy-3-[oxidanyl-[(1R,2R,3S,4R,5R,6S)-2,3,6-tris(oxidanyl)-4,5-diphosphonooxy-cyclohexyl]oxy-phospho ryl]oxy-propan-2-yl] (8Z)-icosa-5,8,11,14-tetraenoate'
#
_entity_poly.entity_id   1
_entity_poly.type   'polypeptide(L)'
_entity_poly.pdbx_seq_one_letter_code
;MANGVIPPPGGASPLPQVRVPLEEPPLSPDVEEEDDDLGKTLAVSRFGDLISKPPAWDPEKPSRSYSERDFEFHRHTSHH
THHPLSARLPPPHKLRRLPPTSARHTRRKRKKEKTSAPPSEGTPPIQEEGGAGVDEEEEEEEEEEGESEAEPVEPPHSGT
PQKAKFSIGSDEDDSPGLPGRAAVTKPLPSVGPHTDKSPQHSSSSPSPRARASRLAGEKSRPWSPSASYDLRERLCPGSA
LGNPGGPEQQVPTDEAEAQMLGSADLDDMKSHRLEDNPGVRRHLVKKPSRTQGGRGSPSGLAPILRRKKKKKKLDRRPHE
VFVELNELMLDRSQEPHWRETARWIKFEEDVEEETERWGKPHVASLSFRSLLELRRTIAHGAALLDLEQTTLPGIAHLVV
ETMIVSDQIRPEDRASVLRTLLLKHSHPNDDKDSGFFPRNPSSSSMNSVLGNHHPTPSHGPDGAVPTMADDLGEPAPLWP
HDPDAKEKPLHMPGGDGHRGKSLKLLEKIPEDAEATVVLVGCVPFLEQPAAAFVRLNEAVLLESVLEVPVPVRFLFVMLG
PSHTSTDYHELGRSIATLMSDKLFHEAAYQADDRQDLLSAISEFLDGSIVIPPSEVEGRDLLRSVAAFQRELLRKRRERE
QTKVEMTTRGGYTAPGKELSLELGGSEATPEDDPLRRTGRPFGGLIRDVRRRYPHYLSDFRDALDPQCLAAVIFIYFAAL
SPAITFGGLLGEKTQDLIGVSELIMSTALQGVVFCLLGAQPLLVIGFSGPLLVFEEAFFSFCSSNHLEYLVGRVWIGFWL
VFLALLMVALEGSFLVRFVSRFTQEIFAFLISLIFIYETFYKLVKIFQEHPLHGCSASNSSEVDGGENMTWAGARPTLGP
GNRSLAGQSGQGKPRGQPNTALLSLVLMAGTFFIAFFLRKFKNSRFFPGRIRRVIGDFGVPIAILIMVLVDYSIEDTYTQ
KLSVPSGFSVTAPEKRGWVINPLGEKSPFPVWMMVASLLPAILVFILIFMETQITTLIISKKERMLQKGSGFHLDLLLIV
AMGGICALFGLPWLAAATVRSVTHANALTVMSKAVAPGDKPKIQEVKEQRVTGLLVALLVGLSIVIGDLLRQIPLAVLFG
IFLYMGVTSLNGIQFYERLHLLLMPPKHHPDVTYVKKVRTLRMHLFTALQLLCLALLWAVMSTAASLAFPFILILTVPLR
MVVLTRIFTDREMKCLDANEAEPVFDEREGVDEYNEMPMPV
;
_entity_poly.pdbx_strand_id   A,B
#
loop_
_chem_comp.id
_chem_comp.type
_chem_comp.name
_chem_comp.formula
CLR non-polymer CHOLESTEROL 'C27 H46 O'
PT5 non-polymer '[(2R)-1-octadecanoyloxy-3-[oxidanyl-[(1R,2R,3S,4R,5R,6S)-2,3,6-tris(oxidanyl)-4,5-diphosphonooxy-cyclohexyl]oxy-phospho ryl]oxy-propan-2-yl] (8Z)-icosa-5,8,11,14-tetraenoate' 'C47 H85 O19 P3'
Y01 non-polymer 'CHOLESTEROL HEMISUCCINATE' 'C31 H50 O4'
#
# COMPACT_ATOMS: atom_id res chain seq x y z
N LEU A 314 49.59 16.18 -8.34
CA LEU A 314 49.47 16.93 -9.58
C LEU A 314 48.13 17.67 -9.63
N ASP A 315 47.33 17.39 -10.65
CA ASP A 315 46.01 17.98 -10.80
C ASP A 315 44.90 16.98 -10.56
N ARG A 316 44.85 15.91 -11.36
CA ARG A 316 43.96 14.77 -11.16
C ARG A 316 42.56 15.19 -10.72
N ARG A 317 41.89 15.94 -11.58
CA ARG A 317 40.56 16.44 -11.26
C ARG A 317 39.56 15.30 -11.22
N PRO A 318 38.86 15.08 -10.11
CA PRO A 318 37.92 13.96 -10.03
C PRO A 318 36.72 14.14 -10.94
N HIS A 319 36.18 13.02 -11.40
CA HIS A 319 34.97 12.99 -12.20
C HIS A 319 34.04 11.92 -11.64
N GLU A 320 32.77 11.99 -12.04
CA GLU A 320 31.83 10.93 -11.71
C GLU A 320 32.22 9.64 -12.43
N VAL A 321 31.88 8.51 -11.82
CA VAL A 321 32.38 7.21 -12.28
C VAL A 321 31.20 6.33 -12.65
N PHE A 322 31.33 5.66 -13.80
CA PHE A 322 30.37 4.66 -14.30
C PHE A 322 31.09 3.32 -14.32
N VAL A 323 30.71 2.42 -13.42
CA VAL A 323 31.42 1.16 -13.20
C VAL A 323 30.69 0.02 -13.88
N GLU A 324 31.45 -0.85 -14.54
CA GLU A 324 30.90 -2.01 -15.23
C GLU A 324 31.66 -3.26 -14.79
N LEU A 325 30.94 -4.38 -14.70
CA LEU A 325 31.55 -5.67 -14.34
C LEU A 325 31.43 -6.62 -15.53
N ASN A 326 32.57 -7.10 -16.00
CA ASN A 326 32.64 -8.06 -17.10
C ASN A 326 33.28 -9.34 -16.60
N GLU A 327 32.57 -10.47 -16.78
CA GLU A 327 33.03 -11.75 -16.29
C GLU A 327 33.33 -12.69 -17.46
N LEU A 328 34.42 -13.44 -17.34
CA LEU A 328 34.77 -14.41 -18.36
C LEU A 328 33.85 -15.62 -18.28
N MET A 329 33.40 -16.11 -19.44
CA MET A 329 32.59 -17.32 -19.47
C MET A 329 32.66 -17.94 -20.86
N LEU A 330 32.22 -19.19 -20.92
CA LEU A 330 32.20 -19.96 -22.16
C LEU A 330 30.92 -19.70 -22.94
N ASP A 331 30.99 -19.91 -24.26
CA ASP A 331 29.84 -19.79 -25.13
C ASP A 331 29.29 -21.18 -25.44
N ARG A 332 28.23 -21.21 -26.25
CA ARG A 332 27.68 -22.50 -26.69
C ARG A 332 28.70 -23.25 -27.54
N SER A 333 29.41 -22.53 -28.41
CA SER A 333 30.50 -23.09 -29.18
C SER A 333 31.80 -23.17 -28.38
N GLN A 334 31.72 -23.02 -27.06
CA GLN A 334 32.83 -23.14 -26.12
C GLN A 334 33.91 -22.09 -26.31
N GLU A 335 33.66 -21.07 -27.12
CA GLU A 335 34.65 -20.00 -27.30
C GLU A 335 34.60 -19.04 -26.12
N PRO A 336 35.69 -18.84 -25.39
CA PRO A 336 35.64 -17.96 -24.22
C PRO A 336 35.42 -16.52 -24.62
N HIS A 337 34.70 -15.80 -23.76
CA HIS A 337 34.46 -14.38 -24.00
C HIS A 337 33.99 -13.73 -22.71
N TRP A 338 34.15 -12.42 -22.63
CA TRP A 338 33.67 -11.66 -21.50
C TRP A 338 32.21 -11.24 -21.72
N ARG A 339 31.41 -11.37 -20.68
CA ARG A 339 30.01 -10.99 -20.72
C ARG A 339 29.72 -10.01 -19.58
N GLU A 340 28.94 -8.98 -19.87
CA GLU A 340 28.60 -8.00 -18.84
C GLU A 340 27.62 -8.60 -17.85
N THR A 341 27.82 -8.28 -16.57
CA THR A 341 26.97 -8.83 -15.52
C THR A 341 26.25 -7.79 -14.70
N ALA A 342 26.86 -6.63 -14.44
CA ALA A 342 26.20 -5.61 -13.64
C ALA A 342 26.80 -4.25 -13.96
N ARG A 343 26.03 -3.20 -13.67
CA ARG A 343 26.47 -1.84 -13.90
C ARG A 343 26.09 -0.95 -12.71
N TRP A 344 26.92 0.05 -12.46
CA TRP A 344 26.79 0.93 -11.30
C TRP A 344 26.71 2.37 -11.76
N ILE A 345 25.55 2.99 -11.60
CA ILE A 345 25.40 4.45 -11.67
C ILE A 345 24.68 4.86 -10.39
N LYS A 346 25.45 5.10 -9.32
CA LYS A 346 24.95 5.49 -8.00
C LYS A 346 24.15 4.37 -7.35
N PHE A 347 23.88 3.29 -8.08
CA PHE A 347 23.12 2.15 -7.60
C PHE A 347 23.38 0.98 -8.52
N GLU A 348 23.27 -0.23 -7.98
CA GLU A 348 23.61 -1.43 -8.73
C GLU A 348 22.44 -1.87 -9.60
N GLU A 349 22.78 -2.44 -10.76
CA GLU A 349 21.79 -3.03 -11.66
C GLU A 349 22.37 -4.32 -12.20
N ASP A 350 21.65 -5.42 -12.02
CA ASP A 350 22.13 -6.77 -12.32
C ASP A 350 21.44 -7.34 -13.56
N VAL A 351 22.15 -8.25 -14.23
CA VAL A 351 21.65 -8.95 -15.39
C VAL A 351 21.18 -10.32 -14.95
N GLU A 352 19.92 -10.63 -15.19
CA GLU A 352 19.39 -11.95 -14.87
C GLU A 352 19.90 -12.97 -15.88
N GLU A 353 20.39 -14.11 -15.39
CA GLU A 353 21.03 -15.08 -16.25
C GLU A 353 20.03 -15.86 -17.10
N GLU A 354 18.88 -16.22 -16.53
CA GLU A 354 17.93 -17.08 -17.24
C GLU A 354 17.20 -16.31 -18.33
N THR A 355 16.78 -15.08 -18.06
CA THR A 355 15.94 -14.33 -18.97
C THR A 355 16.68 -13.24 -19.73
N GLU A 356 17.89 -12.86 -19.30
CA GLU A 356 18.73 -11.89 -20.00
C GLU A 356 18.04 -10.53 -20.11
N ARG A 357 17.73 -9.95 -18.96
CA ARG A 357 17.26 -8.57 -18.88
C ARG A 357 17.76 -7.96 -17.57
N TRP A 358 17.48 -6.67 -17.39
CA TRP A 358 18.04 -5.92 -16.28
C TRP A 358 17.02 -5.84 -15.14
N GLY A 359 17.46 -6.21 -13.95
CA GLY A 359 16.61 -6.12 -12.78
C GLY A 359 16.49 -4.71 -12.27
N LYS A 360 15.59 -4.54 -11.30
CA LYS A 360 15.38 -3.22 -10.73
C LYS A 360 16.60 -2.78 -9.91
N PRO A 361 16.85 -1.48 -9.82
CA PRO A 361 17.98 -1.02 -9.01
C PRO A 361 17.78 -1.36 -7.54
N HIS A 362 18.90 -1.64 -6.87
CA HIS A 362 18.86 -1.95 -5.45
C HIS A 362 20.15 -1.45 -4.82
N VAL A 363 20.12 -1.29 -3.49
CA VAL A 363 21.32 -0.91 -2.76
C VAL A 363 22.33 -2.05 -2.85
N ALA A 364 23.59 -1.71 -3.07
CA ALA A 364 24.61 -2.74 -3.26
C ALA A 364 25.08 -3.30 -1.94
N SER A 365 24.44 -4.36 -1.46
CA SER A 365 24.82 -4.96 -0.18
C SER A 365 25.96 -5.94 -0.39
N LEU A 366 27.03 -5.78 0.37
CA LEU A 366 28.23 -6.57 0.25
C LEU A 366 28.18 -7.77 1.17
N SER A 367 29.32 -8.46 1.31
CA SER A 367 29.51 -9.49 2.33
C SER A 367 30.91 -9.35 2.89
N PHE A 368 31.07 -9.75 4.15
CA PHE A 368 32.32 -9.44 4.85
C PHE A 368 33.48 -10.31 4.37
N ARG A 369 33.23 -11.59 4.14
CA ARG A 369 34.32 -12.48 3.73
C ARG A 369 34.91 -12.04 2.40
N SER A 370 34.05 -11.61 1.47
CA SER A 370 34.54 -11.09 0.19
C SER A 370 35.38 -9.85 0.40
N LEU A 371 35.02 -8.99 1.36
CA LEU A 371 35.82 -7.81 1.64
C LEU A 371 37.20 -8.19 2.18
N LEU A 372 37.26 -9.17 3.07
CA LEU A 372 38.56 -9.63 3.57
C LEU A 372 39.40 -10.21 2.44
N GLU A 373 38.79 -11.02 1.57
CA GLU A 373 39.52 -11.59 0.45
C GLU A 373 40.02 -10.50 -0.49
N LEU A 374 39.20 -9.47 -0.71
CA LEU A 374 39.60 -8.36 -1.56
C LEU A 374 40.79 -7.61 -0.97
N ARG A 375 40.77 -7.37 0.34
CA ARG A 375 41.90 -6.69 0.97
C ARG A 375 43.17 -7.52 0.85
N ARG A 376 43.07 -8.83 1.07
CA ARG A 376 44.24 -9.69 0.93
C ARG A 376 44.76 -9.67 -0.51
N THR A 377 43.85 -9.74 -1.49
CA THR A 377 44.28 -9.76 -2.89
C THR A 377 44.94 -8.44 -3.28
N ILE A 378 44.36 -7.31 -2.89
CA ILE A 378 44.95 -6.03 -3.24
C ILE A 378 46.27 -5.81 -2.50
N ALA A 379 46.45 -6.48 -1.36
CA ALA A 379 47.71 -6.35 -0.65
C ALA A 379 48.85 -7.07 -1.38
N HIS A 380 48.55 -8.19 -2.02
CA HIS A 380 49.57 -9.00 -2.69
C HIS A 380 49.62 -8.77 -4.19
N GLY A 381 48.90 -7.77 -4.71
CA GLY A 381 48.82 -7.54 -6.13
C GLY A 381 49.86 -6.52 -6.62
N ALA A 382 49.89 -6.35 -7.93
CA ALA A 382 50.79 -5.41 -8.59
C ALA A 382 49.97 -4.28 -9.21
N ALA A 383 50.35 -3.05 -8.90
CA ALA A 383 49.60 -1.87 -9.31
C ALA A 383 50.43 -1.03 -10.28
N LEU A 384 49.80 -0.59 -11.36
CA LEU A 384 50.41 0.31 -12.32
C LEU A 384 49.71 1.66 -12.21
N LEU A 385 50.47 2.71 -11.95
CA LEU A 385 49.93 4.05 -11.75
C LEU A 385 50.41 4.96 -12.87
N ASP A 386 49.48 5.69 -13.48
CA ASP A 386 49.77 6.67 -14.52
C ASP A 386 50.49 6.02 -15.70
N LEU A 387 49.83 5.04 -16.30
CA LEU A 387 50.37 4.38 -17.48
C LEU A 387 50.28 5.29 -18.69
N GLU A 388 51.25 5.15 -19.59
CA GLU A 388 51.35 6.00 -20.77
C GLU A 388 50.78 5.34 -22.02
N GLN A 389 50.20 4.15 -21.91
CA GLN A 389 49.63 3.48 -23.06
C GLN A 389 48.32 4.13 -23.47
N THR A 390 47.89 3.85 -24.71
CA THR A 390 46.66 4.41 -25.24
C THR A 390 45.77 3.39 -25.95
N THR A 391 46.22 2.15 -26.09
CA THR A 391 45.47 1.11 -26.79
C THR A 391 45.37 -0.12 -25.91
N LEU A 392 44.35 -0.94 -26.17
CA LEU A 392 44.15 -2.17 -25.39
C LEU A 392 45.33 -3.13 -25.50
N PRO A 393 45.88 -3.43 -26.69
CA PRO A 393 47.04 -4.35 -26.72
C PRO A 393 48.22 -3.87 -25.92
N GLY A 394 48.52 -2.56 -25.95
CA GLY A 394 49.64 -2.05 -25.18
C GLY A 394 49.42 -2.16 -23.69
N ILE A 395 48.21 -1.84 -23.23
CA ILE A 395 47.88 -1.98 -21.81
C ILE A 395 48.00 -3.44 -21.39
N ALA A 396 47.49 -4.36 -22.23
CA ALA A 396 47.58 -5.78 -21.90
C ALA A 396 49.03 -6.24 -21.83
N HIS A 397 49.86 -5.80 -22.77
CA HIS A 397 51.27 -6.20 -22.75
C HIS A 397 51.98 -5.67 -21.51
N LEU A 398 51.73 -4.41 -21.16
CA LEU A 398 52.35 -3.85 -19.95
C LEU A 398 51.87 -4.60 -18.71
N VAL A 399 50.58 -4.93 -18.65
CA VAL A 399 50.04 -5.65 -17.50
C VAL A 399 50.70 -7.01 -17.37
N VAL A 400 50.84 -7.74 -18.49
CA VAL A 400 51.43 -9.06 -18.42
C VAL A 400 52.91 -8.96 -18.05
N GLU A 401 53.60 -7.92 -18.53
CA GLU A 401 55.00 -7.75 -18.15
C GLU A 401 55.14 -7.49 -16.66
N THR A 402 54.28 -6.63 -16.10
CA THR A 402 54.35 -6.36 -14.67
C THR A 402 53.98 -7.59 -13.84
N MET A 403 52.99 -8.36 -14.31
CA MET A 403 52.65 -9.60 -13.62
C MET A 403 53.82 -10.56 -13.61
N ILE A 404 54.57 -10.63 -14.71
CA ILE A 404 55.77 -11.45 -14.75
C ILE A 404 56.82 -10.91 -13.77
N VAL A 405 56.95 -9.59 -13.70
CA VAL A 405 57.96 -8.99 -12.83
C VAL A 405 57.69 -9.31 -11.37
N SER A 406 56.42 -9.18 -10.95
CA SER A 406 56.06 -9.34 -9.54
C SER A 406 55.92 -10.79 -9.12
N ASP A 407 56.41 -11.74 -9.91
CA ASP A 407 56.42 -13.16 -9.55
C ASP A 407 55.03 -13.68 -9.24
N GLN A 408 54.04 -13.22 -9.99
CA GLN A 408 52.67 -13.69 -9.84
C GLN A 408 52.26 -14.71 -10.88
N ILE A 409 52.77 -14.59 -12.11
CA ILE A 409 52.46 -15.53 -13.18
C ILE A 409 53.77 -16.04 -13.76
N ARG A 410 53.85 -17.35 -13.99
CA ARG A 410 55.04 -17.93 -14.57
C ARG A 410 55.26 -17.36 -15.97
N PRO A 411 56.51 -17.13 -16.39
CA PRO A 411 56.75 -16.63 -17.75
C PRO A 411 56.23 -17.56 -18.84
N GLU A 412 56.24 -18.88 -18.59
CA GLU A 412 55.79 -19.82 -19.60
C GLU A 412 54.32 -19.63 -19.95
N ASP A 413 53.53 -19.08 -19.02
CA ASP A 413 52.13 -18.80 -19.25
C ASP A 413 51.89 -17.41 -19.83
N ARG A 414 52.95 -16.64 -20.07
CA ARG A 414 52.79 -15.29 -20.60
C ARG A 414 52.06 -15.31 -21.93
N ALA A 415 52.37 -16.27 -22.80
CA ALA A 415 51.67 -16.37 -24.07
C ALA A 415 50.21 -16.78 -23.88
N SER A 416 49.92 -17.55 -22.83
CA SER A 416 48.56 -18.03 -22.63
C SER A 416 47.66 -16.93 -22.09
N VAL A 417 48.02 -16.37 -20.93
CA VAL A 417 47.15 -15.40 -20.25
C VAL A 417 46.93 -14.17 -21.11
N LEU A 418 47.92 -13.81 -21.94
CA LEU A 418 47.74 -12.67 -22.83
C LEU A 418 46.56 -12.87 -23.77
N ARG A 419 46.42 -14.09 -24.30
CA ARG A 419 45.29 -14.38 -25.17
C ARG A 419 43.96 -14.19 -24.45
N THR A 420 43.96 -14.30 -23.12
CA THR A 420 42.72 -14.08 -22.38
C THR A 420 42.35 -12.62 -22.28
N LEU A 421 43.33 -11.71 -22.42
CA LEU A 421 43.07 -10.28 -22.32
C LEU A 421 42.79 -9.64 -23.68
N LEU A 422 42.79 -10.41 -24.76
CA LEU A 422 42.53 -9.88 -26.10
C LEU A 422 41.29 -10.52 -26.72
N LEU A 423 40.32 -10.89 -25.90
CA LEU A 423 39.10 -11.52 -26.37
C LEU A 423 38.00 -10.49 -26.58
N LYS A 424 37.00 -10.89 -27.36
CA LYS A 424 35.87 -10.01 -27.65
C LYS A 424 34.99 -9.86 -26.41
N HIS A 425 34.34 -8.71 -26.29
CA HIS A 425 33.42 -8.43 -25.20
C HIS A 425 31.98 -8.54 -25.70
N SER A 426 31.08 -8.87 -24.77
CA SER A 426 29.67 -9.04 -25.07
C SER A 426 28.84 -8.18 -24.13
N HIS A 427 27.58 -7.99 -24.50
CA HIS A 427 26.64 -7.17 -23.73
C HIS A 427 25.25 -7.72 -23.95
N PRO A 428 24.31 -7.41 -23.06
CA PRO A 428 22.93 -7.90 -23.27
C PRO A 428 22.29 -7.41 -24.56
N ASN A 429 22.57 -6.18 -24.97
CA ASN A 429 21.97 -5.62 -26.17
C ASN A 429 22.85 -5.72 -27.40
N ASP A 430 24.07 -6.23 -27.27
CA ASP A 430 24.94 -6.39 -28.44
C ASP A 430 24.49 -7.58 -29.28
N GLY A 497 18.59 -0.50 -33.28
CA GLY A 497 18.44 -1.41 -32.16
C GLY A 497 19.39 -1.11 -31.03
N HIS A 498 20.70 -1.12 -31.33
CA HIS A 498 21.69 -0.80 -30.32
C HIS A 498 21.56 0.64 -29.85
N ARG A 499 21.36 1.57 -30.79
CA ARG A 499 21.32 2.99 -30.43
C ARG A 499 20.08 3.34 -29.63
N GLY A 500 18.96 2.65 -29.89
CA GLY A 500 17.72 2.97 -29.20
C GLY A 500 17.82 2.87 -27.69
N LYS A 501 18.64 1.95 -27.19
CA LYS A 501 18.91 1.85 -25.76
C LYS A 501 20.23 2.47 -25.35
N SER A 502 21.20 2.56 -26.27
CA SER A 502 22.45 3.23 -25.96
C SER A 502 22.21 4.70 -25.63
N LEU A 503 21.38 5.38 -26.42
CA LEU A 503 21.05 6.77 -26.13
C LEU A 503 20.28 6.89 -24.81
N LYS A 504 19.34 5.99 -24.58
CA LYS A 504 18.54 6.05 -23.37
C LYS A 504 19.39 5.87 -22.12
N LEU A 505 20.43 5.04 -22.20
CA LEU A 505 21.36 4.93 -21.09
C LEU A 505 22.31 6.12 -21.01
N LEU A 506 22.70 6.69 -22.17
CA LEU A 506 23.61 7.83 -22.16
C LEU A 506 22.97 9.05 -21.55
N GLU A 507 21.64 9.18 -21.64
CA GLU A 507 20.97 10.30 -20.99
C GLU A 507 21.17 10.28 -19.48
N LYS A 508 21.03 9.11 -18.85
CA LYS A 508 21.13 9.03 -17.40
C LYS A 508 22.53 9.37 -16.91
N ILE A 509 23.56 8.90 -17.61
CA ILE A 509 24.94 9.06 -17.16
C ILE A 509 25.30 10.54 -17.15
N PRO A 510 25.98 11.05 -16.12
CA PRO A 510 26.40 12.46 -16.13
C PRO A 510 27.31 12.76 -17.30
N GLU A 511 27.27 14.01 -17.76
CA GLU A 511 27.95 14.38 -18.99
C GLU A 511 29.46 14.19 -18.90
N ASP A 512 30.06 14.56 -17.77
CA ASP A 512 31.51 14.54 -17.60
C ASP A 512 31.98 13.31 -16.85
N ALA A 513 31.34 12.16 -17.06
CA ALA A 513 31.67 10.95 -16.32
C ALA A 513 32.79 10.18 -17.01
N GLU A 514 33.66 9.59 -16.19
CA GLU A 514 34.72 8.70 -16.66
C GLU A 514 34.47 7.32 -16.10
N ALA A 515 34.60 6.30 -16.96
CA ALA A 515 34.21 4.95 -16.61
C ALA A 515 35.40 4.12 -16.15
N THR A 516 35.08 2.96 -15.59
CA THR A 516 36.07 1.98 -15.17
C THR A 516 35.56 0.58 -15.49
N VAL A 517 36.48 -0.31 -15.82
CA VAL A 517 36.16 -1.67 -16.25
C VAL A 517 36.79 -2.64 -15.27
N VAL A 518 35.99 -3.60 -14.80
CA VAL A 518 36.43 -4.63 -13.88
C VAL A 518 36.35 -5.97 -14.60
N LEU A 519 37.48 -6.64 -14.76
CA LEU A 519 37.57 -7.92 -15.45
C LEU A 519 37.94 -9.00 -14.45
N VAL A 520 36.98 -9.86 -14.11
CA VAL A 520 37.16 -10.91 -13.12
C VAL A 520 36.75 -12.24 -13.73
N GLY A 521 37.61 -13.23 -13.63
CA GLY A 521 37.27 -14.54 -14.16
C GLY A 521 38.30 -15.58 -13.74
N CYS A 522 37.97 -16.84 -14.03
CA CYS A 522 38.81 -17.98 -13.68
C CYS A 522 39.42 -18.57 -14.94
N VAL A 523 40.66 -19.04 -14.84
CA VAL A 523 41.36 -19.66 -15.95
C VAL A 523 41.94 -21.00 -15.50
N PRO A 524 41.64 -22.09 -16.21
CA PRO A 524 42.17 -23.40 -15.81
C PRO A 524 43.70 -23.45 -15.77
N PHE A 525 44.39 -22.69 -16.62
CA PHE A 525 45.83 -22.86 -16.77
C PHE A 525 46.65 -22.15 -15.70
N LEU A 526 46.02 -21.45 -14.77
CA LEU A 526 46.74 -20.77 -13.70
C LEU A 526 46.63 -21.57 -12.41
N GLU A 527 47.56 -21.28 -11.48
CA GLU A 527 47.62 -21.98 -10.21
C GLU A 527 47.40 -21.08 -9.00
N GLN A 528 47.65 -19.78 -9.11
CA GLN A 528 47.44 -18.83 -8.03
C GLN A 528 46.79 -17.57 -8.57
N PRO A 529 46.00 -16.89 -7.74
CA PRO A 529 45.33 -15.67 -8.23
C PRO A 529 46.30 -14.53 -8.42
N ALA A 530 46.10 -13.78 -9.51
CA ALA A 530 46.90 -12.61 -9.84
C ALA A 530 45.98 -11.42 -10.09
N ALA A 531 46.40 -10.26 -9.60
CA ALA A 531 45.60 -9.05 -9.67
C ALA A 531 46.44 -7.90 -10.18
N ALA A 532 45.78 -6.97 -10.87
CA ALA A 532 46.46 -5.80 -11.42
C ALA A 532 45.49 -4.63 -11.44
N PHE A 533 45.94 -3.50 -10.92
CA PHE A 533 45.18 -2.25 -10.90
C PHE A 533 45.93 -1.22 -11.73
N VAL A 534 45.29 -0.71 -12.77
CA VAL A 534 45.91 0.22 -13.71
C VAL A 534 45.09 1.49 -13.78
N ARG A 535 45.75 2.64 -13.63
CA ARG A 535 45.13 3.95 -13.77
C ARG A 535 45.78 4.65 -14.94
N LEU A 536 45.02 4.85 -16.02
CA LEU A 536 45.57 5.48 -17.21
C LEU A 536 45.84 6.96 -16.96
N ASN A 537 46.90 7.46 -17.59
CA ASN A 537 47.28 8.86 -17.40
C ASN A 537 46.20 9.80 -17.92
N GLU A 538 45.62 9.49 -19.07
CA GLU A 538 44.58 10.32 -19.67
C GLU A 538 43.43 9.43 -20.14
N ALA A 539 42.22 9.99 -20.10
CA ALA A 539 41.05 9.24 -20.52
C ALA A 539 41.15 8.90 -22.00
N VAL A 540 40.86 7.65 -22.32
CA VAL A 540 40.92 7.16 -23.69
C VAL A 540 39.68 6.30 -23.95
N LEU A 541 39.12 6.42 -25.15
CA LEU A 541 37.90 5.72 -25.52
C LEU A 541 38.26 4.35 -26.09
N LEU A 542 38.05 3.31 -25.29
CA LEU A 542 38.30 1.94 -25.71
C LEU A 542 37.02 1.41 -26.36
N GLU A 543 37.09 1.12 -27.66
CA GLU A 543 35.91 0.66 -28.39
C GLU A 543 35.65 -0.81 -28.14
N SER A 544 34.37 -1.18 -28.18
CA SER A 544 33.94 -2.56 -28.03
C SER A 544 34.41 -3.17 -26.71
N VAL A 545 34.35 -2.37 -25.64
CA VAL A 545 34.68 -2.88 -24.31
C VAL A 545 33.51 -2.58 -23.38
N LEU A 546 33.09 -1.32 -23.31
CA LEU A 546 32.02 -0.92 -22.43
C LEU A 546 30.66 -1.17 -23.10
N GLU A 547 29.61 -0.67 -22.47
CA GLU A 547 28.27 -0.74 -23.02
C GLU A 547 27.87 0.57 -23.71
N VAL A 548 28.44 1.69 -23.28
CA VAL A 548 28.14 3.00 -23.85
C VAL A 548 29.47 3.68 -24.19
N PRO A 549 29.50 4.60 -25.16
CA PRO A 549 30.78 5.25 -25.53
C PRO A 549 31.25 6.29 -24.52
N VAL A 550 31.88 5.82 -23.45
CA VAL A 550 32.42 6.66 -22.40
C VAL A 550 33.89 6.33 -22.23
N PRO A 551 34.78 7.31 -22.09
CA PRO A 551 36.20 6.98 -21.91
C PRO A 551 36.45 6.24 -20.61
N VAL A 552 37.48 5.37 -20.63
CA VAL A 552 37.85 4.60 -19.46
C VAL A 552 39.05 5.27 -18.79
N ARG A 553 39.14 5.09 -17.47
CA ARG A 553 40.22 5.70 -16.70
C ARG A 553 40.93 4.66 -15.84
N PHE A 554 40.18 3.64 -15.39
CA PHE A 554 40.71 2.62 -14.51
C PHE A 554 40.49 1.24 -15.12
N LEU A 555 41.33 0.30 -14.72
CA LEU A 555 41.21 -1.09 -15.12
C LEU A 555 41.60 -1.97 -13.94
N PHE A 556 40.77 -2.97 -13.65
CA PHE A 556 41.08 -3.95 -12.61
C PHE A 556 40.98 -5.34 -13.24
N VAL A 557 42.09 -6.07 -13.21
CA VAL A 557 42.16 -7.40 -13.80
C VAL A 557 42.46 -8.41 -12.71
N MET A 558 41.63 -9.44 -12.60
CA MET A 558 41.85 -10.53 -11.67
C MET A 558 41.71 -11.85 -12.41
N LEU A 559 42.70 -12.73 -12.24
CA LEU A 559 42.70 -14.02 -12.91
C LEU A 559 43.29 -15.06 -11.97
N GLY A 560 42.50 -16.08 -11.64
CA GLY A 560 42.94 -17.09 -10.70
C GLY A 560 42.42 -18.47 -11.03
N PRO A 561 42.94 -19.48 -10.33
CA PRO A 561 42.50 -20.85 -10.57
C PRO A 561 41.08 -21.10 -10.10
N SER A 562 40.48 -22.15 -10.64
CA SER A 562 39.09 -22.48 -10.35
C SER A 562 38.93 -23.43 -9.18
N HIS A 563 40.01 -23.90 -8.58
CA HIS A 563 39.92 -24.84 -7.46
C HIS A 563 39.97 -24.16 -6.10
N THR A 564 40.05 -22.83 -6.04
CA THR A 564 40.05 -22.14 -4.77
C THR A 564 38.63 -22.03 -4.22
N SER A 565 38.54 -21.65 -2.94
CA SER A 565 37.26 -21.45 -2.29
C SER A 565 36.68 -20.06 -2.52
N THR A 566 37.45 -19.16 -3.13
CA THR A 566 36.97 -17.80 -3.35
C THR A 566 35.91 -17.77 -4.45
N ASP A 567 34.96 -16.85 -4.30
CA ASP A 567 33.94 -16.59 -5.31
C ASP A 567 34.31 -15.31 -6.03
N TYR A 568 34.66 -15.43 -7.32
CA TYR A 568 35.21 -14.28 -8.04
C TYR A 568 34.14 -13.26 -8.39
N HIS A 569 32.90 -13.69 -8.58
CA HIS A 569 31.81 -12.74 -8.79
C HIS A 569 31.67 -11.82 -7.58
N GLU A 570 31.80 -12.37 -6.38
CA GLU A 570 31.71 -11.55 -5.17
C GLU A 570 32.86 -10.56 -5.08
N LEU A 571 34.07 -10.97 -5.45
CA LEU A 571 35.19 -10.04 -5.43
C LEU A 571 34.99 -8.92 -6.45
N GLY A 572 34.48 -9.26 -7.63
CA GLY A 572 34.17 -8.23 -8.61
C GLY A 572 33.14 -7.24 -8.10
N ARG A 573 32.07 -7.75 -7.48
CA ARG A 573 31.05 -6.86 -6.93
C ARG A 573 31.63 -5.98 -5.83
N SER A 574 32.48 -6.54 -4.97
CA SER A 574 33.06 -5.75 -3.88
C SER A 574 33.94 -4.62 -4.41
N ILE A 575 34.83 -4.93 -5.37
CA ILE A 575 35.71 -3.90 -5.87
C ILE A 575 34.93 -2.85 -6.66
N ALA A 576 33.89 -3.27 -7.38
CA ALA A 576 33.10 -2.30 -8.12
C ALA A 576 32.32 -1.38 -7.18
N THR A 577 31.75 -1.93 -6.11
CA THR A 577 31.05 -1.08 -5.15
C THR A 577 32.01 -0.17 -4.40
N LEU A 578 33.24 -0.61 -4.19
CA LEU A 578 34.26 0.29 -3.65
C LEU A 578 34.52 1.45 -4.60
N MET A 579 34.70 1.14 -5.89
CA MET A 579 35.08 2.17 -6.85
C MET A 579 33.94 3.10 -7.19
N SER A 580 32.70 2.64 -7.05
CA SER A 580 31.54 3.47 -7.32
C SER A 580 31.24 4.45 -6.21
N ASP A 581 31.97 4.41 -5.11
CA ASP A 581 31.77 5.34 -4.01
C ASP A 581 32.34 6.71 -4.38
N LYS A 582 31.98 7.71 -3.56
CA LYS A 582 32.46 9.07 -3.81
C LYS A 582 33.86 9.29 -3.24
N LEU A 583 33.99 9.15 -1.92
CA LEU A 583 35.27 9.42 -1.26
C LEU A 583 36.34 8.45 -1.72
N PHE A 584 35.99 7.16 -1.88
CA PHE A 584 36.99 6.18 -2.29
C PHE A 584 37.50 6.46 -3.69
N HIS A 585 36.61 6.80 -4.62
CA HIS A 585 37.08 7.05 -5.99
C HIS A 585 37.87 8.37 -6.06
N GLU A 586 37.50 9.37 -5.26
CA GLU A 586 38.32 10.57 -5.20
C GLU A 586 39.72 10.26 -4.65
N ALA A 587 39.79 9.43 -3.61
CA ALA A 587 41.08 9.05 -3.06
C ALA A 587 41.91 8.29 -4.08
N ALA A 588 41.27 7.38 -4.82
CA ALA A 588 41.97 6.64 -5.87
C ALA A 588 42.46 7.58 -6.96
N TYR A 589 41.70 8.63 -7.25
CA TYR A 589 42.18 9.66 -8.16
C TYR A 589 43.44 10.33 -7.63
N GLN A 590 43.45 10.63 -6.33
CA GLN A 590 44.60 11.31 -5.73
C GLN A 590 45.62 10.36 -5.12
N ALA A 591 45.42 9.05 -5.22
CA ALA A 591 46.33 8.10 -4.58
C ALA A 591 47.64 7.99 -5.36
N ASP A 592 48.65 7.42 -4.69
CA ASP A 592 49.94 7.19 -5.32
C ASP A 592 50.52 5.80 -5.10
N ASP A 593 50.10 5.07 -4.08
CA ASP A 593 50.65 3.74 -3.81
C ASP A 593 49.54 2.87 -3.23
N ARG A 594 49.94 1.69 -2.74
CA ARG A 594 49.00 0.73 -2.17
C ARG A 594 48.54 1.13 -0.77
N GLN A 595 49.40 1.79 -0.01
CA GLN A 595 49.05 2.19 1.35
C GLN A 595 47.88 3.15 1.36
N ASP A 596 47.84 4.09 0.41
CA ASP A 596 46.70 4.99 0.32
C ASP A 596 45.43 4.24 -0.04
N LEU A 597 45.53 3.20 -0.87
CA LEU A 597 44.35 2.37 -1.15
C LEU A 597 43.85 1.68 0.10
N LEU A 598 44.77 1.16 0.92
CA LEU A 598 44.36 0.53 2.18
C LEU A 598 43.71 1.54 3.12
N SER A 599 44.28 2.75 3.20
CA SER A 599 43.69 3.77 4.05
C SER A 599 42.29 4.16 3.57
N ALA A 600 42.10 4.26 2.25
CA ALA A 600 40.79 4.56 1.71
C ALA A 600 39.80 3.42 2.00
N ILE A 601 40.27 2.18 1.94
CA ILE A 601 39.40 1.05 2.29
C ILE A 601 38.95 1.15 3.73
N SER A 602 39.88 1.48 4.64
CA SER A 602 39.51 1.65 6.04
C SER A 602 38.52 2.79 6.22
N GLU A 603 38.73 3.89 5.50
CA GLU A 603 37.81 5.02 5.58
C GLU A 603 36.41 4.60 5.13
N PHE A 604 36.33 3.87 4.01
CA PHE A 604 35.04 3.38 3.54
C PHE A 604 34.38 2.47 4.56
N LEU A 605 35.16 1.57 5.18
CA LEU A 605 34.60 0.66 6.17
C LEU A 605 34.14 1.37 7.44
N ASP A 606 34.74 2.52 7.75
CA ASP A 606 34.40 3.22 9.00
C ASP A 606 32.92 3.60 9.04
N GLY A 607 32.36 4.05 7.92
CA GLY A 607 31.00 4.53 7.92
C GLY A 607 29.98 3.58 7.31
N SER A 608 30.11 2.29 7.60
CA SER A 608 29.23 1.27 7.07
C SER A 608 28.29 0.74 8.15
N ILE A 609 27.36 -0.10 7.72
CA ILE A 609 26.37 -0.72 8.59
C ILE A 609 26.47 -2.22 8.44
N VAL A 610 26.58 -2.94 9.56
CA VAL A 610 26.66 -4.39 9.57
C VAL A 610 25.32 -4.93 10.05
N ILE A 611 24.73 -5.83 9.28
CA ILE A 611 23.43 -6.42 9.58
C ILE A 611 23.67 -7.86 10.04
N PRO A 612 23.24 -8.23 11.24
CA PRO A 612 23.59 -9.54 11.79
C PRO A 612 22.86 -10.66 11.08
N PRO A 613 23.36 -11.90 11.18
CA PRO A 613 22.71 -13.02 10.49
C PRO A 613 21.42 -13.47 11.14
N SER A 614 20.34 -12.73 10.92
CA SER A 614 19.02 -13.11 11.40
C SER A 614 18.03 -13.00 10.24
N GLU A 615 17.05 -13.89 10.23
CA GLU A 615 16.03 -13.86 9.18
C GLU A 615 15.22 -12.58 9.29
N VAL A 616 14.81 -12.06 8.13
CA VAL A 616 13.93 -10.90 8.07
C VAL A 616 12.52 -11.44 7.91
N GLU A 617 11.81 -11.56 9.03
CA GLU A 617 10.47 -12.16 9.03
C GLU A 617 9.41 -11.14 8.61
N GLY A 618 9.26 -10.07 9.38
CA GLY A 618 8.26 -9.05 9.10
C GLY A 618 8.71 -8.08 8.02
N ARG A 619 8.22 -6.85 8.13
CA ARG A 619 8.58 -5.80 7.18
C ARG A 619 9.04 -4.55 7.91
N ASP A 620 8.59 -4.39 9.16
CA ASP A 620 9.04 -3.27 9.98
C ASP A 620 10.51 -3.37 10.31
N LEU A 621 11.12 -4.55 10.11
CA LEU A 621 12.49 -4.77 10.56
C LEU A 621 13.49 -3.91 9.80
N LEU A 622 13.18 -3.54 8.56
CA LEU A 622 14.12 -2.81 7.72
C LEU A 622 13.68 -1.37 7.46
N ARG A 623 12.78 -0.83 8.26
CA ARG A 623 12.40 0.57 8.13
C ARG A 623 13.23 1.49 9.01
N SER A 624 14.16 0.96 9.79
CA SER A 624 14.99 1.77 10.67
C SER A 624 16.39 1.99 10.13
N VAL A 625 16.73 1.40 8.99
CA VAL A 625 18.09 1.52 8.47
C VAL A 625 18.37 2.93 8.02
N ALA A 626 17.37 3.61 7.42
CA ALA A 626 17.59 4.94 6.87
C ALA A 626 17.98 5.94 7.96
N ALA A 627 17.25 5.96 9.07
CA ALA A 627 17.54 6.90 10.14
C ALA A 627 18.90 6.64 10.76
N PHE A 628 19.22 5.37 11.01
CA PHE A 628 20.51 5.03 11.59
C PHE A 628 21.65 5.42 10.67
N GLN A 629 21.48 5.18 9.36
CA GLN A 629 22.51 5.60 8.41
C GLN A 629 22.65 7.11 8.40
N ARG A 630 21.53 7.84 8.51
CA ARG A 630 21.59 9.29 8.56
C ARG A 630 22.41 9.77 9.75
N GLU A 631 22.13 9.20 10.93
CA GLU A 631 22.88 9.61 12.12
C GLU A 631 24.36 9.24 12.02
N LEU A 632 24.66 8.05 11.51
CA LEU A 632 26.05 7.61 11.40
C LEU A 632 26.83 8.51 10.45
N LEU A 633 26.26 8.79 9.28
CA LEU A 633 26.94 9.66 8.33
C LEU A 633 27.00 11.09 8.83
N ARG A 634 26.02 11.52 9.62
CA ARG A 634 26.09 12.84 10.23
C ARG A 634 27.27 12.94 11.18
N LYS A 635 27.49 11.92 12.01
CA LYS A 635 28.64 11.92 12.91
C LYS A 635 29.94 11.92 12.12
N ARG A 636 30.01 11.09 11.06
CA ARG A 636 31.21 11.01 10.25
C ARG A 636 31.52 12.36 9.58
N ARG A 637 30.50 13.00 9.02
CA ARG A 637 30.69 14.28 8.37
C ARG A 637 31.00 15.38 9.37
N GLU A 638 30.46 15.29 10.59
CA GLU A 638 30.83 16.25 11.63
C GLU A 638 32.30 16.12 12.00
N ARG A 639 32.80 14.88 12.10
CA ARG A 639 34.22 14.67 12.35
C ARG A 639 35.06 15.26 11.22
N GLU A 640 34.65 15.01 9.97
CA GLU A 640 35.39 15.55 8.83
C GLU A 640 35.39 17.07 8.84
N GLN A 641 34.24 17.68 9.13
CA GLN A 641 34.15 19.14 9.15
C GLN A 641 34.99 19.72 10.29
N THR A 642 35.01 19.05 11.44
CA THR A 642 35.88 19.52 12.53
C THR A 642 37.34 19.45 12.13
N LYS A 643 37.75 18.36 11.47
CA LYS A 643 39.14 18.26 11.02
C LYS A 643 39.45 19.35 10.00
N VAL A 644 38.52 19.64 9.09
CA VAL A 644 38.72 20.70 8.11
C VAL A 644 38.86 22.05 8.81
N GLU A 645 38.02 22.30 9.81
CA GLU A 645 38.09 23.56 10.54
C GLU A 645 39.43 23.73 11.25
N MET A 646 39.94 22.65 11.86
CA MET A 646 41.26 22.75 12.48
C MET A 646 42.34 22.96 11.44
N THR A 647 42.25 22.30 10.29
CA THR A 647 43.25 22.49 9.24
C THR A 647 43.22 23.91 8.69
N THR A 648 42.02 24.48 8.55
CA THR A 648 41.86 25.84 8.04
C THR A 648 42.52 26.86 8.97
N ASP A 672 17.30 38.88 0.18
CA ASP A 672 16.25 39.50 -0.62
C ASP A 672 14.88 39.01 -0.19
N ASP A 673 14.52 39.29 1.05
CA ASP A 673 13.21 38.91 1.56
C ASP A 673 12.13 39.72 0.86
N PRO A 674 11.07 39.09 0.37
CA PRO A 674 10.00 39.86 -0.29
C PRO A 674 8.99 40.46 0.68
N LEU A 675 9.08 40.17 1.97
CA LEU A 675 8.09 40.61 2.95
C LEU A 675 8.71 41.53 4.00
N ARG A 676 9.80 42.22 3.67
CA ARG A 676 10.45 43.13 4.60
C ARG A 676 10.03 44.55 4.28
N ARG A 677 9.61 45.29 5.30
CA ARG A 677 9.18 46.67 5.12
C ARG A 677 10.36 47.61 5.29
N THR A 678 10.50 48.55 4.35
CA THR A 678 11.62 49.47 4.35
C THR A 678 11.29 50.76 5.10
N GLY A 679 10.15 51.36 4.80
CA GLY A 679 9.76 52.61 5.43
C GLY A 679 9.23 53.61 4.43
N ARG A 680 9.76 53.57 3.22
CA ARG A 680 9.24 54.43 2.16
C ARG A 680 7.82 54.02 1.81
N PRO A 681 6.91 54.98 1.61
CA PRO A 681 5.54 54.64 1.21
C PRO A 681 5.53 53.90 -0.11
N PHE A 682 4.65 52.90 -0.21
CA PHE A 682 4.48 52.09 -1.42
C PHE A 682 5.76 51.38 -1.82
N GLY A 683 6.65 51.13 -0.85
CA GLY A 683 7.93 50.53 -1.18
C GLY A 683 7.81 49.15 -1.79
N GLY A 684 6.94 48.31 -1.22
CA GLY A 684 6.77 46.96 -1.73
C GLY A 684 6.30 46.95 -3.17
N LEU A 685 5.41 47.89 -3.53
CA LEU A 685 4.92 47.93 -4.90
C LEU A 685 6.04 48.18 -5.89
N ILE A 686 6.89 49.17 -5.59
CA ILE A 686 8.01 49.47 -6.49
C ILE A 686 8.98 48.30 -6.54
N ARG A 687 9.28 47.70 -5.39
CA ARG A 687 10.22 46.58 -5.37
C ARG A 687 9.70 45.40 -6.18
N ASP A 688 8.39 45.13 -6.11
CA ASP A 688 7.84 44.02 -6.85
C ASP A 688 7.70 44.32 -8.34
N VAL A 689 7.43 45.57 -8.70
CA VAL A 689 7.33 45.93 -10.12
C VAL A 689 8.71 45.84 -10.77
N ARG A 690 9.73 46.43 -10.13
CA ARG A 690 11.06 46.50 -10.75
C ARG A 690 11.78 45.18 -10.75
N ARG A 691 11.15 44.09 -10.30
CA ARG A 691 11.72 42.75 -10.40
C ARG A 691 11.05 41.89 -11.45
N ARG A 692 9.78 42.13 -11.74
CA ARG A 692 9.01 41.30 -12.67
C ARG A 692 8.77 41.97 -14.01
N TYR A 693 8.54 43.27 -14.05
CA TYR A 693 8.22 43.93 -15.32
C TYR A 693 9.32 43.82 -16.37
N PRO A 694 10.62 43.95 -16.05
CA PRO A 694 11.64 43.85 -17.11
C PRO A 694 11.60 42.55 -17.89
N HIS A 695 11.06 41.47 -17.34
CA HIS A 695 10.97 40.20 -18.04
C HIS A 695 9.71 40.09 -18.89
N TYR A 696 9.14 41.22 -19.30
CA TYR A 696 7.84 41.19 -19.98
C TYR A 696 7.93 40.47 -21.32
N LEU A 697 8.95 40.76 -22.12
CA LEU A 697 9.08 40.12 -23.42
C LEU A 697 9.28 38.61 -23.28
N SER A 698 10.13 38.20 -22.33
CA SER A 698 10.32 36.78 -22.10
C SER A 698 9.05 36.11 -21.59
N ASP A 699 8.20 36.87 -20.89
CA ASP A 699 6.93 36.32 -20.41
C ASP A 699 6.01 35.91 -21.56
N PHE A 700 6.21 36.47 -22.75
CA PHE A 700 5.44 36.09 -23.93
C PHE A 700 6.20 35.16 -24.85
N ARG A 701 7.53 35.31 -24.96
CA ARG A 701 8.32 34.48 -25.85
C ARG A 701 8.51 33.06 -25.33
N ASP A 702 8.17 32.78 -24.08
CA ASP A 702 8.46 31.50 -23.45
C ASP A 702 7.36 30.47 -23.62
N ALA A 703 6.27 30.81 -24.31
CA ALA A 703 5.15 29.89 -24.52
C ALA A 703 4.99 29.65 -26.00
N LEU A 704 5.77 28.70 -26.54
CA LEU A 704 5.66 28.31 -27.94
C LEU A 704 5.83 26.80 -28.09
N ASP A 705 5.45 26.03 -27.09
CA ASP A 705 5.67 24.59 -27.06
C ASP A 705 4.38 23.87 -26.73
N PRO A 706 4.25 22.60 -27.16
CA PRO A 706 3.02 21.84 -26.82
C PRO A 706 2.77 21.72 -25.34
N GLN A 707 3.83 21.76 -24.51
CA GLN A 707 3.63 21.72 -23.06
C GLN A 707 2.72 22.85 -22.60
N CYS A 708 2.84 24.02 -23.22
CA CYS A 708 1.99 25.17 -22.90
C CYS A 708 0.74 25.22 -23.76
N LEU A 709 0.30 24.07 -24.29
CA LEU A 709 -0.94 24.04 -25.06
C LEU A 709 -1.86 22.93 -24.54
N ALA A 710 -1.27 21.91 -23.92
CA ALA A 710 -2.07 20.86 -23.31
C ALA A 710 -2.69 21.28 -21.99
N ALA A 711 -2.13 22.31 -21.33
CA ALA A 711 -2.72 22.80 -20.10
C ALA A 711 -4.03 23.54 -20.36
N VAL A 712 -4.01 24.44 -21.35
CA VAL A 712 -5.19 25.26 -21.66
C VAL A 712 -6.40 24.40 -21.94
N ILE A 713 -6.19 23.16 -22.39
CA ILE A 713 -7.30 22.29 -22.73
C ILE A 713 -8.07 21.88 -21.49
N PHE A 714 -7.37 21.57 -20.40
CA PHE A 714 -8.07 21.05 -19.23
C PHE A 714 -8.18 22.06 -18.09
N ILE A 715 -7.26 23.03 -18.00
CA ILE A 715 -7.45 24.11 -17.03
C ILE A 715 -8.73 24.85 -17.33
N TYR A 716 -9.05 25.03 -18.61
CA TYR A 716 -10.33 25.60 -19.00
C TYR A 716 -11.50 24.81 -18.43
N PHE A 717 -11.35 23.49 -18.28
CA PHE A 717 -12.41 22.68 -17.70
C PHE A 717 -12.41 22.70 -16.17
N ALA A 718 -11.36 23.24 -15.55
CA ALA A 718 -11.33 23.39 -14.11
C ALA A 718 -11.77 24.76 -13.63
N ALA A 719 -11.60 25.79 -14.46
CA ALA A 719 -12.06 27.13 -14.14
C ALA A 719 -13.49 27.38 -14.58
N LEU A 720 -14.12 26.40 -15.24
CA LEU A 720 -15.48 26.56 -15.74
C LEU A 720 -16.51 25.80 -14.91
N SER A 721 -16.18 24.59 -14.44
CA SER A 721 -17.15 23.81 -13.69
C SER A 721 -17.62 24.49 -12.41
N PRO A 722 -16.75 25.04 -11.56
CA PRO A 722 -17.27 25.82 -10.42
C PRO A 722 -18.05 27.05 -10.86
N ALA A 723 -17.62 27.71 -11.93
CA ALA A 723 -18.26 28.97 -12.32
C ALA A 723 -19.73 28.77 -12.65
N ILE A 724 -20.07 27.71 -13.37
CA ILE A 724 -21.47 27.43 -13.67
C ILE A 724 -22.18 26.79 -12.48
N THR A 725 -21.44 26.26 -11.51
CA THR A 725 -22.07 25.70 -10.32
C THR A 725 -22.39 26.79 -9.30
N PHE A 726 -21.35 27.48 -8.81
CA PHE A 726 -21.52 28.48 -7.77
C PHE A 726 -22.56 29.52 -8.17
N GLY A 727 -22.45 30.02 -9.41
CA GLY A 727 -23.41 31.01 -9.87
C GLY A 727 -24.85 30.53 -9.75
N GLY A 728 -25.10 29.29 -10.14
CA GLY A 728 -26.44 28.75 -10.00
C GLY A 728 -26.93 28.84 -8.57
N LEU A 729 -26.06 28.47 -7.61
CA LEU A 729 -26.44 28.56 -6.21
C LEU A 729 -26.83 29.98 -5.85
N LEU A 730 -26.07 30.96 -6.32
CA LEU A 730 -26.40 32.35 -6.02
C LEU A 730 -27.76 32.72 -6.57
N GLY A 731 -28.10 32.19 -7.76
CA GLY A 731 -29.41 32.43 -8.30
C GLY A 731 -30.51 31.88 -7.42
N GLU A 732 -30.24 30.74 -6.76
CA GLU A 732 -31.21 30.17 -5.83
C GLU A 732 -31.23 30.90 -4.50
N LYS A 733 -30.20 31.71 -4.20
CA LYS A 733 -30.07 32.30 -2.87
C LYS A 733 -30.27 33.81 -2.86
N THR A 734 -30.16 34.49 -4.00
CA THR A 734 -30.34 35.93 -4.07
C THR A 734 -31.50 36.33 -4.98
N GLN A 735 -32.48 35.43 -5.16
CA GLN A 735 -33.64 35.68 -6.00
C GLN A 735 -33.22 36.01 -7.44
N ASP A 736 -32.22 35.28 -7.94
CA ASP A 736 -31.73 35.42 -9.31
C ASP A 736 -31.22 36.83 -9.60
N LEU A 737 -30.74 37.53 -8.57
CA LEU A 737 -30.08 38.82 -8.80
C LEU A 737 -28.68 38.63 -9.34
N ILE A 738 -27.98 37.59 -8.92
CA ILE A 738 -26.65 37.24 -9.40
C ILE A 738 -26.67 35.79 -9.83
N GLY A 739 -26.29 35.53 -11.08
CA GLY A 739 -26.40 34.19 -11.63
C GLY A 739 -25.14 33.70 -12.32
N VAL A 740 -25.30 32.74 -13.23
CA VAL A 740 -24.16 32.14 -13.90
C VAL A 740 -23.54 33.13 -14.90
N SER A 741 -24.37 33.90 -15.60
CA SER A 741 -23.85 34.82 -16.61
C SER A 741 -22.97 35.90 -15.98
N GLU A 742 -23.44 36.51 -14.89
CA GLU A 742 -22.66 37.55 -14.24
C GLU A 742 -21.37 37.01 -13.66
N LEU A 743 -21.43 35.82 -13.05
CA LEU A 743 -20.21 35.21 -12.51
C LEU A 743 -19.20 34.92 -13.61
N ILE A 744 -19.66 34.38 -14.75
CA ILE A 744 -18.74 34.08 -15.85
C ILE A 744 -18.13 35.37 -16.38
N MET A 745 -18.93 36.41 -16.56
CA MET A 745 -18.41 37.67 -17.08
C MET A 745 -17.37 38.26 -16.13
N SER A 746 -17.66 38.24 -14.82
CA SER A 746 -16.70 38.77 -13.85
C SER A 746 -15.41 37.95 -13.85
N THR A 747 -15.53 36.63 -13.91
CA THR A 747 -14.33 35.79 -13.94
C THR A 747 -13.46 36.13 -15.13
N ALA A 748 -14.05 36.22 -16.32
CA ALA A 748 -13.27 36.51 -17.51
C ALA A 748 -12.64 37.90 -17.44
N LEU A 749 -13.44 38.91 -17.08
CA LEU A 749 -12.96 40.29 -17.10
C LEU A 749 -11.84 40.50 -16.09
N GLN A 750 -11.95 39.90 -14.91
CA GLN A 750 -10.88 40.06 -13.93
C GLN A 750 -9.66 39.21 -14.29
N GLY A 751 -9.87 38.01 -14.85
CA GLY A 751 -8.75 37.17 -15.19
C GLY A 751 -7.86 37.76 -16.27
N VAL A 752 -8.47 38.33 -17.33
CA VAL A 752 -7.65 38.88 -18.40
C VAL A 752 -6.80 40.04 -17.89
N VAL A 753 -7.39 40.93 -17.11
CA VAL A 753 -6.65 42.08 -16.60
C VAL A 753 -5.56 41.64 -15.64
N PHE A 754 -5.85 40.68 -14.77
CA PHE A 754 -4.83 40.21 -13.84
C PHE A 754 -3.67 39.55 -14.57
N CYS A 755 -3.96 38.76 -15.61
CA CYS A 755 -2.89 38.10 -16.34
C CYS A 755 -2.11 39.09 -17.19
N LEU A 756 -2.71 40.21 -17.57
CA LEU A 756 -1.96 41.22 -18.33
C LEU A 756 -1.15 42.14 -17.44
N LEU A 757 -1.55 42.38 -16.19
CA LEU A 757 -0.88 43.34 -15.34
C LEU A 757 -0.37 42.77 -14.02
N GLY A 758 -0.60 41.49 -13.75
CA GLY A 758 -0.19 40.94 -12.47
C GLY A 758 1.29 40.63 -12.39
N ALA A 759 1.74 40.40 -11.16
CA ALA A 759 3.12 40.02 -10.91
C ALA A 759 3.33 38.51 -10.86
N GLN A 760 2.27 37.74 -10.66
CA GLN A 760 2.33 36.28 -10.63
C GLN A 760 1.26 35.76 -11.58
N PRO A 761 1.57 35.63 -12.86
CA PRO A 761 0.56 35.15 -13.82
C PRO A 761 0.09 33.73 -13.57
N LEU A 762 0.83 32.93 -12.80
CA LEU A 762 0.47 31.54 -12.55
C LEU A 762 -0.69 31.39 -11.58
N LEU A 763 -1.38 32.46 -11.25
CA LEU A 763 -2.55 32.42 -10.37
C LEU A 763 -3.81 32.49 -11.20
N VAL A 764 -4.78 31.64 -10.90
CA VAL A 764 -6.10 31.69 -11.50
C VAL A 764 -7.11 32.07 -10.42
N ILE A 765 -7.90 33.10 -10.68
CA ILE A 765 -8.80 33.67 -9.70
C ILE A 765 -10.23 33.29 -10.07
N GLY A 766 -11.05 33.12 -9.04
CA GLY A 766 -12.44 32.77 -9.25
C GLY A 766 -13.17 32.70 -7.93
N PHE A 767 -14.47 32.49 -8.03
CA PHE A 767 -15.30 32.37 -6.83
C PHE A 767 -14.91 31.12 -6.05
N SER A 768 -14.87 31.23 -4.73
CA SER A 768 -14.48 30.13 -3.86
C SER A 768 -15.56 29.91 -2.80
N GLY A 769 -15.36 28.87 -1.99
CA GLY A 769 -16.33 28.45 -1.01
C GLY A 769 -16.78 29.52 -0.04
N PRO A 770 -15.86 29.98 0.83
CA PRO A 770 -16.27 30.87 1.92
C PRO A 770 -16.78 32.23 1.50
N LEU A 771 -16.90 32.52 0.21
CA LEU A 771 -17.46 33.81 -0.20
C LEU A 771 -18.96 33.77 -0.39
N LEU A 772 -19.52 32.66 -0.88
CA LEU A 772 -20.97 32.62 -1.06
C LEU A 772 -21.68 32.54 0.27
N VAL A 773 -21.02 32.00 1.30
CA VAL A 773 -21.61 32.02 2.64
C VAL A 773 -21.77 33.46 3.12
N PHE A 774 -20.75 34.30 2.90
CA PHE A 774 -20.87 35.71 3.26
C PHE A 774 -21.90 36.41 2.39
N GLU A 775 -21.99 36.05 1.12
CA GLU A 775 -23.01 36.63 0.25
C GLU A 775 -24.40 36.33 0.78
N GLU A 776 -24.65 35.07 1.15
CA GLU A 776 -25.95 34.69 1.71
C GLU A 776 -26.22 35.40 3.03
N ALA A 777 -25.21 35.51 3.88
CA ALA A 777 -25.38 36.18 5.16
C ALA A 777 -25.74 37.65 4.97
N PHE A 778 -25.06 38.33 4.04
CA PHE A 778 -25.36 39.73 3.79
C PHE A 778 -26.73 39.90 3.17
N PHE A 779 -27.13 38.97 2.30
CA PHE A 779 -28.48 39.04 1.75
C PHE A 779 -29.53 38.89 2.85
N SER A 780 -29.32 37.94 3.77
CA SER A 780 -30.25 37.74 4.86
C SER A 780 -30.32 38.97 5.75
N PHE A 781 -29.18 39.60 6.01
CA PHE A 781 -29.18 40.84 6.79
C PHE A 781 -29.90 41.96 6.06
N CYS A 782 -29.71 42.05 4.73
CA CYS A 782 -30.30 43.16 3.98
C CYS A 782 -31.82 43.06 3.91
N SER A 783 -32.34 41.86 3.68
CA SER A 783 -33.80 41.69 3.62
C SER A 783 -34.38 41.39 4.99
N SER A 784 -34.01 42.21 5.96
CA SER A 784 -34.59 42.22 7.30
C SER A 784 -34.93 43.62 7.77
N ASN A 785 -34.10 44.60 7.43
CA ASN A 785 -34.30 45.99 7.83
C ASN A 785 -34.84 46.84 6.70
N HIS A 786 -35.39 46.22 5.66
CA HIS A 786 -35.91 46.91 4.48
C HIS A 786 -34.81 47.74 3.80
N LEU A 787 -33.75 47.04 3.43
CA LEU A 787 -32.62 47.63 2.73
C LEU A 787 -32.40 46.90 1.41
N GLU A 788 -32.10 47.66 0.35
CA GLU A 788 -31.84 47.05 -0.94
C GLU A 788 -30.51 46.30 -0.91
N TYR A 789 -30.52 45.07 -1.42
CA TYR A 789 -29.35 44.22 -1.32
C TYR A 789 -28.23 44.65 -2.27
N LEU A 790 -28.59 45.00 -3.51
CA LEU A 790 -27.58 45.22 -4.53
C LEU A 790 -26.94 46.60 -4.45
N VAL A 791 -27.53 47.53 -3.70
CA VAL A 791 -26.95 48.86 -3.60
C VAL A 791 -25.87 48.90 -2.52
N GLY A 792 -26.07 48.15 -1.43
CA GLY A 792 -25.09 48.13 -0.36
C GLY A 792 -23.74 47.58 -0.78
N ARG A 793 -23.74 46.68 -1.76
CA ARG A 793 -22.47 46.14 -2.25
C ARG A 793 -21.63 47.20 -2.92
N VAL A 794 -22.26 48.22 -3.51
CA VAL A 794 -21.49 49.32 -4.10
C VAL A 794 -20.67 50.02 -3.03
N TRP A 795 -21.28 50.31 -1.88
CA TRP A 795 -20.55 50.99 -0.82
C TRP A 795 -19.56 50.05 -0.14
N ILE A 796 -19.87 48.76 -0.08
CA ILE A 796 -18.90 47.79 0.42
C ILE A 796 -17.65 47.82 -0.45
N GLY A 797 -17.82 47.83 -1.76
CA GLY A 797 -16.67 47.92 -2.66
C GLY A 797 -15.94 49.25 -2.54
N PHE A 798 -16.69 50.34 -2.35
CA PHE A 798 -16.06 51.65 -2.19
C PHE A 798 -15.17 51.68 -0.97
N TRP A 799 -15.60 51.04 0.14
CA TRP A 799 -14.74 50.97 1.31
C TRP A 799 -13.61 49.98 1.13
N LEU A 800 -13.84 48.89 0.38
CA LEU A 800 -12.80 47.90 0.15
C LEU A 800 -11.64 48.47 -0.63
N VAL A 801 -11.92 49.28 -1.65
CA VAL A 801 -10.87 49.93 -2.42
C VAL A 801 -10.01 50.85 -1.57
N PHE A 802 -10.61 51.59 -0.65
CA PHE A 802 -9.87 52.45 0.28
C PHE A 802 -9.04 51.62 1.25
N LEU A 803 -9.59 50.53 1.78
CA LEU A 803 -8.85 49.69 2.71
C LEU A 803 -7.63 49.06 2.04
N ALA A 804 -7.77 48.65 0.78
CA ALA A 804 -6.63 48.07 0.07
C ALA A 804 -5.50 49.07 -0.05
N LEU A 805 -5.83 50.31 -0.42
CA LEU A 805 -4.81 51.35 -0.55
C LEU A 805 -4.16 51.65 0.79
N LEU A 806 -4.96 51.68 1.86
CA LEU A 806 -4.39 51.92 3.18
C LEU A 806 -3.44 50.80 3.59
N MET A 807 -3.80 49.56 3.29
CA MET A 807 -2.95 48.43 3.68
C MET A 807 -1.70 48.33 2.81
N VAL A 808 -1.75 48.80 1.57
CA VAL A 808 -0.57 48.70 0.71
C VAL A 808 0.37 49.87 0.93
N ALA A 809 -0.17 51.08 1.13
CA ALA A 809 0.67 52.26 1.29
C ALA A 809 1.62 52.10 2.47
N LEU A 810 1.08 51.77 3.64
CA LEU A 810 1.90 51.37 4.77
C LEU A 810 2.20 49.89 4.63
N GLU A 811 3.47 49.54 4.47
CA GLU A 811 3.81 48.15 4.18
C GLU A 811 3.25 47.24 5.26
N GLY A 812 2.24 46.44 4.92
CA GLY A 812 1.54 45.67 5.91
C GLY A 812 1.18 44.28 5.45
N SER A 813 1.61 43.92 4.24
CA SER A 813 1.39 42.55 3.77
C SER A 813 2.53 41.64 4.23
N PHE A 814 2.84 41.72 5.52
CA PHE A 814 3.77 40.81 6.16
C PHE A 814 3.12 40.06 7.32
N LEU A 815 1.87 40.39 7.65
CA LEU A 815 1.14 39.69 8.70
C LEU A 815 0.81 38.26 8.32
N VAL A 816 0.99 37.88 7.05
CA VAL A 816 0.77 36.49 6.64
C VAL A 816 1.76 35.56 7.31
N ARG A 817 2.86 36.09 7.85
CA ARG A 817 3.81 35.25 8.58
C ARG A 817 3.23 34.81 9.92
N PHE A 818 2.30 35.58 10.49
CA PHE A 818 1.67 35.20 11.75
C PHE A 818 0.51 34.23 11.55
N VAL A 819 0.01 34.09 10.33
CA VAL A 819 -1.04 33.12 10.04
C VAL A 819 -0.37 31.77 9.80
N SER A 820 -0.30 30.97 10.84
CA SER A 820 0.46 29.72 10.81
C SER A 820 -0.42 28.56 10.37
N ARG A 821 0.09 27.35 10.55
CA ARG A 821 -0.63 26.16 10.10
C ARG A 821 -1.90 25.92 10.93
N PHE A 822 -1.93 26.43 12.16
CA PHE A 822 -3.08 26.20 13.04
C PHE A 822 -4.37 26.73 12.43
N THR A 823 -4.33 27.93 11.84
CA THR A 823 -5.52 28.49 11.21
C THR A 823 -5.66 28.07 9.75
N GLN A 824 -4.56 27.76 9.07
CA GLN A 824 -4.64 27.29 7.69
C GLN A 824 -5.40 25.97 7.61
N GLU A 825 -5.16 25.08 8.56
CA GLU A 825 -5.85 23.78 8.50
C GLU A 825 -7.32 23.90 8.87
N ILE A 826 -7.70 24.92 9.64
CA ILE A 826 -9.11 25.15 9.89
C ILE A 826 -9.78 25.77 8.67
N PHE A 827 -9.11 26.73 8.03
CA PHE A 827 -9.66 27.35 6.84
C PHE A 827 -9.70 26.39 5.66
N ALA A 828 -8.92 25.31 5.68
CA ALA A 828 -9.07 24.29 4.66
C ALA A 828 -10.30 23.42 4.91
N PHE A 829 -10.59 23.10 6.17
CA PHE A 829 -11.80 22.35 6.47
C PHE A 829 -13.05 23.16 6.17
N LEU A 830 -13.04 24.47 6.43
CA LEU A 830 -14.21 25.27 6.04
C LEU A 830 -14.44 25.22 4.54
N ILE A 831 -13.38 25.32 3.74
CA ILE A 831 -13.58 25.24 2.30
C ILE A 831 -14.04 23.85 1.87
N SER A 832 -13.54 22.80 2.52
CA SER A 832 -13.89 21.43 2.15
C SER A 832 -15.16 20.94 2.81
N LEU A 833 -15.85 21.78 3.59
CA LEU A 833 -17.13 21.42 4.16
C LEU A 833 -18.30 22.28 3.67
N ILE A 834 -18.05 23.27 2.81
CA ILE A 834 -19.11 24.00 2.16
C ILE A 834 -19.25 23.46 0.75
N PHE A 835 -18.65 22.29 0.52
CA PHE A 835 -18.83 21.54 -0.71
C PHE A 835 -19.69 20.30 -0.51
N ILE A 836 -19.48 19.58 0.59
CA ILE A 836 -20.31 18.41 0.90
C ILE A 836 -21.69 18.82 1.37
N TYR A 837 -21.78 19.90 2.16
CA TYR A 837 -23.06 20.31 2.71
C TYR A 837 -24.02 20.74 1.62
N GLU A 838 -23.54 21.52 0.63
CA GLU A 838 -24.43 21.98 -0.43
C GLU A 838 -24.95 20.82 -1.26
N THR A 839 -24.09 19.83 -1.52
CA THR A 839 -24.52 18.64 -2.26
C THR A 839 -25.59 17.88 -1.50
N PHE A 840 -25.34 17.57 -0.22
CA PHE A 840 -26.30 16.79 0.54
C PHE A 840 -27.50 17.61 1.00
N TYR A 841 -27.52 18.91 0.75
CA TYR A 841 -28.73 19.70 0.93
C TYR A 841 -29.55 19.77 -0.36
N LYS A 842 -28.87 19.88 -1.51
CA LYS A 842 -29.58 19.85 -2.78
C LYS A 842 -30.27 18.50 -2.97
N LEU A 843 -29.61 17.42 -2.55
CA LEU A 843 -30.25 16.10 -2.68
C LEU A 843 -31.53 16.01 -1.86
N VAL A 844 -31.51 16.53 -0.63
CA VAL A 844 -32.70 16.50 0.22
C VAL A 844 -33.80 17.38 -0.38
N LYS A 845 -33.43 18.55 -0.91
CA LYS A 845 -34.43 19.41 -1.52
C LYS A 845 -35.07 18.74 -2.73
N ILE A 846 -34.27 18.06 -3.56
CA ILE A 846 -34.82 17.35 -4.71
C ILE A 846 -35.78 16.27 -4.25
N PHE A 847 -35.40 15.50 -3.22
CA PHE A 847 -36.29 14.44 -2.75
C PHE A 847 -37.56 15.01 -2.13
N GLN A 848 -37.51 16.22 -1.58
CA GLN A 848 -38.71 16.81 -1.00
C GLN A 848 -39.64 17.36 -2.06
N GLU A 849 -39.10 17.99 -3.11
CA GLU A 849 -39.98 18.59 -4.12
C GLU A 849 -40.68 17.54 -4.96
N HIS A 850 -40.08 16.38 -5.15
CA HIS A 850 -40.63 15.31 -5.99
C HIS A 850 -40.72 14.04 -5.16
N PRO A 851 -41.75 13.91 -4.32
CA PRO A 851 -41.83 12.77 -3.41
C PRO A 851 -41.95 11.46 -4.17
N LEU A 852 -41.75 10.37 -3.43
CA LEU A 852 -41.66 9.03 -4.00
C LEU A 852 -42.97 8.27 -3.94
N HIS A 853 -44.10 8.97 -4.06
CA HIS A 853 -45.38 8.28 -4.09
C HIS A 853 -45.63 7.65 -5.45
N GLY A 854 -46.69 6.86 -5.53
CA GLY A 854 -47.02 6.16 -6.76
C GLY A 854 -47.84 7.00 -7.73
N CYS A 855 -48.87 6.39 -8.32
CA CYS A 855 -49.73 7.10 -9.26
C CYS A 855 -51.16 7.18 -8.73
N PRO A 894 -42.26 22.21 -12.47
CA PRO A 894 -43.30 21.25 -12.10
C PRO A 894 -43.00 20.53 -10.78
N ARG A 895 -43.99 19.84 -10.22
CA ARG A 895 -43.83 19.12 -8.97
C ARG A 895 -44.44 17.73 -9.10
N GLY A 896 -43.92 16.80 -8.30
CA GLY A 896 -44.49 15.48 -8.21
C GLY A 896 -44.20 14.55 -9.36
N GLN A 897 -43.13 14.78 -10.12
CA GLN A 897 -42.80 13.89 -11.22
C GLN A 897 -42.34 12.53 -10.67
N PRO A 898 -42.61 11.45 -11.40
CA PRO A 898 -42.37 10.11 -10.84
C PRO A 898 -40.92 9.72 -10.62
N ASN A 899 -40.07 9.82 -11.64
CA ASN A 899 -38.72 9.27 -11.59
C ASN A 899 -37.63 10.35 -11.59
N THR A 900 -37.85 11.45 -10.88
CA THR A 900 -36.90 12.56 -10.89
C THR A 900 -35.89 12.51 -9.75
N ALA A 901 -36.31 12.10 -8.55
CA ALA A 901 -35.39 12.07 -7.43
C ALA A 901 -34.32 11.00 -7.58
N LEU A 902 -34.75 9.77 -7.90
CA LEU A 902 -33.82 8.66 -7.98
C LEU A 902 -32.87 8.81 -9.16
N LEU A 903 -33.36 9.35 -10.27
CA LEU A 903 -32.50 9.60 -11.42
C LEU A 903 -31.41 10.60 -11.09
N SER A 904 -31.75 11.66 -10.36
CA SER A 904 -30.75 12.63 -9.95
C SER A 904 -29.72 12.02 -9.01
N LEU A 905 -30.19 11.21 -8.06
CA LEU A 905 -29.24 10.53 -7.16
C LEU A 905 -28.29 9.61 -7.94
N VAL A 906 -28.83 8.87 -8.91
CA VAL A 906 -28.00 7.96 -9.70
C VAL A 906 -26.96 8.75 -10.51
N LEU A 907 -27.37 9.85 -11.14
CA LEU A 907 -26.44 10.65 -11.93
C LEU A 907 -25.34 11.23 -11.06
N MET A 908 -25.70 11.76 -9.88
CA MET A 908 -24.71 12.29 -8.96
C MET A 908 -23.69 11.23 -8.57
N ALA A 909 -24.17 10.05 -8.14
CA ALA A 909 -23.27 9.01 -7.70
C ALA A 909 -22.37 8.53 -8.84
N GLY A 910 -22.92 8.38 -10.04
CA GLY A 910 -22.12 7.95 -11.17
C GLY A 910 -21.02 8.93 -11.52
N THR A 911 -21.35 10.23 -11.55
CA THR A 911 -20.34 11.22 -11.87
C THR A 911 -19.23 11.24 -10.82
N PHE A 912 -19.61 11.19 -9.54
CA PHE A 912 -18.59 11.17 -8.49
C PHE A 912 -17.68 9.96 -8.61
N PHE A 913 -18.25 8.79 -8.86
CA PHE A 913 -17.44 7.58 -8.91
C PHE A 913 -16.49 7.59 -10.12
N ILE A 914 -16.98 8.05 -11.28
CA ILE A 914 -16.10 8.11 -12.45
C ILE A 914 -14.95 9.08 -12.19
N ALA A 915 -15.26 10.27 -11.65
CA ALA A 915 -14.21 11.26 -11.42
C ALA A 915 -13.22 10.80 -10.37
N PHE A 916 -13.66 10.02 -9.38
CA PHE A 916 -12.75 9.52 -8.37
C PHE A 916 -11.84 8.43 -8.92
N PHE A 917 -12.40 7.49 -9.69
CA PHE A 917 -11.60 6.38 -10.17
C PHE A 917 -10.61 6.80 -11.24
N LEU A 918 -10.93 7.81 -12.05
CA LEU A 918 -9.90 8.30 -12.97
C LEU A 918 -8.75 8.96 -12.22
N ARG A 919 -9.05 9.69 -11.15
CA ARG A 919 -8.00 10.26 -10.31
C ARG A 919 -7.10 9.18 -9.75
N LYS A 920 -7.70 8.08 -9.26
CA LYS A 920 -6.88 6.98 -8.77
C LYS A 920 -6.11 6.30 -9.91
N PHE A 921 -6.64 6.32 -11.13
CA PHE A 921 -5.92 5.77 -12.27
C PHE A 921 -4.71 6.62 -12.66
N LYS A 922 -4.75 7.92 -12.36
CA LYS A 922 -3.65 8.79 -12.77
C LYS A 922 -2.31 8.35 -12.17
N ASN A 923 -2.31 7.97 -10.89
CA ASN A 923 -1.09 7.60 -10.21
C ASN A 923 -0.95 6.10 -10.01
N SER A 924 -1.63 5.30 -10.83
CA SER A 924 -1.51 3.85 -10.77
C SER A 924 -0.26 3.39 -11.51
N ARG A 925 -0.15 2.10 -11.77
CA ARG A 925 1.00 1.51 -12.43
C ARG A 925 0.58 0.73 -13.67
N PHE A 926 -0.32 1.31 -14.46
CA PHE A 926 -0.79 0.73 -15.71
C PHE A 926 -0.34 1.60 -16.88
N PHE A 927 -0.39 1.02 -18.09
CA PHE A 927 -0.28 1.74 -19.35
C PHE A 927 1.11 2.35 -19.55
N PRO A 928 1.44 2.85 -20.76
CA PRO A 928 2.83 3.26 -21.03
C PRO A 928 3.39 4.36 -20.13
N GLY A 929 2.59 4.97 -19.27
CA GLY A 929 3.11 5.91 -18.30
C GLY A 929 3.10 7.37 -18.72
N ARG A 930 2.88 7.66 -20.00
CA ARG A 930 2.63 9.02 -20.44
C ARG A 930 1.23 9.21 -20.99
N ILE A 931 0.62 8.15 -21.54
CA ILE A 931 -0.81 8.16 -21.78
C ILE A 931 -1.56 8.08 -20.46
N ARG A 932 -0.97 7.42 -19.46
CA ARG A 932 -1.59 7.33 -18.14
C ARG A 932 -1.83 8.71 -17.55
N ARG A 933 -0.81 9.57 -17.58
CA ARG A 933 -0.96 10.90 -17.01
C ARG A 933 -1.96 11.75 -17.79
N VAL A 934 -1.95 11.64 -19.13
CA VAL A 934 -2.87 12.42 -19.95
C VAL A 934 -4.31 12.01 -19.67
N ILE A 935 -4.58 10.71 -19.59
CA ILE A 935 -5.93 10.25 -19.30
C ILE A 935 -6.33 10.63 -17.88
N GLY A 936 -5.40 10.52 -16.92
CA GLY A 936 -5.72 10.86 -15.55
C GLY A 936 -5.95 12.34 -15.33
N ASP A 937 -5.41 13.19 -16.21
CA ASP A 937 -5.63 14.62 -16.09
C ASP A 937 -6.96 15.08 -16.69
N PHE A 938 -7.65 14.23 -17.43
CA PHE A 938 -8.95 14.56 -18.02
C PHE A 938 -10.10 13.87 -17.30
N GLY A 939 -10.02 13.74 -15.98
CA GLY A 939 -11.08 13.05 -15.25
C GLY A 939 -12.41 13.79 -15.30
N VAL A 940 -12.38 15.10 -15.02
CA VAL A 940 -13.62 15.87 -14.99
C VAL A 940 -14.32 15.95 -16.34
N PRO A 941 -13.64 16.31 -17.44
CA PRO A 941 -14.34 16.31 -18.73
C PRO A 941 -14.90 14.96 -19.13
N ILE A 942 -14.15 13.89 -18.87
CA ILE A 942 -14.62 12.55 -19.24
C ILE A 942 -15.86 12.18 -18.44
N ALA A 943 -15.83 12.42 -17.12
CA ALA A 943 -16.97 12.08 -16.28
C ALA A 943 -18.21 12.87 -16.69
N ILE A 944 -18.04 14.18 -16.90
CA ILE A 944 -19.19 15.00 -17.27
C ILE A 944 -19.75 14.57 -18.62
N LEU A 945 -18.87 14.29 -19.58
CA LEU A 945 -19.35 13.90 -20.91
C LEU A 945 -20.10 12.57 -20.86
N ILE A 946 -19.56 11.58 -20.15
CA ILE A 946 -20.22 10.28 -20.08
C ILE A 946 -21.57 10.39 -19.41
N MET A 947 -21.62 11.07 -18.27
CA MET A 947 -22.88 11.14 -17.54
C MET A 947 -23.85 12.17 -18.13
N VAL A 948 -23.42 12.96 -19.11
CA VAL A 948 -24.36 13.76 -19.88
C VAL A 948 -24.93 12.96 -21.04
N LEU A 949 -24.10 12.15 -21.70
CA LEU A 949 -24.61 11.29 -22.76
C LEU A 949 -25.62 10.29 -22.22
N VAL A 950 -25.37 9.74 -21.03
CA VAL A 950 -26.30 8.78 -20.45
C VAL A 950 -27.67 9.42 -20.24
N ASP A 951 -27.70 10.66 -19.74
CA ASP A 951 -28.98 11.32 -19.51
C ASP A 951 -29.60 11.81 -20.81
N TYR A 952 -28.80 12.10 -21.82
CA TYR A 952 -29.35 12.42 -23.13
C TYR A 952 -30.04 11.22 -23.75
N SER A 953 -29.52 10.01 -23.48
CA SER A 953 -30.16 8.80 -24.00
C SER A 953 -31.57 8.62 -23.44
N ILE A 954 -31.74 8.85 -22.13
CA ILE A 954 -33.04 8.67 -21.51
C ILE A 954 -34.02 9.72 -22.03
N GLU A 955 -35.21 9.28 -22.39
CA GLU A 955 -36.25 10.18 -22.87
C GLU A 955 -37.50 10.04 -22.01
N ASP A 956 -38.37 11.05 -22.10
CA ASP A 956 -39.63 11.09 -21.36
C ASP A 956 -39.40 11.07 -19.84
N THR A 957 -38.35 11.74 -19.40
CA THR A 957 -38.11 11.95 -17.97
C THR A 957 -37.54 13.35 -17.78
N TYR A 958 -38.02 14.04 -16.76
CA TYR A 958 -37.68 15.44 -16.53
C TYR A 958 -36.59 15.53 -15.46
N THR A 959 -35.45 16.10 -15.84
CA THR A 959 -34.36 16.39 -14.91
C THR A 959 -34.00 17.86 -15.04
N GLN A 960 -33.89 18.55 -13.92
CA GLN A 960 -33.65 19.98 -13.94
C GLN A 960 -32.30 20.28 -14.58
N LYS A 961 -32.25 21.34 -15.40
CA LYS A 961 -31.09 21.65 -16.23
C LYS A 961 -30.63 23.07 -15.96
N LEU A 962 -29.45 23.38 -16.50
CA LEU A 962 -28.84 24.68 -16.27
C LEU A 962 -29.67 25.80 -16.90
N SER A 963 -29.52 27.00 -16.34
CA SER A 963 -30.24 28.19 -16.81
C SER A 963 -29.21 29.22 -17.25
N VAL A 964 -28.79 29.13 -18.50
CA VAL A 964 -27.85 30.06 -19.12
C VAL A 964 -28.61 30.86 -20.16
N PRO A 965 -28.69 32.19 -20.04
CA PRO A 965 -29.50 32.97 -20.97
C PRO A 965 -28.81 33.16 -22.32
N SER A 966 -29.63 33.49 -23.32
CA SER A 966 -29.14 33.65 -24.68
C SER A 966 -28.44 34.99 -24.83
N GLY A 967 -27.25 34.97 -25.42
CA GLY A 967 -26.50 36.18 -25.68
C GLY A 967 -25.95 36.80 -24.41
N PHE A 968 -25.51 38.05 -24.55
CA PHE A 968 -24.95 38.82 -23.44
C PHE A 968 -26.10 39.60 -22.80
N SER A 969 -26.67 39.05 -21.74
CA SER A 969 -27.76 39.70 -21.04
C SER A 969 -27.72 39.34 -19.57
N VAL A 970 -28.24 40.24 -18.73
CA VAL A 970 -28.30 40.00 -17.30
C VAL A 970 -29.29 38.87 -17.02
N THR A 971 -28.99 38.05 -16.00
CA THR A 971 -29.77 36.85 -15.76
C THR A 971 -31.23 37.14 -15.44
N ALA A 972 -31.52 38.34 -14.93
CA ALA A 972 -32.90 38.74 -14.61
C ALA A 972 -33.17 40.09 -15.25
N PRO A 973 -33.47 40.11 -16.55
CA PRO A 973 -33.66 41.40 -17.23
C PRO A 973 -35.06 41.96 -17.06
N GLU A 974 -35.54 41.96 -15.81
CA GLU A 974 -36.83 42.53 -15.48
C GLU A 974 -36.81 43.37 -14.21
N LYS A 975 -35.77 43.25 -13.39
CA LYS A 975 -35.66 44.01 -12.15
C LYS A 975 -34.27 44.57 -11.91
N ARG A 976 -33.33 44.40 -12.85
CA ARG A 976 -31.95 44.78 -12.63
C ARG A 976 -31.34 45.26 -13.93
N GLY A 977 -30.58 46.35 -13.86
CA GLY A 977 -29.83 46.85 -14.98
C GLY A 977 -28.38 46.39 -14.96
N TRP A 978 -27.60 46.95 -15.88
CA TRP A 978 -26.18 46.65 -15.94
C TRP A 978 -25.34 47.55 -15.05
N VAL A 979 -25.83 48.74 -14.73
CA VAL A 979 -25.13 49.68 -13.86
C VAL A 979 -26.04 50.02 -12.69
N ILE A 980 -25.50 49.95 -11.48
CA ILE A 980 -26.28 50.16 -10.26
C ILE A 980 -26.14 51.61 -9.82
N ASN A 981 -27.27 52.26 -9.58
CA ASN A 981 -27.25 53.64 -9.10
C ASN A 981 -26.76 53.69 -7.66
N PRO A 982 -25.69 54.44 -7.36
CA PRO A 982 -25.16 54.46 -6.00
C PRO A 982 -26.05 55.16 -4.99
N LEU A 983 -27.18 55.73 -5.40
CA LEU A 983 -28.07 56.43 -4.49
C LEU A 983 -29.35 55.66 -4.18
N GLY A 984 -29.66 54.63 -4.95
CA GLY A 984 -30.87 53.85 -4.70
C GLY A 984 -31.65 53.55 -5.96
N GLU A 985 -32.03 52.29 -6.14
CA GLU A 985 -32.75 51.88 -7.35
C GLU A 985 -34.23 52.22 -7.26
N LYS A 986 -34.92 51.68 -6.26
CA LYS A 986 -36.35 51.92 -6.08
C LYS A 986 -36.64 52.99 -5.04
N SER A 987 -35.89 53.01 -3.95
CA SER A 987 -36.07 53.98 -2.89
C SER A 987 -34.71 54.60 -2.54
N PRO A 988 -34.71 55.84 -2.07
CA PRO A 988 -33.43 56.47 -1.68
C PRO A 988 -32.73 55.67 -0.60
N PHE A 989 -31.41 55.58 -0.73
CA PHE A 989 -30.62 54.82 0.24
C PHE A 989 -30.44 55.62 1.53
N PRO A 990 -30.49 54.97 2.68
CA PRO A 990 -30.27 55.69 3.94
C PRO A 990 -28.85 56.22 4.03
N VAL A 991 -28.70 57.33 4.74
CA VAL A 991 -27.38 57.95 4.86
C VAL A 991 -26.56 57.26 5.94
N TRP A 992 -27.20 56.68 6.94
CA TRP A 992 -26.46 56.02 8.02
C TRP A 992 -25.72 54.79 7.50
N MET A 993 -26.35 54.01 6.62
CA MET A 993 -25.70 52.83 6.06
C MET A 993 -24.58 53.20 5.10
N MET A 994 -24.51 54.46 4.65
CA MET A 994 -23.41 54.88 3.79
C MET A 994 -22.07 54.78 4.51
N VAL A 995 -22.06 55.11 5.81
CA VAL A 995 -20.83 55.12 6.59
C VAL A 995 -20.75 53.88 7.46
N ALA A 996 -21.91 53.36 7.87
CA ALA A 996 -21.95 52.19 8.74
C ALA A 996 -21.56 50.91 8.05
N SER A 997 -21.32 50.95 6.74
CA SER A 997 -20.94 49.76 5.98
C SER A 997 -19.47 49.41 6.11
N LEU A 998 -18.77 49.97 7.11
CA LEU A 998 -17.37 49.67 7.30
C LEU A 998 -17.13 48.22 7.71
N LEU A 999 -17.97 47.70 8.61
CA LEU A 999 -17.74 46.36 9.15
C LEU A 999 -17.76 45.26 8.09
N PRO A 1000 -18.77 45.16 7.21
CA PRO A 1000 -18.73 44.11 6.19
C PRO A 1000 -17.53 44.25 5.27
N ALA A 1001 -17.09 45.48 5.01
CA ALA A 1001 -15.88 45.68 4.22
C ALA A 1001 -14.67 45.05 4.91
N ILE A 1002 -14.56 45.23 6.22
CA ILE A 1002 -13.43 44.66 6.95
C ILE A 1002 -13.49 43.14 6.92
N LEU A 1003 -14.67 42.56 7.12
CA LEU A 1003 -14.77 41.10 7.13
C LEU A 1003 -14.45 40.51 5.76
N VAL A 1004 -14.99 41.09 4.69
CA VAL A 1004 -14.71 40.55 3.37
C VAL A 1004 -13.25 40.79 2.98
N PHE A 1005 -12.66 41.89 3.45
CA PHE A 1005 -11.24 42.11 3.22
C PHE A 1005 -10.40 41.05 3.91
N ILE A 1006 -10.79 40.65 5.13
CA ILE A 1006 -10.08 39.58 5.82
C ILE A 1006 -10.17 38.29 5.01
N LEU A 1007 -11.36 37.96 4.52
CA LEU A 1007 -11.52 36.75 3.73
C LEU A 1007 -10.63 36.76 2.49
N ILE A 1008 -10.70 37.85 1.71
CA ILE A 1008 -9.93 37.93 0.47
C ILE A 1008 -8.43 37.90 0.77
N PHE A 1009 -7.99 38.64 1.79
CA PHE A 1009 -6.58 38.71 2.14
C PHE A 1009 -6.04 37.34 2.52
N MET A 1010 -6.78 36.59 3.34
CA MET A 1010 -6.31 35.26 3.71
C MET A 1010 -6.24 34.36 2.48
N GLU A 1011 -7.32 34.32 1.69
CA GLU A 1011 -7.36 33.39 0.56
C GLU A 1011 -6.30 33.70 -0.48
N THR A 1012 -5.91 34.97 -0.63
CA THR A 1012 -4.90 35.32 -1.62
C THR A 1012 -3.48 35.14 -1.10
N GLN A 1013 -3.21 35.63 0.11
CA GLN A 1013 -1.85 35.56 0.65
C GLN A 1013 -1.43 34.13 0.91
N ILE A 1014 -2.35 33.28 1.37
CA ILE A 1014 -1.98 31.88 1.59
C ILE A 1014 -1.56 31.23 0.28
N THR A 1015 -2.31 31.49 -0.79
CA THR A 1015 -1.96 30.92 -2.09
C THR A 1015 -0.63 31.44 -2.59
N THR A 1016 -0.38 32.75 -2.46
CA THR A 1016 0.88 33.29 -2.93
C THR A 1016 2.05 32.73 -2.13
N LEU A 1017 1.86 32.50 -0.83
CA LEU A 1017 2.89 31.88 -0.02
C LEU A 1017 3.16 30.45 -0.47
N ILE A 1018 2.09 29.68 -0.71
CA ILE A 1018 2.26 28.28 -1.09
C ILE A 1018 2.95 28.16 -2.44
N ILE A 1019 2.56 29.00 -3.41
CA ILE A 1019 3.09 28.88 -4.76
C ILE A 1019 4.59 29.19 -4.79
N SER A 1020 4.99 30.30 -4.17
CA SER A 1020 6.38 30.76 -4.27
C SER A 1020 7.20 30.20 -3.10
N LYS A 1021 7.44 28.90 -3.18
CA LYS A 1021 8.33 28.20 -2.27
C LYS A 1021 9.68 27.98 -2.94
N LYS A 1022 10.55 27.22 -2.29
CA LYS A 1022 11.82 26.84 -2.88
C LYS A 1022 11.80 25.47 -3.53
N GLU A 1023 10.89 24.58 -3.09
CA GLU A 1023 10.76 23.28 -3.72
C GLU A 1023 10.31 23.42 -5.17
N ARG A 1024 9.36 24.32 -5.43
CA ARG A 1024 8.95 24.63 -6.79
C ARG A 1024 9.97 25.59 -7.40
N MET A 1025 10.64 25.15 -8.46
CA MET A 1025 11.74 25.92 -9.06
C MET A 1025 11.15 27.08 -9.87
N LEU A 1026 10.58 28.04 -9.15
CA LEU A 1026 9.99 29.22 -9.77
C LEU A 1026 11.05 30.33 -9.81
N GLN A 1027 11.50 30.65 -11.02
CA GLN A 1027 12.47 31.72 -11.22
C GLN A 1027 11.75 33.06 -11.26
N LYS A 1028 12.46 34.11 -11.70
CA LYS A 1028 11.92 35.47 -11.82
C LYS A 1028 11.52 35.93 -10.43
N GLY A 1029 10.27 36.23 -10.16
CA GLY A 1029 9.88 36.70 -8.84
C GLY A 1029 8.39 36.58 -8.63
N SER A 1030 7.98 36.74 -7.38
CA SER A 1030 6.59 36.67 -6.97
C SER A 1030 6.16 37.99 -6.37
N GLY A 1031 4.89 38.32 -6.54
CA GLY A 1031 4.37 39.59 -6.06
C GLY A 1031 3.43 39.46 -4.88
N PHE A 1032 3.85 39.98 -3.72
CA PHE A 1032 2.99 39.99 -2.54
C PHE A 1032 2.19 41.28 -2.40
N HIS A 1033 2.66 42.37 -3.00
CA HIS A 1033 1.98 43.66 -2.90
C HIS A 1033 1.28 44.08 -4.19
N LEU A 1034 1.67 43.53 -5.33
CA LEU A 1034 0.98 43.83 -6.58
C LEU A 1034 -0.17 42.88 -6.86
N ASP A 1035 -0.35 41.84 -6.05
CA ASP A 1035 -1.49 40.96 -6.20
C ASP A 1035 -2.66 41.39 -5.31
N LEU A 1036 -2.38 41.70 -4.05
CA LEU A 1036 -3.42 42.13 -3.13
C LEU A 1036 -4.09 43.40 -3.63
N LEU A 1037 -3.30 44.41 -3.98
CA LEU A 1037 -3.86 45.68 -4.43
C LEU A 1037 -4.69 45.49 -5.69
N LEU A 1038 -4.16 44.73 -6.67
CA LEU A 1038 -4.86 44.54 -7.91
C LEU A 1038 -6.19 43.80 -7.70
N ILE A 1039 -6.16 42.71 -6.92
CA ILE A 1039 -7.36 41.92 -6.73
C ILE A 1039 -8.43 42.72 -6.00
N VAL A 1040 -8.04 43.41 -4.93
CA VAL A 1040 -9.06 44.13 -4.14
C VAL A 1040 -9.58 45.33 -4.91
N ALA A 1041 -8.71 46.06 -5.63
CA ALA A 1041 -9.19 47.18 -6.41
C ALA A 1041 -10.12 46.73 -7.53
N MET A 1042 -9.77 45.64 -8.22
CA MET A 1042 -10.63 45.13 -9.27
C MET A 1042 -11.97 44.67 -8.71
N GLY A 1043 -11.96 44.00 -7.55
CA GLY A 1043 -13.22 43.60 -6.94
C GLY A 1043 -14.09 44.78 -6.55
N GLY A 1044 -13.49 45.81 -5.96
CA GLY A 1044 -14.26 46.98 -5.57
C GLY A 1044 -14.84 47.72 -6.76
N ILE A 1045 -14.07 47.84 -7.83
CA ILE A 1045 -14.58 48.50 -9.04
C ILE A 1045 -15.65 47.65 -9.71
N CYS A 1046 -15.46 46.33 -9.70
CA CYS A 1046 -16.39 45.43 -10.40
C CYS A 1046 -17.70 45.27 -9.64
N ALA A 1047 -17.69 45.47 -8.33
CA ALA A 1047 -18.93 45.37 -7.57
C ALA A 1047 -19.92 46.49 -7.89
N LEU A 1048 -19.49 47.53 -8.61
CA LEU A 1048 -20.42 48.58 -9.01
C LEU A 1048 -21.36 48.10 -10.12
N PHE A 1049 -20.88 47.23 -11.00
CA PHE A 1049 -21.70 46.68 -12.07
C PHE A 1049 -22.53 45.49 -11.63
N GLY A 1050 -22.71 45.29 -10.34
CA GLY A 1050 -23.45 44.15 -9.84
C GLY A 1050 -22.79 42.82 -10.10
N LEU A 1051 -21.46 42.77 -10.00
CA LEU A 1051 -20.70 41.54 -10.23
C LEU A 1051 -19.94 41.17 -8.96
N PRO A 1052 -19.76 39.88 -8.69
CA PRO A 1052 -19.18 39.46 -7.41
C PRO A 1052 -17.69 39.74 -7.34
N TRP A 1053 -17.19 39.75 -6.10
CA TRP A 1053 -15.75 39.82 -5.85
C TRP A 1053 -15.11 38.46 -6.08
N LEU A 1054 -13.79 38.47 -6.26
CA LEU A 1054 -13.07 37.24 -6.56
C LEU A 1054 -11.79 37.18 -5.74
N ALA A 1055 -11.32 35.96 -5.50
CA ALA A 1055 -10.10 35.71 -4.75
C ALA A 1055 -9.42 34.48 -5.31
N ALA A 1056 -8.09 34.51 -5.33
CA ALA A 1056 -7.31 33.47 -5.99
C ALA A 1056 -7.46 32.14 -5.26
N ALA A 1057 -7.96 31.12 -5.97
CA ALA A 1057 -8.09 29.80 -5.38
C ALA A 1057 -6.72 29.16 -5.18
N THR A 1058 -6.60 28.37 -4.12
CA THR A 1058 -5.34 27.77 -3.74
C THR A 1058 -5.18 26.33 -4.20
N VAL A 1059 -6.17 25.77 -4.90
CA VAL A 1059 -6.12 24.40 -5.38
C VAL A 1059 -5.89 24.34 -6.88
N ARG A 1060 -6.64 25.13 -7.65
CA ARG A 1060 -6.43 25.15 -9.09
C ARG A 1060 -5.23 26.01 -9.48
N SER A 1061 -4.76 26.89 -8.60
CA SER A 1061 -3.48 27.55 -8.86
C SER A 1061 -2.33 26.57 -8.80
N VAL A 1062 -2.36 25.65 -7.82
CA VAL A 1062 -1.35 24.61 -7.74
C VAL A 1062 -1.44 23.68 -8.93
N THR A 1063 -2.66 23.38 -9.38
CA THR A 1063 -2.82 22.57 -10.59
C THR A 1063 -2.23 23.27 -11.81
N HIS A 1064 -2.48 24.58 -11.94
CA HIS A 1064 -1.89 25.33 -13.04
C HIS A 1064 -0.37 25.31 -12.99
N ALA A 1065 0.19 25.46 -11.79
CA ALA A 1065 1.65 25.42 -11.66
C ALA A 1065 2.20 24.04 -12.01
N ASN A 1066 1.53 22.98 -11.54
CA ASN A 1066 2.00 21.62 -11.80
C ASN A 1066 1.94 21.27 -13.27
N ALA A 1067 0.90 21.74 -13.98
CA ALA A 1067 0.75 21.42 -15.38
C ALA A 1067 1.84 22.02 -16.26
N LEU A 1068 2.66 22.93 -15.73
CA LEU A 1068 3.67 23.63 -16.51
C LEU A 1068 5.09 23.22 -16.17
N THR A 1069 5.31 22.40 -15.14
CA THR A 1069 6.65 21.98 -14.78
C THR A 1069 7.16 20.94 -15.76
N VAL A 1070 8.44 21.04 -16.12
CA VAL A 1070 9.13 20.04 -16.93
C VAL A 1070 10.25 19.45 -16.09
N MET A 1071 10.28 18.13 -16.02
CA MET A 1071 11.24 17.39 -15.20
C MET A 1071 12.51 17.09 -16.00
N SER A 1072 13.60 16.86 -15.28
CA SER A 1072 14.87 16.55 -15.91
C SER A 1072 14.91 15.11 -16.37
N LYS A 1073 15.83 14.83 -17.29
CA LYS A 1073 16.07 13.47 -17.77
C LYS A 1073 17.38 12.88 -17.29
N ALA A 1074 18.34 13.72 -16.89
CA ALA A 1074 19.64 13.23 -16.42
C ALA A 1074 19.54 12.90 -14.93
N VAL A 1075 18.76 11.86 -14.65
CA VAL A 1075 18.58 11.34 -13.30
C VAL A 1075 19.01 9.88 -13.30
N ALA A 1076 19.87 9.52 -12.34
CA ALA A 1076 20.39 8.17 -12.28
C ALA A 1076 19.26 7.18 -12.00
N PRO A 1077 19.38 5.94 -12.50
CA PRO A 1077 18.32 4.96 -12.28
C PRO A 1077 18.09 4.69 -10.80
N GLY A 1078 16.82 4.57 -10.43
CA GLY A 1078 16.43 4.34 -9.05
C GLY A 1078 16.41 5.57 -8.18
N ASP A 1079 16.77 6.73 -8.71
CA ASP A 1079 16.80 7.96 -7.93
C ASP A 1079 15.46 8.68 -8.00
N LYS A 1080 15.21 9.53 -7.01
CA LYS A 1080 13.95 10.26 -6.94
C LYS A 1080 13.87 11.30 -8.04
N PRO A 1081 12.67 11.57 -8.56
CA PRO A 1081 12.53 12.55 -9.64
C PRO A 1081 12.90 13.95 -9.18
N LYS A 1082 13.42 14.74 -10.13
CA LYS A 1082 13.88 16.09 -9.86
C LYS A 1082 13.27 17.04 -10.88
N ILE A 1083 12.71 18.15 -10.40
CA ILE A 1083 12.09 19.14 -11.28
C ILE A 1083 13.18 19.92 -12.00
N GLN A 1084 13.12 19.94 -13.33
CA GLN A 1084 14.10 20.73 -14.08
C GLN A 1084 13.76 22.21 -14.03
N GLU A 1085 12.60 22.59 -14.56
CA GLU A 1085 12.22 24.00 -14.51
C GLU A 1085 10.72 24.15 -14.73
N VAL A 1086 10.20 25.31 -14.34
CA VAL A 1086 8.80 25.65 -14.51
C VAL A 1086 8.71 26.77 -15.54
N LYS A 1087 7.88 26.56 -16.57
CA LYS A 1087 7.71 27.54 -17.62
C LYS A 1087 6.78 28.64 -17.13
N GLU A 1088 7.31 29.85 -16.93
CA GLU A 1088 6.54 30.98 -16.45
C GLU A 1088 6.17 31.87 -17.63
N GLN A 1089 4.87 32.06 -17.83
CA GLN A 1089 4.40 32.90 -18.93
C GLN A 1089 3.00 33.37 -18.60
N ARG A 1090 2.60 34.46 -19.28
CA ARG A 1090 1.28 35.05 -19.12
C ARG A 1090 0.48 34.93 -20.41
N VAL A 1091 0.55 33.77 -21.04
CA VAL A 1091 -0.23 33.50 -22.24
C VAL A 1091 -1.25 32.39 -22.02
N THR A 1092 -0.97 31.39 -21.19
CA THR A 1092 -1.95 30.34 -20.93
C THR A 1092 -3.10 30.85 -20.07
N GLY A 1093 -2.81 31.65 -19.05
CA GLY A 1093 -3.87 32.19 -18.21
C GLY A 1093 -4.78 33.14 -18.96
N LEU A 1094 -4.19 33.99 -19.80
CA LEU A 1094 -4.99 34.90 -20.62
C LEU A 1094 -5.90 34.14 -21.57
N LEU A 1095 -5.38 33.09 -22.20
CA LEU A 1095 -6.20 32.29 -23.11
C LEU A 1095 -7.32 31.57 -22.35
N VAL A 1096 -7.03 31.06 -21.16
CA VAL A 1096 -8.06 30.39 -20.37
C VAL A 1096 -9.16 31.37 -19.99
N ALA A 1097 -8.78 32.58 -19.56
CA ALA A 1097 -9.78 33.58 -19.22
C ALA A 1097 -10.62 33.95 -20.42
N LEU A 1098 -9.99 34.12 -21.60
CA LEU A 1098 -10.76 34.45 -22.80
C LEU A 1098 -11.71 33.33 -23.18
N LEU A 1099 -11.27 32.06 -23.04
CA LEU A 1099 -12.14 30.94 -23.34
C LEU A 1099 -13.34 30.90 -22.40
N VAL A 1100 -13.10 31.12 -21.11
CA VAL A 1100 -14.22 31.12 -20.16
C VAL A 1100 -15.17 32.26 -20.46
N GLY A 1101 -14.65 33.41 -20.91
CA GLY A 1101 -15.53 34.50 -21.30
C GLY A 1101 -16.36 34.17 -22.53
N LEU A 1102 -15.74 33.56 -23.54
CA LEU A 1102 -16.44 33.19 -24.76
C LEU A 1102 -17.35 32.00 -24.59
N SER A 1103 -17.26 31.28 -23.48
CA SER A 1103 -18.14 30.14 -23.26
C SER A 1103 -19.60 30.53 -23.06
N ILE A 1104 -19.99 31.80 -23.21
CA ILE A 1104 -21.39 32.19 -23.12
C ILE A 1104 -22.11 32.16 -24.46
N VAL A 1105 -21.38 32.08 -25.57
CA VAL A 1105 -22.00 31.98 -26.89
C VAL A 1105 -22.36 30.54 -27.26
N ILE A 1106 -22.13 29.59 -26.36
CA ILE A 1106 -22.53 28.20 -26.57
C ILE A 1106 -23.57 27.83 -25.53
N GLY A 1107 -24.37 28.80 -25.10
CA GLY A 1107 -25.40 28.54 -24.11
C GLY A 1107 -26.42 27.51 -24.56
N ASP A 1108 -26.71 27.47 -25.86
CA ASP A 1108 -27.64 26.48 -26.39
C ASP A 1108 -27.14 25.07 -26.16
N LEU A 1109 -25.82 24.89 -26.05
CA LEU A 1109 -25.25 23.60 -25.71
C LEU A 1109 -25.05 23.42 -24.21
N LEU A 1110 -24.78 24.51 -23.48
CA LEU A 1110 -24.62 24.43 -22.04
C LEU A 1110 -25.94 24.27 -21.31
N ARG A 1111 -27.06 24.43 -22.00
CA ARG A 1111 -28.37 24.25 -21.39
C ARG A 1111 -28.85 22.80 -21.40
N GLN A 1112 -28.05 21.88 -21.93
CA GLN A 1112 -28.40 20.47 -21.97
C GLN A 1112 -27.72 19.65 -20.89
N ILE A 1113 -26.98 20.29 -19.99
CA ILE A 1113 -26.27 19.61 -18.91
C ILE A 1113 -27.20 19.55 -17.69
N PRO A 1114 -27.59 18.36 -17.24
CA PRO A 1114 -28.43 18.29 -16.04
C PRO A 1114 -27.70 18.84 -14.83
N LEU A 1115 -28.48 19.24 -13.82
CA LEU A 1115 -27.93 19.93 -12.66
C LEU A 1115 -27.42 18.97 -11.59
N ALA A 1116 -27.42 17.67 -11.85
CA ALA A 1116 -26.90 16.72 -10.88
C ALA A 1116 -25.45 16.32 -11.16
N VAL A 1117 -25.04 16.35 -12.43
CA VAL A 1117 -23.65 16.06 -12.75
C VAL A 1117 -22.72 17.09 -12.12
N LEU A 1118 -23.11 18.36 -12.19
CA LEU A 1118 -22.29 19.42 -11.61
C LEU A 1118 -22.15 19.24 -10.10
N PHE A 1119 -23.21 18.80 -9.43
CA PHE A 1119 -23.10 18.59 -7.99
C PHE A 1119 -22.32 17.32 -7.65
N GLY A 1120 -22.33 16.33 -8.54
CA GLY A 1120 -21.40 15.23 -8.37
C GLY A 1120 -19.96 15.70 -8.39
N ILE A 1121 -19.63 16.55 -9.36
CA ILE A 1121 -18.27 17.11 -9.41
C ILE A 1121 -18.00 17.98 -8.17
N PHE A 1122 -19.01 18.70 -7.71
CA PHE A 1122 -18.89 19.51 -6.50
C PHE A 1122 -18.47 18.66 -5.31
N LEU A 1123 -19.20 17.57 -5.06
CA LEU A 1123 -18.88 16.68 -3.96
C LEU A 1123 -17.52 16.04 -4.15
N TYR A 1124 -17.17 15.69 -5.40
CA TYR A 1124 -15.87 15.09 -5.66
C TYR A 1124 -14.73 16.04 -5.27
N MET A 1125 -14.84 17.31 -5.67
CA MET A 1125 -13.82 18.28 -5.31
C MET A 1125 -13.75 18.46 -3.79
N GLY A 1126 -14.91 18.54 -3.14
CA GLY A 1126 -14.91 18.70 -1.70
C GLY A 1126 -14.24 17.55 -0.98
N VAL A 1127 -14.54 16.32 -1.39
CA VAL A 1127 -13.94 15.16 -0.73
C VAL A 1127 -12.45 15.06 -1.04
N THR A 1128 -12.06 15.33 -2.29
CA THR A 1128 -10.68 15.11 -2.69
C THR A 1128 -9.74 16.20 -2.25
N SER A 1129 -10.24 17.37 -1.84
CA SER A 1129 -9.33 18.41 -1.37
C SER A 1129 -8.91 18.22 0.08
N LEU A 1130 -9.48 17.23 0.79
CA LEU A 1130 -9.10 17.00 2.18
C LEU A 1130 -7.69 16.43 2.29
N ASN A 1131 -7.28 15.60 1.33
CA ASN A 1131 -5.98 14.96 1.39
C ASN A 1131 -4.86 15.98 1.44
N GLY A 1132 -3.97 15.84 2.42
CA GLY A 1132 -2.82 16.71 2.51
C GLY A 1132 -2.67 17.43 3.84
N ILE A 1133 -3.78 17.85 4.44
CA ILE A 1133 -3.72 18.63 5.67
C ILE A 1133 -3.50 17.72 6.86
N GLN A 1134 -2.71 18.19 7.83
CA GLN A 1134 -2.34 17.35 8.97
C GLN A 1134 -3.48 17.19 9.96
N PHE A 1135 -4.43 18.13 9.99
CA PHE A 1135 -5.56 18.03 10.91
C PHE A 1135 -6.39 16.78 10.60
N TYR A 1136 -6.57 16.48 9.30
CA TYR A 1136 -7.31 15.29 8.92
C TYR A 1136 -6.62 14.02 9.39
N GLU A 1137 -5.29 13.95 9.25
CA GLU A 1137 -4.57 12.76 9.68
C GLU A 1137 -4.57 12.60 11.19
N ARG A 1138 -4.38 13.70 11.92
CA ARG A 1138 -4.46 13.61 13.37
C ARG A 1138 -5.86 13.31 13.85
N LEU A 1139 -6.88 13.60 13.04
CA LEU A 1139 -8.24 13.19 13.35
C LEU A 1139 -8.44 11.71 13.06
N HIS A 1140 -7.79 11.18 12.04
CA HIS A 1140 -7.78 9.75 11.79
C HIS A 1140 -7.15 9.00 12.95
N LEU A 1141 -6.02 9.52 13.46
CA LEU A 1141 -5.25 8.84 14.49
C LEU A 1141 -5.99 8.74 15.83
N LEU A 1142 -7.19 9.31 15.94
CA LEU A 1142 -7.99 9.11 17.14
C LEU A 1142 -8.47 7.67 17.27
N LEU A 1143 -8.84 7.05 16.16
CA LEU A 1143 -9.46 5.72 16.18
C LEU A 1143 -8.45 4.59 16.11
N MET A 1144 -7.19 4.88 15.87
CA MET A 1144 -6.12 3.90 15.71
C MET A 1144 -5.51 3.58 17.07
N PRO A 1145 -5.27 2.30 17.38
CA PRO A 1145 -4.57 1.99 18.62
C PRO A 1145 -3.14 2.51 18.56
N PRO A 1146 -2.57 2.89 19.71
CA PRO A 1146 -1.23 3.50 19.69
C PRO A 1146 -0.16 2.60 19.10
N LYS A 1147 -0.45 1.32 18.88
CA LYS A 1147 0.50 0.43 18.25
C LYS A 1147 0.64 0.67 16.76
N HIS A 1148 -0.39 1.23 16.12
CA HIS A 1148 -0.46 1.31 14.66
C HIS A 1148 -0.21 2.71 14.12
N HIS A 1149 0.19 3.66 14.97
CA HIS A 1149 0.43 5.01 14.48
C HIS A 1149 1.64 5.02 13.54
N PRO A 1150 1.68 5.98 12.61
CA PRO A 1150 2.83 6.08 11.70
C PRO A 1150 4.09 6.53 12.42
N ASP A 1151 5.16 6.75 11.67
CA ASP A 1151 6.44 7.20 12.23
C ASP A 1151 6.80 8.62 11.80
N VAL A 1152 5.80 9.48 11.61
CA VAL A 1152 6.02 10.85 11.18
C VAL A 1152 6.54 11.63 12.38
N THR A 1153 7.08 12.82 12.16
CA THR A 1153 7.80 13.54 13.21
C THR A 1153 6.88 14.09 14.30
N TYR A 1154 5.58 14.21 14.04
CA TYR A 1154 4.66 14.75 15.03
C TYR A 1154 3.96 13.67 15.85
N VAL A 1155 4.32 12.41 15.66
CA VAL A 1155 3.74 11.33 16.45
C VAL A 1155 4.77 10.58 17.28
N LYS A 1156 6.06 10.64 16.96
CA LYS A 1156 7.09 9.92 17.70
C LYS A 1156 7.89 10.82 18.62
N LYS A 1157 7.47 12.09 18.79
CA LYS A 1157 8.15 13.01 19.69
C LYS A 1157 7.23 13.63 20.73
N VAL A 1158 5.93 13.37 20.67
CA VAL A 1158 4.98 13.88 21.64
C VAL A 1158 4.12 12.72 22.14
N ARG A 1159 3.75 12.79 23.41
CA ARG A 1159 2.91 11.75 23.99
C ARG A 1159 1.57 11.69 23.27
N THR A 1160 0.95 10.51 23.28
CA THR A 1160 -0.31 10.34 22.59
C THR A 1160 -1.40 11.23 23.19
N LEU A 1161 -1.44 11.32 24.52
CA LEU A 1161 -2.48 12.08 25.19
C LEU A 1161 -2.32 13.59 25.03
N ARG A 1162 -1.20 14.06 24.49
CA ARG A 1162 -1.07 15.48 24.20
C ARG A 1162 -1.40 15.76 22.73
N MET A 1163 -1.06 14.83 21.85
CA MET A 1163 -1.51 14.92 20.47
C MET A 1163 -3.03 14.93 20.40
N HIS A 1164 -3.68 14.06 21.18
CA HIS A 1164 -5.13 14.02 21.17
C HIS A 1164 -5.73 15.28 21.78
N LEU A 1165 -5.08 15.86 22.78
CA LEU A 1165 -5.57 17.12 23.34
C LEU A 1165 -5.48 18.25 22.33
N PHE A 1166 -4.38 18.31 21.58
CA PHE A 1166 -4.25 19.32 20.53
C PHE A 1166 -5.34 19.15 19.47
N THR A 1167 -5.57 17.91 19.04
CA THR A 1167 -6.63 17.66 18.06
C THR A 1167 -7.99 18.04 18.62
N ALA A 1168 -8.25 17.74 19.88
CA ALA A 1168 -9.53 18.08 20.50
C ALA A 1168 -9.74 19.58 20.55
N LEU A 1169 -8.70 20.34 20.89
CA LEU A 1169 -8.84 21.80 20.91
C LEU A 1169 -9.13 22.33 19.50
N GLN A 1170 -8.44 21.80 18.49
CA GLN A 1170 -8.72 22.23 17.12
C GLN A 1170 -10.16 21.92 16.72
N LEU A 1171 -10.64 20.72 17.06
CA LEU A 1171 -12.02 20.34 16.75
C LEU A 1171 -13.03 21.23 17.47
N LEU A 1172 -12.74 21.58 18.72
CA LEU A 1172 -13.64 22.47 19.47
C LEU A 1172 -13.72 23.83 18.80
N CYS A 1173 -12.58 24.38 18.38
CA CYS A 1173 -12.61 25.66 17.68
C CYS A 1173 -13.39 25.57 16.37
N LEU A 1174 -13.20 24.49 15.61
CA LEU A 1174 -13.94 24.32 14.37
C LEU A 1174 -15.43 24.21 14.61
N ALA A 1175 -15.84 23.47 15.63
CA ALA A 1175 -17.27 23.33 15.93
C ALA A 1175 -17.87 24.66 16.36
N LEU A 1176 -17.15 25.43 17.17
CA LEU A 1176 -17.66 26.75 17.53
C LEU A 1176 -17.82 27.63 16.32
N LEU A 1177 -16.85 27.59 15.39
CA LEU A 1177 -16.96 28.40 14.18
C LEU A 1177 -18.17 27.99 13.34
N TRP A 1178 -18.40 26.68 13.19
CA TRP A 1178 -19.56 26.23 12.43
C TRP A 1178 -20.86 26.66 13.11
N ALA A 1179 -20.93 26.58 14.44
CA ALA A 1179 -22.13 27.00 15.15
C ALA A 1179 -22.40 28.48 14.94
N VAL A 1180 -21.37 29.33 15.04
CA VAL A 1180 -21.60 30.76 14.84
C VAL A 1180 -21.90 31.07 13.38
N MET A 1181 -21.45 30.22 12.45
CA MET A 1181 -21.77 30.45 11.05
C MET A 1181 -23.21 30.06 10.72
N SER A 1182 -23.77 29.08 11.44
CA SER A 1182 -25.11 28.59 11.12
C SER A 1182 -26.23 29.34 11.83
N THR A 1183 -25.92 30.26 12.74
CA THR A 1183 -26.96 30.97 13.49
C THR A 1183 -27.33 32.27 12.77
N ALA A 1184 -28.06 33.15 13.45
CA ALA A 1184 -28.53 34.40 12.86
C ALA A 1184 -27.47 35.49 12.83
N ALA A 1185 -26.25 35.20 13.25
CA ALA A 1185 -25.13 36.12 13.16
C ALA A 1185 -24.09 35.58 12.19
N SER A 1186 -24.54 35.10 11.04
CA SER A 1186 -23.68 34.36 10.12
C SER A 1186 -22.56 35.22 9.54
N LEU A 1187 -22.71 36.54 9.52
CA LEU A 1187 -21.67 37.39 8.96
C LEU A 1187 -20.67 37.84 10.02
N ALA A 1188 -20.15 36.88 10.77
CA ALA A 1188 -19.14 37.18 11.79
C ALA A 1188 -18.03 36.15 11.89
N PHE A 1189 -18.01 35.13 11.04
CA PHE A 1189 -16.96 34.11 11.14
C PHE A 1189 -15.56 34.59 10.74
N PRO A 1190 -15.40 35.59 9.86
CA PRO A 1190 -14.05 36.17 9.71
C PRO A 1190 -13.47 36.69 11.01
N PHE A 1191 -14.31 37.28 11.86
CA PHE A 1191 -13.85 37.70 13.17
C PHE A 1191 -13.43 36.51 14.02
N ILE A 1192 -14.11 35.38 13.86
CA ILE A 1192 -13.74 34.19 14.63
C ILE A 1192 -12.38 33.66 14.17
N LEU A 1193 -12.10 33.68 12.87
CA LEU A 1193 -10.78 33.27 12.42
C LEU A 1193 -9.70 34.23 12.92
N ILE A 1194 -9.96 35.54 12.86
CA ILE A 1194 -8.98 36.48 13.38
C ILE A 1194 -8.79 36.32 14.88
N LEU A 1195 -9.83 35.89 15.61
CA LEU A 1195 -9.69 35.62 17.04
C LEU A 1195 -9.06 34.27 17.33
N THR A 1196 -9.01 33.35 16.36
CA THR A 1196 -8.21 32.15 16.54
C THR A 1196 -6.77 32.36 16.14
N VAL A 1197 -6.46 33.47 15.46
CA VAL A 1197 -5.05 33.80 15.20
C VAL A 1197 -4.23 33.97 16.47
N PRO A 1198 -4.66 34.76 17.47
CA PRO A 1198 -3.87 34.93 18.69
C PRO A 1198 -4.18 33.97 19.83
N LEU A 1199 -5.29 33.24 19.77
CA LEU A 1199 -5.51 32.14 20.70
C LEU A 1199 -4.34 31.18 20.66
N ARG A 1200 -3.91 30.80 19.45
CA ARG A 1200 -2.75 29.95 19.27
C ARG A 1200 -1.60 30.46 20.12
N MET A 1201 -1.11 31.65 19.81
CA MET A 1201 0.06 32.17 20.50
C MET A 1201 -0.15 32.16 22.01
N VAL A 1202 -1.10 32.97 22.49
CA VAL A 1202 -1.22 33.17 23.93
C VAL A 1202 -1.53 31.85 24.64
N VAL A 1203 -2.68 31.24 24.35
CA VAL A 1203 -3.12 30.09 25.12
C VAL A 1203 -2.24 28.88 24.81
N LEU A 1204 -2.16 28.49 23.54
CA LEU A 1204 -1.40 27.28 23.26
C LEU A 1204 0.11 27.47 23.42
N THR A 1205 0.62 28.61 23.88
CA THR A 1205 1.96 28.64 24.44
C THR A 1205 1.94 28.57 25.96
N ARG A 1206 0.91 29.13 26.60
CA ARG A 1206 0.79 29.01 28.04
C ARG A 1206 0.51 27.58 28.50
N ILE A 1207 0.10 26.69 27.60
CA ILE A 1207 -0.24 25.32 27.98
C ILE A 1207 0.83 24.35 27.50
N PHE A 1208 1.07 24.32 26.19
CA PHE A 1208 1.97 23.33 25.62
C PHE A 1208 3.43 23.74 25.82
N THR A 1209 4.31 22.76 25.65
CA THR A 1209 5.74 22.99 25.79
C THR A 1209 6.28 23.71 24.55
N ASP A 1210 7.40 24.41 24.73
CA ASP A 1210 8.06 25.05 23.61
C ASP A 1210 8.61 24.05 22.60
N ARG A 1211 8.75 22.79 23.00
CA ARG A 1211 9.26 21.75 22.09
C ARG A 1211 8.15 21.00 21.38
N GLU A 1212 6.97 20.88 22.00
CA GLU A 1212 5.85 20.21 21.35
C GLU A 1212 5.21 21.07 20.28
N MET A 1213 5.25 22.39 20.44
CA MET A 1213 4.68 23.28 19.43
C MET A 1213 5.46 23.18 18.12
N LYS A 1214 6.79 23.08 18.21
CA LYS A 1214 7.60 22.95 17.00
C LYS A 1214 7.36 21.62 16.30
N CYS A 1215 6.88 20.61 17.04
CA CYS A 1215 6.59 19.32 16.42
C CYS A 1215 5.20 19.30 15.80
N LEU A 1216 4.22 19.88 16.49
CA LEU A 1216 2.84 19.81 16.04
C LEU A 1216 2.46 20.97 15.11
N ASP A 1217 2.99 22.16 15.36
CA ASP A 1217 2.62 23.36 14.62
C ASP A 1217 3.71 23.82 13.66
N ALA A 1218 4.52 22.88 13.18
CA ALA A 1218 5.62 23.23 12.29
C ALA A 1218 5.09 23.75 10.96
N ASN A 1219 5.81 24.71 10.39
CA ASN A 1219 5.44 25.28 9.10
C ASN A 1219 6.00 24.49 7.93
N GLU A 1220 7.14 23.83 8.12
CA GLU A 1220 7.78 23.05 7.06
C GLU A 1220 7.28 21.60 7.12
N ALA A 1221 7.93 20.72 6.37
CA ALA A 1221 7.60 19.29 6.35
C ALA A 1221 6.14 19.05 5.98
N LEU B 314 31.75 -29.73 30.07
CA LEU B 314 30.81 -30.30 31.04
C LEU B 314 29.46 -30.58 30.37
N ASP B 315 28.40 -29.97 30.89
CA ASP B 315 27.06 -30.14 30.33
C ASP B 315 26.57 -28.86 29.67
N ARG B 316 26.46 -27.77 30.44
CA ARG B 316 26.17 -26.43 29.93
C ARG B 316 25.12 -26.43 28.82
N ARG B 317 23.94 -26.92 29.17
CA ARG B 317 22.85 -27.00 28.20
C ARG B 317 22.39 -25.60 27.80
N PRO B 318 22.39 -25.27 26.52
CA PRO B 318 22.00 -23.91 26.11
C PRO B 318 20.50 -23.69 26.24
N HIS B 319 20.13 -22.44 26.51
CA HIS B 319 18.74 -22.00 26.56
C HIS B 319 18.60 -20.76 25.68
N GLU B 320 17.35 -20.37 25.46
CA GLU B 320 17.09 -19.10 24.78
C GLU B 320 17.48 -17.94 25.71
N VAL B 321 17.80 -16.80 25.10
CA VAL B 321 18.38 -15.68 25.83
C VAL B 321 17.49 -14.46 25.67
N PHE B 322 17.25 -13.76 26.78
CA PHE B 322 16.52 -12.50 26.83
C PHE B 322 17.50 -11.43 27.31
N VAL B 323 17.92 -10.55 26.40
CA VAL B 323 18.99 -9.59 26.66
C VAL B 323 18.39 -8.23 27.00
N GLU B 324 18.97 -7.58 28.01
CA GLU B 324 18.54 -6.25 28.44
C GLU B 324 19.74 -5.33 28.54
N LEU B 325 19.53 -4.06 28.20
CA LEU B 325 20.58 -3.05 28.28
C LEU B 325 20.20 -2.02 29.33
N ASN B 326 21.06 -1.85 30.32
CA ASN B 326 20.88 -0.88 31.39
C ASN B 326 22.03 0.11 31.37
N GLU B 327 21.71 1.40 31.29
CA GLU B 327 22.71 2.45 31.19
C GLU B 327 22.67 3.35 32.41
N LEU B 328 23.84 3.71 32.92
CA LEU B 328 23.92 4.61 34.06
C LEU B 328 23.57 6.04 33.63
N MET B 329 22.81 6.73 34.46
CA MET B 329 22.49 8.12 34.19
C MET B 329 22.09 8.81 35.49
N LEU B 330 22.07 10.14 35.44
CA LEU B 330 21.71 10.97 36.57
C LEU B 330 20.20 11.21 36.62
N ASP B 331 19.71 11.48 37.82
CA ASP B 331 18.31 11.80 38.03
C ASP B 331 18.14 13.33 38.12
N ARG B 332 16.90 13.77 38.29
CA ARG B 332 16.65 15.19 38.51
C ARG B 332 17.29 15.66 39.81
N SER B 333 17.21 14.83 40.85
CA SER B 333 17.91 15.08 42.11
C SER B 333 19.39 14.68 42.04
N GLN B 334 19.92 14.43 40.84
CA GLN B 334 21.31 14.14 40.57
C GLN B 334 21.79 12.83 41.20
N GLU B 335 20.87 12.00 41.69
CA GLU B 335 21.25 10.71 42.25
C GLU B 335 21.47 9.71 41.12
N PRO B 336 22.66 9.13 40.98
CA PRO B 336 22.90 8.21 39.87
C PRO B 336 22.09 6.93 40.00
N HIS B 337 21.69 6.40 38.85
CA HIS B 337 20.95 5.14 38.82
C HIS B 337 20.98 4.58 37.42
N TRP B 338 20.75 3.27 37.32
CA TRP B 338 20.67 2.60 36.02
C TRP B 338 19.26 2.70 35.49
N ARG B 339 19.14 2.91 34.19
CA ARG B 339 17.85 2.98 33.51
C ARG B 339 17.87 2.05 32.30
N GLU B 340 16.78 1.34 32.08
CA GLU B 340 16.70 0.43 30.95
C GLU B 340 16.56 1.21 29.65
N THR B 341 17.26 0.76 28.61
CA THR B 341 17.24 1.45 27.33
C THR B 341 16.73 0.60 26.18
N ALA B 342 16.99 -0.70 26.17
CA ALA B 342 16.52 -1.53 25.07
C ALA B 342 16.45 -2.98 25.52
N ARG B 343 15.66 -3.77 24.81
CA ARG B 343 15.50 -5.18 25.10
C ARG B 343 15.49 -6.00 23.82
N TRP B 344 15.98 -7.23 23.93
CA TRP B 344 16.17 -8.12 22.79
C TRP B 344 15.44 -9.44 23.02
N ILE B 345 14.38 -9.67 22.26
CA ILE B 345 13.78 -11.01 22.13
C ILE B 345 13.70 -11.27 20.63
N LYS B 346 14.76 -11.83 20.07
CA LYS B 346 14.86 -12.15 18.64
C LYS B 346 14.87 -10.90 17.77
N PHE B 347 14.63 -9.73 18.36
CA PHE B 347 14.59 -8.46 17.65
C PHE B 347 14.72 -7.33 18.66
N GLU B 348 15.29 -6.22 18.23
CA GLU B 348 15.56 -5.12 19.15
C GLU B 348 14.31 -4.29 19.40
N GLU B 349 14.22 -3.73 20.60
CA GLU B 349 13.13 -2.82 20.95
C GLU B 349 13.71 -1.72 21.83
N ASP B 350 13.54 -0.47 21.42
CA ASP B 350 14.19 0.68 22.03
C ASP B 350 13.20 1.53 22.81
N VAL B 351 13.72 2.23 23.81
CA VAL B 351 12.95 3.15 24.64
C VAL B 351 13.22 4.56 24.14
N GLU B 352 12.14 5.25 23.76
CA GLU B 352 12.28 6.63 23.33
C GLU B 352 12.53 7.55 24.51
N GLU B 353 13.49 8.46 24.36
CA GLU B 353 13.92 9.27 25.49
C GLU B 353 12.91 10.36 25.84
N GLU B 354 12.34 11.01 24.83
CA GLU B 354 11.46 12.15 25.09
C GLU B 354 10.10 11.70 25.62
N THR B 355 9.52 10.66 25.05
CA THR B 355 8.17 10.24 25.38
C THR B 355 8.09 9.08 26.35
N GLU B 356 9.18 8.33 26.52
CA GLU B 356 9.25 7.21 27.46
C GLU B 356 8.21 6.13 27.12
N ARG B 357 8.33 5.59 25.91
CA ARG B 357 7.53 4.46 25.48
C ARG B 357 8.33 3.63 24.49
N TRP B 358 7.88 2.40 24.26
CA TRP B 358 8.64 1.44 23.47
C TRP B 358 8.35 1.60 21.99
N GLY B 359 9.41 1.71 21.20
CA GLY B 359 9.26 1.80 19.76
C GLY B 359 8.97 0.45 19.14
N LYS B 360 8.67 0.49 17.84
CA LYS B 360 8.37 -0.73 17.12
C LYS B 360 9.63 -1.58 16.95
N PRO B 361 9.48 -2.90 16.86
CA PRO B 361 10.67 -3.75 16.65
C PRO B 361 11.32 -3.48 15.31
N HIS B 362 12.64 -3.64 15.28
CA HIS B 362 13.40 -3.45 14.06
C HIS B 362 14.62 -4.37 14.11
N VAL B 363 15.20 -4.62 12.93
CA VAL B 363 16.41 -5.42 12.86
C VAL B 363 17.54 -4.62 13.52
N ALA B 364 18.38 -5.32 14.29
CA ALA B 364 19.42 -4.64 15.04
C ALA B 364 20.63 -4.34 14.17
N SER B 365 20.62 -3.20 13.49
CA SER B 365 21.74 -2.83 12.63
C SER B 365 22.86 -2.25 13.46
N LEU B 366 24.07 -2.75 13.26
CA LEU B 366 25.24 -2.37 14.02
C LEU B 366 26.02 -1.29 13.29
N SER B 367 27.22 -0.99 13.78
CA SER B 367 28.18 -0.14 13.09
C SER B 367 29.56 -0.74 13.27
N PHE B 368 30.43 -0.53 12.29
CA PHE B 368 31.69 -1.26 12.27
C PHE B 368 32.68 -0.74 13.31
N ARG B 369 32.76 0.58 13.50
CA ARG B 369 33.72 1.11 14.45
C ARG B 369 33.41 0.65 15.86
N SER B 370 32.13 0.55 16.20
CA SER B 370 31.75 0.03 17.51
C SER B 370 32.17 -1.43 17.65
N LEU B 371 32.09 -2.21 16.58
CA LEU B 371 32.54 -3.60 16.62
C LEU B 371 34.04 -3.69 16.86
N LEU B 372 34.82 -2.83 16.20
CA LEU B 372 36.26 -2.82 16.45
C LEU B 372 36.58 -2.43 17.88
N GLU B 373 35.89 -1.40 18.40
CA GLU B 373 36.09 -0.99 19.78
C GLU B 373 35.72 -2.12 20.74
N LEU B 374 34.64 -2.84 20.44
CA LEU B 374 34.23 -3.97 21.28
C LEU B 374 35.28 -5.06 21.28
N ARG B 375 35.85 -5.38 20.12
CA ARG B 375 36.88 -6.40 20.07
C ARG B 375 38.10 -5.98 20.89
N ARG B 376 38.53 -4.72 20.74
CA ARG B 376 39.68 -4.25 21.51
C ARG B 376 39.39 -4.26 23.00
N THR B 377 38.17 -3.89 23.41
CA THR B 377 37.84 -3.88 24.83
C THR B 377 37.80 -5.28 25.41
N ILE B 378 37.18 -6.23 24.70
CA ILE B 378 37.10 -7.60 25.20
C ILE B 378 38.47 -8.26 25.18
N ALA B 379 39.37 -7.79 24.33
CA ALA B 379 40.73 -8.35 24.32
C ALA B 379 41.48 -7.99 25.60
N HIS B 380 41.31 -6.78 26.10
CA HIS B 380 42.05 -6.28 27.25
C HIS B 380 41.28 -6.42 28.55
N GLY B 381 40.10 -7.04 28.54
CA GLY B 381 39.29 -7.13 29.73
C GLY B 381 39.58 -8.37 30.55
N ALA B 382 38.96 -8.42 31.73
CA ALA B 382 39.10 -9.54 32.65
C ALA B 382 37.80 -10.32 32.68
N ALA B 383 37.90 -11.64 32.50
CA ALA B 383 36.74 -12.51 32.39
C ALA B 383 36.68 -13.47 33.57
N LEU B 384 35.50 -13.62 34.14
CA LEU B 384 35.24 -14.56 35.22
C LEU B 384 34.30 -15.64 34.68
N LEU B 385 34.74 -16.90 34.74
CA LEU B 385 33.97 -18.01 34.21
C LEU B 385 33.56 -18.93 35.34
N ASP B 386 32.26 -19.28 35.37
CA ASP B 386 31.70 -20.23 36.33
C ASP B 386 31.91 -19.74 37.77
N LEU B 387 31.40 -18.54 38.03
CA LEU B 387 31.47 -17.98 39.37
C LEU B 387 30.52 -18.73 40.31
N GLU B 388 30.90 -18.79 41.59
CA GLU B 388 30.16 -19.52 42.59
C GLU B 388 29.28 -18.63 43.46
N GLN B 389 29.19 -17.33 43.15
CA GLN B 389 28.36 -16.43 43.93
C GLN B 389 26.89 -16.64 43.60
N THR B 390 26.02 -16.13 44.48
CA THR B 390 24.58 -16.24 44.31
C THR B 390 23.84 -14.94 44.57
N THR B 391 24.52 -13.88 45.01
CA THR B 391 23.87 -12.61 45.32
C THR B 391 24.62 -11.49 44.62
N LEU B 392 23.92 -10.37 44.43
CA LEU B 392 24.52 -9.20 43.78
C LEU B 392 25.72 -8.65 44.54
N PRO B 393 25.69 -8.44 45.87
CA PRO B 393 26.88 -7.92 46.54
C PRO B 393 28.11 -8.81 46.38
N GLY B 394 27.94 -10.13 46.45
CA GLY B 394 29.09 -11.01 46.29
C GLY B 394 29.65 -10.97 44.88
N ILE B 395 28.77 -10.93 43.88
CA ILE B 395 29.23 -10.81 42.50
C ILE B 395 29.99 -9.52 42.30
N ALA B 396 29.47 -8.42 42.84
CA ALA B 396 30.15 -7.13 42.71
C ALA B 396 31.50 -7.14 43.40
N HIS B 397 31.58 -7.75 44.59
CA HIS B 397 32.84 -7.81 45.30
C HIS B 397 33.88 -8.61 44.52
N LEU B 398 33.47 -9.77 44.00
CA LEU B 398 34.40 -10.58 43.21
C LEU B 398 34.83 -9.83 41.94
N VAL B 399 33.90 -9.14 41.30
CA VAL B 399 34.22 -8.41 40.08
C VAL B 399 35.24 -7.32 40.37
N VAL B 400 35.04 -6.56 41.46
CA VAL B 400 35.97 -5.49 41.77
C VAL B 400 37.34 -6.06 42.16
N GLU B 401 37.35 -7.21 42.85
CA GLU B 401 38.63 -7.83 43.17
C GLU B 401 39.38 -8.25 41.91
N THR B 402 38.68 -8.83 40.94
CA THR B 402 39.35 -9.25 39.72
C THR B 402 39.79 -8.05 38.88
N MET B 403 39.00 -6.97 38.88
CA MET B 403 39.43 -5.76 38.21
C MET B 403 40.71 -5.22 38.81
N ILE B 404 40.83 -5.27 40.15
CA ILE B 404 42.06 -4.86 40.80
C ILE B 404 43.21 -5.79 40.42
N VAL B 405 42.93 -7.09 40.33
CA VAL B 405 43.99 -8.06 40.01
C VAL B 405 44.57 -7.78 38.63
N SER B 406 43.72 -7.53 37.64
CA SER B 406 44.15 -7.35 36.26
C SER B 406 44.69 -5.95 35.96
N ASP B 407 44.99 -5.16 36.97
CA ASP B 407 45.61 -3.84 36.81
C ASP B 407 44.76 -2.93 35.91
N GLN B 408 43.44 -3.02 36.06
CA GLN B 408 42.53 -2.16 35.31
C GLN B 408 42.01 -0.98 36.12
N ILE B 409 41.82 -1.15 37.42
CA ILE B 409 41.34 -0.09 38.30
C ILE B 409 42.31 0.06 39.45
N ARG B 410 42.65 1.30 39.78
CA ARG B 410 43.53 1.55 40.91
C ARG B 410 42.87 1.07 42.20
N PRO B 411 43.63 0.51 43.14
CA PRO B 411 43.04 0.08 44.41
C PRO B 411 42.40 1.21 45.19
N GLU B 412 42.92 2.43 45.06
CA GLU B 412 42.36 3.56 45.81
C GLU B 412 40.92 3.84 45.40
N ASP B 413 40.54 3.48 44.19
CA ASP B 413 39.16 3.66 43.72
C ASP B 413 38.29 2.44 44.00
N ARG B 414 38.86 1.40 44.62
CA ARG B 414 38.11 0.17 44.87
C ARG B 414 36.77 0.43 45.52
N ALA B 415 36.72 1.32 46.51
CA ALA B 415 35.47 1.64 47.17
C ALA B 415 34.51 2.33 46.20
N SER B 416 34.98 3.36 45.51
CA SER B 416 34.08 4.23 44.76
C SER B 416 33.31 3.44 43.70
N VAL B 417 34.03 2.76 42.81
CA VAL B 417 33.38 1.98 41.76
C VAL B 417 32.48 0.93 42.38
N LEU B 418 32.84 0.42 43.57
CA LEU B 418 32.03 -0.59 44.22
C LEU B 418 30.63 -0.05 44.49
N ARG B 419 30.54 1.20 44.95
CA ARG B 419 29.23 1.83 45.15
C ARG B 419 28.44 1.84 43.86
N THR B 420 29.10 2.11 42.73
CA THR B 420 28.40 2.20 41.46
C THR B 420 27.78 0.87 41.06
N LEU B 421 28.21 -0.23 41.68
CA LEU B 421 27.65 -1.54 41.35
C LEU B 421 26.49 -1.93 42.25
N LEU B 422 26.05 -1.06 43.15
CA LEU B 422 24.91 -1.34 44.02
C LEU B 422 23.95 -0.17 44.05
N LEU B 423 23.61 0.35 42.89
CA LEU B 423 22.60 1.39 42.76
C LEU B 423 21.27 0.78 42.33
N LYS B 424 20.20 1.49 42.63
CA LYS B 424 18.86 1.02 42.27
C LYS B 424 18.69 1.01 40.76
N HIS B 425 17.95 0.02 40.27
CA HIS B 425 17.64 -0.10 38.85
C HIS B 425 16.26 0.48 38.57
N SER B 426 16.09 1.03 37.37
CA SER B 426 14.85 1.63 36.95
C SER B 426 14.36 0.98 35.66
N HIS B 427 13.09 1.20 35.36
CA HIS B 427 12.45 0.64 34.16
C HIS B 427 11.37 1.60 33.72
N PRO B 428 10.94 1.52 32.46
CA PRO B 428 9.85 2.40 32.01
C PRO B 428 8.56 2.24 32.78
N ASN B 429 8.21 1.02 33.20
CA ASN B 429 6.96 0.78 33.90
C ASN B 429 7.11 0.74 35.41
N ASP B 430 8.34 0.80 35.93
CA ASP B 430 8.54 0.80 37.38
C ASP B 430 8.14 2.14 37.99
N GLY B 497 -0.52 -2.11 38.18
CA GLY B 497 -0.05 -1.52 36.93
C GLY B 497 1.19 -2.19 36.38
N HIS B 498 2.15 -2.48 37.27
CA HIS B 498 3.36 -3.17 36.86
C HIS B 498 3.06 -4.58 36.37
N ARG B 499 2.17 -5.29 37.07
CA ARG B 499 1.89 -6.68 36.72
C ARG B 499 1.13 -6.79 35.40
N GLY B 500 0.26 -5.82 35.11
CA GLY B 500 -0.55 -5.88 33.90
C GLY B 500 0.29 -5.95 32.64
N LYS B 501 1.43 -5.26 32.62
CA LYS B 501 2.37 -5.39 31.52
C LYS B 501 3.45 -6.43 31.77
N SER B 502 3.74 -6.75 33.03
CA SER B 502 4.71 -7.79 33.33
C SER B 502 4.26 -9.13 32.76
N LEU B 503 3.00 -9.51 32.99
CA LEU B 503 2.49 -10.74 32.39
C LEU B 503 2.41 -10.62 30.87
N LYS B 504 1.98 -9.45 30.37
CA LYS B 504 1.82 -9.27 28.93
C LYS B 504 3.14 -9.43 28.20
N LEU B 505 4.25 -9.13 28.86
CA LEU B 505 5.57 -9.37 28.27
C LEU B 505 6.09 -10.78 28.58
N LEU B 506 5.76 -11.33 29.75
CA LEU B 506 6.20 -12.68 30.09
C LEU B 506 5.58 -13.74 29.18
N GLU B 507 4.42 -13.45 28.58
CA GLU B 507 3.87 -14.40 27.61
C GLU B 507 4.80 -14.60 26.43
N LYS B 508 5.37 -13.52 25.89
CA LYS B 508 6.19 -13.63 24.68
C LYS B 508 7.46 -14.45 24.93
N ILE B 509 8.10 -14.24 26.07
CA ILE B 509 9.39 -14.87 26.34
C ILE B 509 9.21 -16.39 26.42
N PRO B 510 10.10 -17.18 25.81
CA PRO B 510 9.99 -18.64 25.93
C PRO B 510 10.12 -19.09 27.38
N GLU B 511 9.47 -20.21 27.69
CA GLU B 511 9.34 -20.63 29.08
C GLU B 511 10.70 -20.91 29.72
N ASP B 512 11.59 -21.56 28.98
CA ASP B 512 12.89 -21.99 29.53
C ASP B 512 14.01 -21.04 29.17
N ALA B 513 13.75 -19.74 29.15
CA ALA B 513 14.74 -18.76 28.74
C ALA B 513 15.55 -18.26 29.93
N GLU B 514 16.84 -18.05 29.71
CA GLU B 514 17.73 -17.44 30.69
C GLU B 514 18.19 -16.09 30.18
N ALA B 515 18.22 -15.11 31.07
CA ALA B 515 18.46 -13.72 30.68
C ALA B 515 19.92 -13.33 30.93
N THR B 516 20.29 -12.18 30.36
CA THR B 516 21.60 -11.59 30.56
C THR B 516 21.44 -10.08 30.71
N VAL B 517 22.33 -9.49 31.51
CA VAL B 517 22.26 -8.07 31.83
C VAL B 517 23.54 -7.41 31.35
N VAL B 518 23.40 -6.29 30.64
CA VAL B 518 24.53 -5.52 30.16
C VAL B 518 24.52 -4.17 30.86
N LEU B 519 25.62 -3.84 31.54
CA LEU B 519 25.73 -2.60 32.28
C LEU B 519 26.87 -1.77 31.69
N VAL B 520 26.51 -0.66 31.04
CA VAL B 520 27.50 0.23 30.42
C VAL B 520 27.20 1.67 30.83
N GLY B 521 28.24 2.40 31.19
CA GLY B 521 28.06 3.80 31.55
C GLY B 521 29.41 4.45 31.79
N CYS B 522 29.35 5.78 31.93
CA CYS B 522 30.52 6.61 32.13
C CYS B 522 30.61 7.03 33.59
N VAL B 523 31.83 7.13 34.09
CA VAL B 523 32.05 7.63 35.45
C VAL B 523 33.15 8.69 35.41
N PRO B 524 33.13 9.70 36.27
CA PRO B 524 34.22 10.76 36.22
C PRO B 524 35.45 10.48 37.07
N PHE B 525 35.38 9.48 37.95
CA PHE B 525 36.50 9.16 38.84
C PHE B 525 37.46 8.14 38.24
N LEU B 526 37.22 7.65 37.03
CA LEU B 526 38.11 6.71 36.38
C LEU B 526 38.89 7.39 35.26
N GLU B 527 39.99 6.75 34.87
CA GLU B 527 40.85 7.28 33.84
C GLU B 527 40.96 6.39 32.60
N GLN B 528 40.74 5.09 32.75
CA GLN B 528 40.79 4.16 31.63
C GLN B 528 39.60 3.21 31.70
N PRO B 529 39.12 2.74 30.55
CA PRO B 529 37.95 1.85 30.56
C PRO B 529 38.31 0.46 31.08
N ALA B 530 37.37 -0.11 31.82
CA ALA B 530 37.50 -1.45 32.39
C ALA B 530 36.26 -2.27 32.07
N ALA B 531 36.48 -3.54 31.74
CA ALA B 531 35.40 -4.43 31.33
C ALA B 531 35.50 -5.75 32.08
N ALA B 532 34.36 -6.39 32.27
CA ALA B 532 34.30 -7.66 32.97
C ALA B 532 33.13 -8.48 32.42
N PHE B 533 33.41 -9.73 32.08
CA PHE B 533 32.41 -10.69 31.61
C PHE B 533 32.31 -11.81 32.63
N VAL B 534 31.12 -12.03 33.17
CA VAL B 534 30.91 -13.00 34.23
C VAL B 534 29.81 -13.97 33.80
N ARG B 535 30.09 -15.27 33.89
CA ARG B 535 29.10 -16.31 33.60
C ARG B 535 28.85 -17.09 34.89
N LEU B 536 27.64 -16.93 35.44
CA LEU B 536 27.31 -17.60 36.70
C LEU B 536 27.20 -19.11 36.49
N ASN B 537 27.61 -19.86 37.51
CA ASN B 537 27.58 -21.32 37.43
C ASN B 537 26.16 -21.84 37.29
N GLU B 538 25.21 -21.26 38.04
CA GLU B 538 23.83 -21.68 37.99
C GLU B 538 22.93 -20.45 37.91
N ALA B 539 21.79 -20.61 37.23
CA ALA B 539 20.85 -19.52 37.08
C ALA B 539 20.31 -19.10 38.45
N VAL B 540 20.28 -17.80 38.69
CA VAL B 540 19.81 -17.24 39.96
C VAL B 540 18.92 -16.05 39.66
N LEU B 541 17.82 -15.94 40.40
CA LEU B 541 16.84 -14.88 40.19
C LEU B 541 17.29 -13.65 40.97
N LEU B 542 17.83 -12.67 40.25
CA LEU B 542 18.25 -11.40 40.84
C LEU B 542 17.08 -10.44 40.83
N GLU B 543 16.58 -10.09 42.01
CA GLU B 543 15.41 -9.24 42.11
C GLU B 543 15.78 -7.78 41.87
N SER B 544 14.83 -7.04 41.32
CA SER B 544 14.97 -5.60 41.08
C SER B 544 16.18 -5.29 40.21
N VAL B 545 16.41 -6.11 39.18
CA VAL B 545 17.49 -5.85 38.24
C VAL B 545 16.91 -5.84 36.83
N LEU B 546 16.20 -6.91 36.47
CA LEU B 546 15.62 -7.04 35.15
C LEU B 546 14.27 -6.33 35.09
N GLU B 547 13.54 -6.56 34.01
CA GLU B 547 12.18 -6.06 33.86
C GLU B 547 11.12 -7.11 34.15
N VAL B 548 11.46 -8.38 33.99
CA VAL B 548 10.54 -9.49 34.24
C VAL B 548 11.26 -10.50 35.13
N PRO B 549 10.54 -11.32 35.90
CA PRO B 549 11.21 -12.31 36.78
C PRO B 549 11.77 -13.51 36.02
N VAL B 550 12.95 -13.32 35.44
CA VAL B 550 13.65 -14.37 34.71
C VAL B 550 15.05 -14.51 35.30
N PRO B 551 15.55 -15.72 35.52
CA PRO B 551 16.89 -15.86 36.10
C PRO B 551 17.97 -15.33 35.15
N VAL B 552 19.05 -14.82 35.73
CA VAL B 552 20.17 -14.29 34.97
C VAL B 552 21.26 -15.34 34.91
N ARG B 553 22.04 -15.30 33.82
CA ARG B 553 23.12 -16.27 33.62
C ARG B 553 24.43 -15.56 33.31
N PHE B 554 24.34 -14.43 32.62
CA PHE B 554 25.51 -13.66 32.19
C PHE B 554 25.44 -12.25 32.73
N LEU B 555 26.62 -11.64 32.89
CA LEU B 555 26.74 -10.25 33.29
C LEU B 555 27.89 -9.64 32.51
N PHE B 556 27.67 -8.45 31.96
CA PHE B 556 28.72 -7.69 31.29
C PHE B 556 28.76 -6.31 31.89
N VAL B 557 29.90 -5.95 32.48
CA VAL B 557 30.08 -4.67 33.14
C VAL B 557 31.17 -3.89 32.40
N MET B 558 30.85 -2.66 32.03
CA MET B 558 31.83 -1.78 31.39
C MET B 558 31.76 -0.41 32.01
N LEU B 559 32.90 0.12 32.44
CA LEU B 559 32.96 1.42 33.09
C LEU B 559 34.22 2.14 32.66
N GLY B 560 34.06 3.34 32.10
CA GLY B 560 35.19 4.08 31.59
C GLY B 560 35.02 5.58 31.72
N PRO B 561 36.10 6.31 31.47
CA PRO B 561 36.06 7.77 31.57
C PRO B 561 35.22 8.39 30.46
N SER B 562 34.75 9.61 30.74
CA SER B 562 33.85 10.32 29.83
C SER B 562 34.60 11.18 28.81
N HIS B 563 35.92 11.24 28.86
CA HIS B 563 36.68 12.07 27.93
C HIS B 563 37.18 11.30 26.72
N THR B 564 36.87 10.02 26.60
CA THR B 564 37.26 9.25 25.44
C THR B 564 36.32 9.53 24.27
N SER B 565 36.74 9.09 23.08
CA SER B 565 35.94 9.24 21.88
C SER B 565 34.94 8.11 21.68
N THR B 566 35.00 7.08 22.51
CA THR B 566 34.09 5.94 22.36
C THR B 566 32.68 6.31 22.81
N ASP B 567 31.69 5.70 22.17
CA ASP B 567 30.29 5.85 22.55
C ASP B 567 29.86 4.56 23.24
N TYR B 568 29.54 4.66 24.52
CA TYR B 568 29.28 3.46 25.31
C TYR B 568 27.92 2.86 25.02
N HIS B 569 26.95 3.67 24.59
CA HIS B 569 25.68 3.12 24.15
C HIS B 569 25.86 2.20 22.97
N GLU B 570 26.72 2.58 22.02
CA GLU B 570 26.97 1.74 20.86
C GLU B 570 27.65 0.44 21.25
N LEU B 571 28.60 0.49 22.19
CA LEU B 571 29.25 -0.73 22.64
C LEU B 571 28.26 -1.66 23.33
N GLY B 572 27.36 -1.09 24.14
CA GLY B 572 26.33 -1.91 24.76
C GLY B 572 25.42 -2.56 23.74
N ARG B 573 25.00 -1.80 22.72
CA ARG B 573 24.17 -2.37 21.68
C ARG B 573 24.90 -3.48 20.93
N SER B 574 26.18 -3.27 20.64
CA SER B 574 26.94 -4.28 19.91
C SER B 574 27.06 -5.57 20.70
N ILE B 575 27.42 -5.47 21.98
CA ILE B 575 27.59 -6.70 22.77
C ILE B 575 26.24 -7.38 22.99
N ALA B 576 25.17 -6.61 23.16
CA ALA B 576 23.86 -7.22 23.34
C ALA B 576 23.40 -7.93 22.07
N THR B 577 23.62 -7.32 20.90
CA THR B 577 23.25 -7.99 19.66
C THR B 577 24.12 -9.21 19.39
N LEU B 578 25.37 -9.20 19.85
CA LEU B 578 26.18 -10.40 19.80
C LEU B 578 25.58 -11.50 20.66
N MET B 579 25.17 -11.17 21.89
CA MET B 579 24.74 -12.20 22.83
C MET B 579 23.35 -12.74 22.52
N SER B 580 22.55 -12.01 21.73
CA SER B 580 21.21 -12.50 21.39
C SER B 580 21.21 -13.35 20.14
N ASP B 581 22.38 -13.65 19.58
CA ASP B 581 22.44 -14.48 18.38
C ASP B 581 22.23 -15.95 18.73
N LYS B 582 21.90 -16.75 17.71
CA LYS B 582 21.59 -18.15 17.95
C LYS B 582 22.86 -18.97 18.19
N LEU B 583 23.94 -18.64 17.49
CA LEU B 583 25.17 -19.42 17.62
C LEU B 583 26.14 -18.83 18.64
N PHE B 584 26.19 -17.51 18.75
CA PHE B 584 27.16 -16.90 19.65
C PHE B 584 26.88 -17.23 21.10
N HIS B 585 25.61 -17.23 21.51
CA HIS B 585 25.32 -17.52 22.91
C HIS B 585 25.58 -18.98 23.25
N GLU B 586 25.35 -19.90 22.30
CA GLU B 586 25.74 -21.28 22.51
C GLU B 586 27.25 -21.41 22.63
N ALA B 587 28.00 -20.69 21.78
CA ALA B 587 29.45 -20.73 21.87
C ALA B 587 29.93 -20.20 23.21
N ALA B 588 29.32 -19.14 23.71
CA ALA B 588 29.66 -18.62 25.04
C ALA B 588 29.27 -19.60 26.13
N TYR B 589 28.18 -20.35 25.93
CA TYR B 589 27.82 -21.40 26.88
C TYR B 589 28.91 -22.45 26.96
N GLN B 590 29.45 -22.86 25.82
CA GLN B 590 30.51 -23.87 25.79
C GLN B 590 31.91 -23.27 25.84
N ALA B 591 32.04 -21.95 25.88
CA ALA B 591 33.36 -21.33 25.89
C ALA B 591 34.07 -21.55 27.22
N ASP B 592 35.39 -21.38 27.19
CA ASP B 592 36.20 -21.51 28.39
C ASP B 592 37.21 -20.39 28.58
N ASP B 593 37.58 -19.65 27.54
CA ASP B 593 38.55 -18.57 27.68
C ASP B 593 38.18 -17.45 26.71
N ARG B 594 39.08 -16.48 26.58
CA ARG B 594 38.86 -15.33 25.71
C ARG B 594 39.05 -15.67 24.24
N GLN B 595 39.95 -16.61 23.93
CA GLN B 595 40.22 -16.97 22.54
C GLN B 595 38.97 -17.55 21.87
N ASP B 596 38.20 -18.35 22.60
CA ASP B 596 36.96 -18.86 22.04
C ASP B 596 35.95 -17.75 21.80
N LEU B 597 35.94 -16.73 22.66
CA LEU B 597 35.08 -15.58 22.42
C LEU B 597 35.47 -14.86 21.13
N LEU B 598 36.78 -14.68 20.91
CA LEU B 598 37.23 -14.06 19.65
C LEU B 598 36.86 -14.91 18.45
N SER B 599 37.02 -16.23 18.57
CA SER B 599 36.66 -17.12 17.46
C SER B 599 35.17 -17.03 17.16
N ALA B 600 34.33 -16.98 18.20
CA ALA B 600 32.90 -16.82 17.99
C ALA B 600 32.56 -15.47 17.37
N ILE B 601 33.29 -14.41 17.74
CA ILE B 601 33.09 -13.12 17.10
C ILE B 601 33.38 -13.20 15.61
N SER B 602 34.48 -13.86 15.25
CA SER B 602 34.80 -14.04 13.84
C SER B 602 33.73 -14.85 13.11
N GLU B 603 33.23 -15.90 13.77
CA GLU B 603 32.17 -16.70 13.18
C GLU B 603 30.92 -15.85 12.93
N PHE B 604 30.54 -15.02 13.91
CA PHE B 604 29.40 -14.13 13.72
C PHE B 604 29.63 -13.17 12.57
N LEU B 605 30.84 -12.60 12.47
CA LEU B 605 31.14 -11.66 11.41
C LEU B 605 31.17 -12.30 10.03
N ASP B 606 31.42 -13.61 9.96
CA ASP B 606 31.52 -14.28 8.67
C ASP B 606 30.23 -14.18 7.87
N GLY B 607 29.08 -14.34 8.53
CA GLY B 607 27.82 -14.36 7.82
C GLY B 607 27.00 -13.09 7.92
N SER B 608 27.66 -11.93 7.83
CA SER B 608 27.00 -10.65 7.96
C SER B 608 26.92 -9.94 6.60
N ILE B 609 26.19 -8.84 6.58
CA ILE B 609 26.01 -8.02 5.39
C ILE B 609 26.47 -6.60 5.70
N VAL B 610 27.32 -6.06 4.84
CA VAL B 610 27.83 -4.70 4.99
C VAL B 610 27.13 -3.82 3.97
N ILE B 611 26.55 -2.72 4.43
CA ILE B 611 25.82 -1.79 3.58
C ILE B 611 26.66 -0.53 3.41
N PRO B 612 27.01 -0.15 2.19
CA PRO B 612 27.97 0.94 1.98
C PRO B 612 27.36 2.29 2.35
N PRO B 613 28.20 3.30 2.60
CA PRO B 613 27.67 4.61 2.99
C PRO B 613 27.06 5.39 1.83
N SER B 614 25.87 5.00 1.41
CA SER B 614 25.11 5.73 0.39
C SER B 614 23.72 6.00 0.92
N GLU B 615 23.19 7.18 0.61
CA GLU B 615 21.85 7.53 1.04
C GLU B 615 20.83 6.60 0.40
N VAL B 616 19.80 6.25 1.17
CA VAL B 616 18.68 5.47 0.65
C VAL B 616 17.63 6.46 0.16
N GLU B 617 17.65 6.73 -1.16
CA GLU B 617 16.78 7.74 -1.73
C GLU B 617 15.38 7.19 -1.96
N GLY B 618 15.25 6.17 -2.80
CA GLY B 618 13.97 5.56 -3.09
C GLY B 618 13.58 4.53 -2.06
N ARG B 619 12.75 3.57 -2.48
CA ARG B 619 12.33 2.48 -1.62
C ARG B 619 12.64 1.10 -2.18
N ASP B 620 12.83 0.97 -3.50
CA ASP B 620 13.25 -0.30 -4.09
C ASP B 620 14.65 -0.71 -3.65
N LEU B 621 15.41 0.19 -3.04
CA LEU B 621 16.81 -0.08 -2.76
C LEU B 621 16.98 -1.19 -1.72
N LEU B 622 16.07 -1.28 -0.76
CA LEU B 622 16.23 -2.20 0.37
C LEU B 622 15.32 -3.42 0.27
N ARG B 623 14.77 -3.70 -0.89
CA ARG B 623 13.95 -4.89 -1.05
C ARG B 623 14.76 -6.11 -1.48
N SER B 624 16.07 -5.96 -1.72
CA SER B 624 16.91 -7.06 -2.15
C SER B 624 17.74 -7.66 -1.01
N VAL B 625 17.65 -7.11 0.20
CA VAL B 625 18.48 -7.59 1.30
C VAL B 625 18.05 -8.99 1.71
N ALA B 626 16.75 -9.26 1.69
CA ALA B 626 16.25 -10.56 2.17
C ALA B 626 16.80 -11.71 1.34
N ALA B 627 16.72 -11.60 0.00
CA ALA B 627 17.19 -12.69 -0.85
C ALA B 627 18.69 -12.90 -0.72
N PHE B 628 19.46 -11.81 -0.68
CA PHE B 628 20.90 -11.93 -0.54
C PHE B 628 21.27 -12.57 0.79
N GLN B 629 20.59 -12.17 1.86
CA GLN B 629 20.84 -12.79 3.15
C GLN B 629 20.50 -14.27 3.13
N ARG B 630 19.40 -14.63 2.44
CA ARG B 630 19.03 -16.04 2.33
C ARG B 630 20.14 -16.83 1.63
N GLU B 631 20.65 -16.31 0.52
CA GLU B 631 21.71 -17.01 -0.19
C GLU B 631 22.98 -17.12 0.64
N LEU B 632 23.37 -16.03 1.31
CA LEU B 632 24.59 -16.05 2.12
C LEU B 632 24.48 -17.04 3.27
N LEU B 633 23.34 -17.03 3.97
CA LEU B 633 23.16 -17.98 5.06
C LEU B 633 23.05 -19.41 4.55
N ARG B 634 22.48 -19.60 3.36
CA ARG B 634 22.46 -20.94 2.78
C ARG B 634 23.87 -21.45 2.51
N LYS B 635 24.74 -20.60 1.97
CA LYS B 635 26.12 -21.01 1.75
C LYS B 635 26.82 -21.32 3.06
N ARG B 636 26.62 -20.48 4.08
CA ARG B 636 27.25 -20.71 5.38
C ARG B 636 26.77 -22.02 6.01
N ARG B 637 25.45 -22.27 5.96
CA ARG B 637 24.92 -23.50 6.52
C ARG B 637 25.33 -24.72 5.72
N GLU B 638 25.51 -24.57 4.40
CA GLU B 638 26.03 -25.67 3.60
C GLU B 638 27.46 -26.01 4.00
N ARG B 639 28.28 -24.98 4.25
CA ARG B 639 29.63 -25.23 4.74
C ARG B 639 29.59 -25.94 6.09
N GLU B 640 28.73 -25.49 6.99
CA GLU B 640 28.63 -26.13 8.30
C GLU B 640 28.17 -27.57 8.19
N GLN B 641 27.18 -27.84 7.33
CA GLN B 641 26.68 -29.20 7.15
C GLN B 641 27.74 -30.10 6.51
N THR B 642 28.52 -29.55 5.58
CA THR B 642 29.63 -30.30 5.00
C THR B 642 30.66 -30.67 6.06
N LYS B 643 31.01 -29.72 6.92
CA LYS B 643 31.94 -30.02 8.01
C LYS B 643 31.37 -31.08 8.94
N VAL B 644 30.08 -31.00 9.25
CA VAL B 644 29.44 -31.99 10.12
C VAL B 644 29.48 -33.36 9.47
N GLU B 645 29.21 -33.43 8.16
CA GLU B 645 29.23 -34.71 7.45
C GLU B 645 30.62 -35.32 7.46
N MET B 646 31.66 -34.51 7.27
CA MET B 646 33.02 -35.02 7.39
C MET B 646 33.33 -35.48 8.81
N THR B 647 32.88 -34.74 9.82
CA THR B 647 33.12 -35.17 11.20
C THR B 647 32.38 -36.46 11.52
N THR B 648 31.16 -36.61 11.00
CA THR B 648 30.35 -37.80 11.24
C THR B 648 31.01 -39.05 10.67
N ASP B 672 2.49 -42.17 5.09
CA ASP B 672 1.05 -42.37 5.24
C ASP B 672 0.28 -41.53 4.24
N ASP B 673 0.50 -41.80 2.95
CA ASP B 673 -0.22 -41.07 1.92
C ASP B 673 -1.69 -41.47 1.94
N PRO B 674 -2.62 -40.51 1.89
CA PRO B 674 -4.05 -40.86 1.88
C PRO B 674 -4.58 -41.20 0.50
N LEU B 675 -3.81 -41.02 -0.56
CA LEU B 675 -4.27 -41.23 -1.93
C LEU B 675 -3.56 -42.38 -2.62
N ARG B 676 -2.99 -43.30 -1.84
CA ARG B 676 -2.27 -44.44 -2.40
C ARG B 676 -3.20 -45.65 -2.44
N ARG B 677 -3.26 -46.32 -3.58
CA ARG B 677 -4.12 -47.47 -3.74
C ARG B 677 -3.36 -48.74 -3.36
N THR B 678 -3.99 -49.59 -2.55
CA THR B 678 -3.37 -50.81 -2.08
C THR B 678 -3.64 -51.99 -3.01
N GLY B 679 -4.90 -52.20 -3.36
CA GLY B 679 -5.28 -53.31 -4.22
C GLY B 679 -6.51 -54.04 -3.72
N ARG B 680 -6.67 -54.08 -2.40
CA ARG B 680 -7.86 -54.68 -1.81
C ARG B 680 -9.09 -53.84 -2.18
N PRO B 681 -10.20 -54.49 -2.52
CA PRO B 681 -11.42 -53.72 -2.81
C PRO B 681 -11.86 -52.92 -1.59
N PHE B 682 -12.33 -51.69 -1.86
CA PHE B 682 -12.81 -50.79 -0.81
C PHE B 682 -11.74 -50.49 0.23
N GLY B 683 -10.47 -50.60 -0.14
CA GLY B 683 -9.41 -50.40 0.83
C GLY B 683 -9.40 -49.00 1.40
N GLY B 684 -9.58 -47.99 0.54
CA GLY B 684 -9.59 -46.62 1.02
C GLY B 684 -10.69 -46.35 2.02
N LEU B 685 -11.88 -46.92 1.80
CA LEU B 685 -12.97 -46.70 2.73
C LEU B 685 -12.60 -47.15 4.13
N ILE B 686 -12.04 -48.36 4.24
CA ILE B 686 -11.60 -48.85 5.54
C ILE B 686 -10.49 -47.98 6.10
N ARG B 687 -9.56 -47.54 5.25
CA ARG B 687 -8.42 -46.78 5.76
C ARG B 687 -8.84 -45.45 6.36
N ASP B 688 -9.72 -44.70 5.69
CA ASP B 688 -10.18 -43.45 6.32
C ASP B 688 -11.23 -43.67 7.40
N VAL B 689 -11.94 -44.80 7.43
CA VAL B 689 -12.83 -45.05 8.55
C VAL B 689 -12.03 -45.30 9.83
N ARG B 690 -11.01 -46.17 9.74
CA ARG B 690 -10.25 -46.57 10.92
C ARG B 690 -9.28 -45.52 11.41
N ARG B 691 -9.22 -44.35 10.78
CA ARG B 691 -8.40 -43.25 11.27
C ARG B 691 -9.21 -42.15 11.93
N ARG B 692 -10.48 -42.00 11.54
CA ARG B 692 -11.32 -40.91 12.04
C ARG B 692 -12.39 -41.36 13.02
N TYR B 693 -12.98 -42.54 12.82
CA TYR B 693 -14.08 -42.96 13.71
C TYR B 693 -13.68 -43.09 15.18
N PRO B 694 -12.51 -43.65 15.55
CA PRO B 694 -12.20 -43.78 16.98
C PRO B 694 -12.20 -42.47 17.75
N HIS B 695 -12.06 -41.33 17.09
CA HIS B 695 -12.03 -40.03 17.77
C HIS B 695 -13.42 -39.43 17.94
N TYR B 696 -14.47 -40.25 18.00
CA TYR B 696 -15.84 -39.73 18.04
C TYR B 696 -16.10 -38.95 19.32
N LEU B 697 -15.72 -39.50 20.47
CA LEU B 697 -15.96 -38.83 21.74
C LEU B 697 -15.20 -37.51 21.80
N SER B 698 -13.96 -37.49 21.31
CA SER B 698 -13.22 -36.23 21.24
C SER B 698 -13.89 -35.24 20.30
N ASP B 699 -14.39 -35.71 19.16
CA ASP B 699 -15.08 -34.83 18.22
C ASP B 699 -16.31 -34.19 18.83
N PHE B 700 -16.99 -34.89 19.73
CA PHE B 700 -18.15 -34.30 20.39
C PHE B 700 -17.81 -33.52 21.66
N ARG B 701 -16.68 -33.80 22.29
CA ARG B 701 -16.30 -33.14 23.53
C ARG B 701 -15.47 -31.89 23.33
N ASP B 702 -15.02 -31.62 22.11
CA ASP B 702 -14.07 -30.54 21.87
C ASP B 702 -14.74 -29.19 21.60
N ALA B 703 -16.06 -29.11 21.64
CA ALA B 703 -16.79 -27.88 21.37
C ALA B 703 -17.58 -27.50 22.62
N LEU B 704 -16.91 -26.81 23.56
CA LEU B 704 -17.57 -26.30 24.75
C LEU B 704 -17.05 -24.91 25.11
N ASP B 705 -16.64 -24.13 24.12
CA ASP B 705 -16.03 -22.84 24.34
C ASP B 705 -16.71 -21.78 23.50
N PRO B 706 -16.65 -20.51 23.92
CA PRO B 706 -17.26 -19.44 23.12
C PRO B 706 -16.69 -19.34 21.71
N GLN B 707 -15.44 -19.77 21.51
CA GLN B 707 -14.86 -19.76 20.17
C GLN B 707 -15.69 -20.59 19.20
N CYS B 708 -16.20 -21.73 19.68
CA CYS B 708 -17.07 -22.59 18.88
C CYS B 708 -18.54 -22.19 18.98
N LEU B 709 -18.82 -20.95 19.36
CA LEU B 709 -20.19 -20.45 19.38
C LEU B 709 -20.38 -19.18 18.57
N ALA B 710 -19.32 -18.40 18.35
CA ALA B 710 -19.43 -17.22 17.49
C ALA B 710 -19.41 -17.60 16.01
N ALA B 711 -18.92 -18.78 15.66
CA ALA B 711 -18.94 -19.22 14.26
C ALA B 711 -20.37 -19.50 13.81
N VAL B 712 -21.11 -20.29 14.61
CA VAL B 712 -22.47 -20.67 14.25
C VAL B 712 -23.34 -19.46 13.99
N ILE B 713 -23.00 -18.32 14.59
CA ILE B 713 -23.81 -17.12 14.43
C ILE B 713 -23.70 -16.58 13.01
N PHE B 714 -22.51 -16.62 12.41
CA PHE B 714 -22.36 -16.01 11.09
C PHE B 714 -22.19 -17.02 9.97
N ILE B 715 -21.69 -18.23 10.26
CA ILE B 715 -21.69 -19.28 9.25
C ILE B 715 -23.11 -19.58 8.81
N TYR B 716 -24.05 -19.54 9.76
CA TYR B 716 -25.46 -19.66 9.43
C TYR B 716 -25.91 -18.61 8.43
N PHE B 717 -25.31 -17.42 8.48
CA PHE B 717 -25.65 -16.37 7.53
C PHE B 717 -24.92 -16.51 6.20
N ALA B 718 -23.92 -17.39 6.12
CA ALA B 718 -23.23 -17.66 4.87
C ALA B 718 -23.79 -18.87 4.13
N ALA B 719 -24.36 -19.82 4.84
CA ALA B 719 -24.99 -20.99 4.24
C ALA B 719 -26.45 -20.75 3.90
N LEU B 720 -26.98 -19.58 4.24
CA LEU B 720 -28.39 -19.26 4.01
C LEU B 720 -28.60 -18.31 2.85
N SER B 721 -27.74 -17.29 2.70
CA SER B 721 -27.93 -16.31 1.63
C SER B 721 -27.90 -16.93 0.24
N PRO B 722 -26.93 -17.77 -0.12
CA PRO B 722 -27.04 -18.46 -1.42
C PRO B 722 -28.26 -19.36 -1.53
N ALA B 723 -28.64 -20.03 -0.45
CA ALA B 723 -29.73 -21.00 -0.51
C ALA B 723 -31.04 -20.33 -0.92
N ILE B 724 -31.33 -19.16 -0.37
CA ILE B 724 -32.53 -18.45 -0.79
C ILE B 724 -32.34 -17.69 -2.09
N THR B 725 -31.10 -17.51 -2.54
CA THR B 725 -30.87 -16.89 -3.84
C THR B 725 -30.99 -17.92 -4.96
N PHE B 726 -30.13 -18.94 -4.94
CA PHE B 726 -30.15 -19.98 -5.96
C PHE B 726 -31.53 -20.61 -6.07
N GLY B 727 -32.16 -20.90 -4.93
CA GLY B 727 -33.48 -21.49 -4.94
C GLY B 727 -34.51 -20.63 -5.66
N GLY B 728 -34.33 -19.32 -5.61
CA GLY B 728 -35.18 -18.45 -6.41
C GLY B 728 -34.96 -18.66 -7.90
N LEU B 729 -33.69 -18.69 -8.32
CA LEU B 729 -33.38 -18.70 -9.75
C LEU B 729 -33.94 -19.94 -10.43
N LEU B 730 -33.81 -21.10 -9.79
CA LEU B 730 -34.36 -22.32 -10.35
C LEU B 730 -35.87 -22.19 -10.56
N GLY B 731 -36.55 -21.53 -9.63
CA GLY B 731 -37.97 -21.29 -9.81
C GLY B 731 -38.27 -20.50 -11.07
N GLU B 732 -37.43 -19.50 -11.36
CA GLU B 732 -37.59 -18.74 -12.59
C GLU B 732 -37.16 -19.52 -13.82
N LYS B 733 -36.38 -20.60 -13.64
CA LYS B 733 -35.83 -21.31 -14.78
C LYS B 733 -36.47 -22.66 -15.01
N THR B 734 -37.08 -23.28 -13.99
CA THR B 734 -37.71 -24.58 -14.13
C THR B 734 -39.22 -24.51 -13.95
N GLN B 735 -39.82 -23.35 -14.19
CA GLN B 735 -41.27 -23.14 -14.05
C GLN B 735 -41.76 -23.50 -12.65
N ASP B 736 -41.01 -23.04 -11.64
CA ASP B 736 -41.36 -23.24 -10.24
C ASP B 736 -41.54 -24.72 -9.90
N LEU B 737 -40.63 -25.55 -10.40
CA LEU B 737 -40.62 -26.97 -10.04
C LEU B 737 -39.66 -27.24 -8.89
N ILE B 738 -38.52 -26.57 -8.87
CA ILE B 738 -37.59 -26.57 -7.74
C ILE B 738 -37.44 -25.13 -7.27
N GLY B 739 -37.71 -24.89 -6.00
CA GLY B 739 -37.68 -23.54 -5.47
C GLY B 739 -36.83 -23.37 -4.24
N VAL B 740 -37.11 -22.33 -3.46
CA VAL B 740 -36.32 -22.04 -2.27
C VAL B 740 -36.57 -23.09 -1.19
N SER B 741 -37.83 -23.52 -1.03
CA SER B 741 -38.16 -24.48 0.02
C SER B 741 -37.46 -25.81 -0.21
N GLU B 742 -37.51 -26.33 -1.43
CA GLU B 742 -36.87 -27.61 -1.72
C GLU B 742 -35.36 -27.53 -1.52
N LEU B 743 -34.74 -26.45 -1.99
CA LEU B 743 -33.30 -26.30 -1.83
C LEU B 743 -32.91 -26.22 -0.37
N ILE B 744 -33.67 -25.46 0.43
CA ILE B 744 -33.36 -25.33 1.86
C ILE B 744 -33.48 -26.68 2.55
N MET B 745 -34.56 -27.41 2.26
CA MET B 745 -34.76 -28.70 2.90
C MET B 745 -33.68 -29.70 2.51
N SER B 746 -33.29 -29.71 1.23
CA SER B 746 -32.21 -30.60 0.81
C SER B 746 -30.90 -30.24 1.48
N THR B 747 -30.60 -28.95 1.56
CA THR B 747 -29.37 -28.51 2.23
C THR B 747 -29.33 -29.00 3.67
N ALA B 748 -30.43 -28.80 4.41
CA ALA B 748 -30.47 -29.22 5.81
C ALA B 748 -30.33 -30.73 5.93
N LEU B 749 -31.12 -31.47 5.16
CA LEU B 749 -31.16 -32.92 5.31
C LEU B 749 -29.83 -33.55 4.95
N GLN B 750 -29.15 -33.04 3.92
CA GLN B 750 -27.85 -33.62 3.57
C GLN B 750 -26.77 -33.15 4.54
N GLY B 751 -26.84 -31.90 5.01
CA GLY B 751 -25.83 -31.41 5.91
C GLY B 751 -25.80 -32.14 7.24
N VAL B 752 -26.98 -32.41 7.82
CA VAL B 752 -27.00 -33.08 9.11
C VAL B 752 -26.41 -34.49 8.99
N VAL B 753 -26.79 -35.23 7.95
CA VAL B 753 -26.28 -36.58 7.79
C VAL B 753 -24.79 -36.58 7.51
N PHE B 754 -24.31 -35.64 6.68
CA PHE B 754 -22.88 -35.60 6.40
C PHE B 754 -22.08 -35.25 7.64
N CYS B 755 -22.55 -34.30 8.45
CA CYS B 755 -21.83 -33.95 9.66
C CYS B 755 -21.95 -35.02 10.74
N LEU B 756 -22.94 -35.90 10.65
CA LEU B 756 -23.05 -37.01 11.60
C LEU B 756 -22.24 -38.23 11.18
N LEU B 757 -22.00 -38.43 9.89
CA LEU B 757 -21.31 -39.64 9.43
C LEU B 757 -20.08 -39.38 8.58
N GLY B 758 -19.74 -38.12 8.32
CA GLY B 758 -18.62 -37.83 7.44
C GLY B 758 -17.28 -37.99 8.11
N ALA B 759 -16.24 -38.00 7.28
CA ALA B 759 -14.87 -38.07 7.77
C ALA B 759 -14.23 -36.70 7.95
N GLN B 760 -14.77 -35.67 7.31
CA GLN B 760 -14.27 -34.31 7.43
C GLN B 760 -15.45 -33.41 7.77
N PRO B 761 -15.78 -33.26 9.06
CA PRO B 761 -16.93 -32.43 9.43
C PRO B 761 -16.77 -30.96 9.10
N LEU B 762 -15.55 -30.49 8.82
CA LEU B 762 -15.31 -29.08 8.55
C LEU B 762 -15.73 -28.67 7.15
N LEU B 763 -16.50 -29.49 6.44
CA LEU B 763 -17.00 -29.17 5.11
C LEU B 763 -18.46 -28.78 5.22
N VAL B 764 -18.85 -27.69 4.55
CA VAL B 764 -20.24 -27.29 4.43
C VAL B 764 -20.66 -27.48 2.98
N ILE B 765 -21.70 -28.26 2.76
CA ILE B 765 -22.15 -28.61 1.43
C ILE B 765 -23.37 -27.78 1.07
N GLY B 766 -23.49 -27.43 -0.20
CA GLY B 766 -24.62 -26.64 -0.66
C GLY B 766 -24.56 -26.47 -2.15
N PHE B 767 -25.60 -25.84 -2.69
CA PHE B 767 -25.66 -25.56 -4.12
C PHE B 767 -24.58 -24.57 -4.50
N SER B 768 -23.96 -24.80 -5.65
CA SER B 768 -22.88 -23.94 -6.13
C SER B 768 -23.19 -23.49 -7.56
N GLY B 769 -22.31 -22.62 -8.08
CA GLY B 769 -22.51 -22.00 -9.36
C GLY B 769 -22.72 -22.96 -10.51
N PRO B 770 -21.70 -23.75 -10.86
CA PRO B 770 -21.77 -24.55 -12.09
C PRO B 770 -22.81 -25.66 -12.08
N LEU B 771 -23.63 -25.79 -11.04
CA LEU B 771 -24.68 -26.80 -11.06
C LEU B 771 -25.99 -26.29 -11.62
N LEU B 772 -26.35 -25.02 -11.38
CA LEU B 772 -27.60 -24.52 -11.95
C LEU B 772 -27.51 -24.36 -13.45
N VAL B 773 -26.30 -24.13 -13.98
CA VAL B 773 -26.12 -24.10 -15.42
C VAL B 773 -26.47 -25.45 -16.03
N PHE B 774 -26.00 -26.53 -15.41
CA PHE B 774 -26.35 -27.86 -15.88
C PHE B 774 -27.83 -28.15 -15.70
N GLU B 775 -28.42 -27.67 -14.59
CA GLU B 775 -29.85 -27.84 -14.39
C GLU B 775 -30.64 -27.18 -15.52
N GLU B 776 -30.29 -25.94 -15.85
CA GLU B 776 -30.96 -25.22 -16.93
C GLU B 776 -30.75 -25.91 -18.27
N ALA B 777 -29.53 -26.39 -18.53
CA ALA B 777 -29.27 -27.08 -19.79
C ALA B 777 -30.10 -28.35 -19.91
N PHE B 778 -30.19 -29.12 -18.83
CA PHE B 778 -30.99 -30.35 -18.87
C PHE B 778 -32.46 -30.04 -19.01
N PHE B 779 -32.95 -28.96 -18.38
CA PHE B 779 -34.34 -28.58 -18.58
C PHE B 779 -34.60 -28.20 -20.02
N SER B 780 -33.69 -27.43 -20.63
CA SER B 780 -33.87 -27.05 -22.03
C SER B 780 -33.85 -28.26 -22.94
N PHE B 781 -32.99 -29.24 -22.64
CA PHE B 781 -33.00 -30.47 -23.43
C PHE B 781 -34.28 -31.26 -23.24
N CYS B 782 -34.80 -31.28 -22.01
CA CYS B 782 -35.99 -32.09 -21.73
C CYS B 782 -37.24 -31.50 -22.38
N SER B 783 -37.41 -30.19 -22.32
CA SER B 783 -38.58 -29.57 -22.94
C SER B 783 -38.28 -29.19 -24.39
N SER B 784 -37.74 -30.13 -25.14
CA SER B 784 -37.57 -30.05 -26.58
C SER B 784 -38.03 -31.31 -27.28
N ASN B 785 -37.81 -32.48 -26.68
CA ASN B 785 -38.20 -33.76 -27.25
C ASN B 785 -39.45 -34.33 -26.58
N HIS B 786 -40.20 -33.49 -25.86
CA HIS B 786 -41.41 -33.90 -25.16
C HIS B 786 -41.10 -34.98 -24.12
N LEU B 787 -40.24 -34.61 -23.18
CA LEU B 787 -39.83 -35.48 -22.09
C LEU B 787 -40.09 -34.76 -20.76
N GLU B 788 -40.56 -35.51 -19.77
CA GLU B 788 -40.80 -34.92 -18.46
C GLU B 788 -39.48 -34.62 -17.78
N TYR B 789 -39.35 -33.41 -17.22
CA TYR B 789 -38.08 -32.98 -16.66
C TYR B 789 -37.78 -33.65 -15.33
N LEU B 790 -38.78 -33.80 -14.46
CA LEU B 790 -38.53 -34.24 -13.10
C LEU B 790 -38.38 -35.75 -12.99
N VAL B 791 -38.76 -36.51 -14.01
CA VAL B 791 -38.62 -37.96 -13.95
C VAL B 791 -37.23 -38.39 -14.39
N GLY B 792 -36.64 -37.69 -15.36
CA GLY B 792 -35.30 -38.04 -15.81
C GLY B 792 -34.25 -37.90 -14.73
N ARG B 793 -34.44 -36.97 -13.81
CA ARG B 793 -33.48 -36.80 -12.71
C ARG B 793 -33.45 -38.03 -11.80
N VAL B 794 -34.56 -38.75 -11.69
CA VAL B 794 -34.57 -39.99 -10.91
C VAL B 794 -33.58 -40.99 -11.49
N TRP B 795 -33.61 -41.16 -12.81
CA TRP B 795 -32.69 -42.11 -13.44
C TRP B 795 -31.27 -41.59 -13.46
N ILE B 796 -31.10 -40.27 -13.56
CA ILE B 796 -29.76 -39.69 -13.44
C ILE B 796 -29.17 -40.03 -12.07
N GLY B 797 -29.96 -39.88 -11.02
CA GLY B 797 -29.49 -40.24 -9.69
C GLY B 797 -29.25 -41.73 -9.54
N PHE B 798 -30.08 -42.54 -10.17
CA PHE B 798 -29.89 -43.99 -10.11
C PHE B 798 -28.58 -44.40 -10.74
N TRP B 799 -28.20 -43.76 -11.84
CA TRP B 799 -26.89 -44.05 -12.45
C TRP B 799 -25.75 -43.44 -11.64
N LEU B 800 -25.99 -42.29 -11.01
CA LEU B 800 -24.94 -41.65 -10.22
C LEU B 800 -24.57 -42.49 -9.01
N VAL B 801 -25.56 -43.08 -8.33
CA VAL B 801 -25.28 -43.87 -7.14
C VAL B 801 -24.58 -45.18 -7.49
N PHE B 802 -24.59 -45.57 -8.76
CA PHE B 802 -23.83 -46.72 -9.24
C PHE B 802 -22.42 -46.33 -9.67
N LEU B 803 -22.28 -45.18 -10.33
CA LEU B 803 -20.96 -44.70 -10.70
C LEU B 803 -20.11 -44.41 -9.48
N ALA B 804 -20.72 -43.88 -8.42
CA ALA B 804 -19.96 -43.63 -7.18
C ALA B 804 -19.41 -44.93 -6.61
N LEU B 805 -20.23 -45.98 -6.57
CA LEU B 805 -19.77 -47.25 -6.04
C LEU B 805 -18.67 -47.84 -6.91
N LEU B 806 -18.81 -47.73 -8.23
CA LEU B 806 -17.77 -48.22 -9.12
C LEU B 806 -16.46 -47.47 -8.91
N MET B 807 -16.53 -46.16 -8.73
CA MET B 807 -15.32 -45.35 -8.55
C MET B 807 -14.68 -45.59 -7.19
N VAL B 808 -15.46 -45.94 -6.18
CA VAL B 808 -14.88 -46.13 -4.85
C VAL B 808 -14.35 -47.55 -4.68
N ALA B 809 -15.07 -48.55 -5.22
CA ALA B 809 -14.65 -49.94 -5.04
C ALA B 809 -13.26 -50.18 -5.59
N LEU B 810 -13.02 -49.80 -6.84
CA LEU B 810 -11.67 -49.75 -7.40
C LEU B 810 -11.07 -48.41 -7.01
N GLU B 811 -9.99 -48.43 -6.23
CA GLU B 811 -9.42 -47.19 -5.71
C GLU B 811 -9.12 -46.24 -6.86
N GLY B 812 -9.89 -45.17 -6.96
CA GLY B 812 -9.77 -44.29 -8.10
C GLY B 812 -9.85 -42.82 -7.75
N SER B 813 -9.96 -42.51 -6.47
CA SER B 813 -9.93 -41.12 -6.04
C SER B 813 -8.50 -40.65 -5.81
N PHE B 814 -7.65 -40.93 -6.79
CA PHE B 814 -6.29 -40.42 -6.83
C PHE B 814 -6.03 -39.62 -8.10
N LEU B 815 -7.00 -39.56 -9.01
CA LEU B 815 -6.87 -38.76 -10.22
C LEU B 815 -6.88 -37.26 -9.93
N VAL B 816 -7.23 -36.86 -8.71
CA VAL B 816 -7.18 -35.45 -8.36
C VAL B 816 -5.76 -34.92 -8.37
N ARG B 817 -4.75 -35.80 -8.36
CA ARG B 817 -3.38 -35.35 -8.47
C ARG B 817 -3.06 -34.86 -9.88
N PHE B 818 -3.78 -35.36 -10.89
CA PHE B 818 -3.56 -34.92 -12.25
C PHE B 818 -4.29 -33.63 -12.58
N VAL B 819 -5.25 -33.22 -11.76
CA VAL B 819 -5.94 -31.95 -11.95
C VAL B 819 -5.03 -30.86 -11.38
N SER B 820 -4.25 -30.24 -12.26
CA SER B 820 -3.25 -29.28 -11.85
C SER B 820 -3.89 -27.91 -11.62
N ARG B 821 -3.06 -26.88 -11.46
CA ARG B 821 -3.55 -25.52 -11.29
C ARG B 821 -4.14 -24.96 -12.57
N PHE B 822 -3.70 -25.48 -13.72
CA PHE B 822 -4.15 -24.98 -15.01
C PHE B 822 -5.67 -25.06 -15.15
N THR B 823 -6.26 -26.17 -14.71
CA THR B 823 -7.71 -26.30 -14.78
C THR B 823 -8.41 -25.75 -13.54
N GLN B 824 -7.72 -25.72 -12.40
CA GLN B 824 -8.33 -25.16 -11.19
C GLN B 824 -8.63 -23.68 -11.36
N GLU B 825 -7.74 -22.93 -12.01
CA GLU B 825 -8.00 -21.51 -12.18
C GLU B 825 -9.11 -21.26 -13.19
N ILE B 826 -9.20 -22.09 -14.24
CA ILE B 826 -10.30 -21.96 -15.18
C ILE B 826 -11.63 -22.25 -14.50
N PHE B 827 -11.66 -23.28 -13.65
CA PHE B 827 -12.88 -23.60 -12.91
C PHE B 827 -13.25 -22.48 -11.94
N ALA B 828 -12.26 -21.87 -11.28
CA ALA B 828 -12.54 -20.75 -10.39
C ALA B 828 -13.11 -19.56 -11.15
N PHE B 829 -12.56 -19.24 -12.32
CA PHE B 829 -13.18 -18.19 -13.14
C PHE B 829 -14.59 -18.55 -13.58
N LEU B 830 -14.83 -19.81 -13.92
CA LEU B 830 -16.18 -20.21 -14.30
C LEU B 830 -17.16 -20.00 -13.14
N ILE B 831 -16.73 -20.36 -11.93
CA ILE B 831 -17.60 -20.14 -10.78
C ILE B 831 -17.80 -18.65 -10.51
N SER B 832 -16.77 -17.83 -10.69
CA SER B 832 -16.85 -16.41 -10.40
C SER B 832 -17.41 -15.59 -11.55
N LEU B 833 -17.78 -16.21 -12.67
CA LEU B 833 -18.43 -15.48 -13.76
C LEU B 833 -19.88 -15.88 -13.95
N ILE B 834 -20.40 -16.85 -13.18
CA ILE B 834 -21.83 -17.12 -13.14
C ILE B 834 -22.48 -16.40 -11.96
N PHE B 835 -21.74 -15.55 -11.25
CA PHE B 835 -22.33 -14.68 -10.24
C PHE B 835 -22.56 -13.28 -10.77
N ILE B 836 -21.62 -12.75 -11.54
CA ILE B 836 -21.77 -11.43 -12.12
C ILE B 836 -22.81 -11.44 -13.23
N TYR B 837 -22.82 -12.49 -14.05
CA TYR B 837 -23.72 -12.54 -15.19
C TYR B 837 -25.18 -12.57 -14.76
N GLU B 838 -25.51 -13.36 -13.73
CA GLU B 838 -26.89 -13.44 -13.30
C GLU B 838 -27.37 -12.12 -12.72
N THR B 839 -26.51 -11.42 -11.99
CA THR B 839 -26.86 -10.12 -11.46
C THR B 839 -27.13 -9.11 -12.58
N PHE B 840 -26.21 -9.03 -13.54
CA PHE B 840 -26.38 -8.06 -14.62
C PHE B 840 -27.39 -8.50 -15.66
N TYR B 841 -27.92 -9.71 -15.55
CA TYR B 841 -29.07 -10.10 -16.37
C TYR B 841 -30.39 -9.81 -15.66
N LYS B 842 -30.44 -10.04 -14.34
CA LYS B 842 -31.62 -9.68 -13.57
C LYS B 842 -31.87 -8.18 -13.62
N LEU B 843 -30.80 -7.39 -13.58
CA LEU B 843 -30.98 -5.94 -13.66
C LEU B 843 -31.60 -5.52 -14.98
N VAL B 844 -31.13 -6.11 -16.09
CA VAL B 844 -31.68 -5.79 -17.40
C VAL B 844 -33.14 -6.24 -17.50
N LYS B 845 -33.45 -7.41 -16.97
CA LYS B 845 -34.83 -7.87 -17.01
C LYS B 845 -35.75 -6.95 -16.21
N ILE B 846 -35.28 -6.50 -15.04
CA ILE B 846 -36.08 -5.57 -14.24
C ILE B 846 -36.31 -4.27 -15.02
N PHE B 847 -35.27 -3.75 -15.65
CA PHE B 847 -35.43 -2.51 -16.42
C PHE B 847 -36.35 -2.71 -17.62
N GLN B 848 -36.41 -3.92 -18.17
CA GLN B 848 -37.29 -4.16 -19.31
C GLN B 848 -38.74 -4.32 -18.90
N GLU B 849 -39.01 -4.98 -17.78
CA GLU B 849 -40.40 -5.20 -17.38
C GLU B 849 -41.08 -3.92 -16.91
N HIS B 850 -40.32 -2.99 -16.34
CA HIS B 850 -40.85 -1.74 -15.81
C HIS B 850 -40.13 -0.58 -16.46
N PRO B 851 -40.53 -0.21 -17.68
CA PRO B 851 -39.81 0.83 -18.42
C PRO B 851 -39.87 2.16 -17.71
N LEU B 852 -39.02 3.09 -18.16
CA LEU B 852 -38.81 4.37 -17.50
C LEU B 852 -39.64 5.48 -18.14
N HIS B 853 -40.83 5.17 -18.62
CA HIS B 853 -41.69 6.21 -19.16
C HIS B 853 -42.39 6.98 -18.04
N GLY B 854 -43.07 8.04 -18.42
CA GLY B 854 -43.75 8.92 -17.47
C GLY B 854 -45.15 8.47 -17.15
N CYS B 855 -46.02 9.44 -16.90
CA CYS B 855 -47.42 9.15 -16.60
C CYS B 855 -48.31 9.50 -17.79
N PRO B 894 -47.44 -7.30 -11.60
CA PRO B 894 -47.82 -6.09 -12.34
C PRO B 894 -46.71 -5.61 -13.28
N ARG B 895 -47.04 -4.67 -14.17
CA ARG B 895 -46.09 -4.12 -15.11
C ARG B 895 -46.21 -2.61 -15.16
N GLY B 896 -45.11 -1.95 -15.51
CA GLY B 896 -45.11 -0.52 -15.74
C GLY B 896 -45.15 0.35 -14.51
N GLN B 897 -44.71 -0.15 -13.36
CA GLN B 897 -44.69 0.68 -12.16
C GLN B 897 -43.64 1.78 -12.30
N PRO B 898 -43.90 2.95 -11.71
CA PRO B 898 -43.03 4.11 -11.96
C PRO B 898 -41.62 4.02 -11.38
N ASN B 899 -41.46 3.75 -10.09
CA ASN B 899 -40.18 3.91 -9.41
C ASN B 899 -39.58 2.58 -8.95
N THR B 900 -39.74 1.52 -9.73
CA THR B 900 -39.17 0.23 -9.37
C THR B 900 -37.82 -0.02 -10.03
N ALA B 901 -37.67 0.34 -11.30
CA ALA B 901 -36.47 0.02 -12.04
C ALA B 901 -35.24 0.70 -11.45
N LEU B 902 -35.41 1.90 -10.88
CA LEU B 902 -34.28 2.61 -10.29
C LEU B 902 -34.09 2.26 -8.82
N LEU B 903 -35.18 2.00 -8.11
CA LEU B 903 -35.09 1.61 -6.71
C LEU B 903 -34.34 0.30 -6.55
N SER B 904 -34.60 -0.66 -7.44
CA SER B 904 -33.89 -1.94 -7.38
C SER B 904 -32.40 -1.74 -7.58
N LEU B 905 -32.02 -0.90 -8.56
CA LEU B 905 -30.60 -0.64 -8.80
C LEU B 905 -29.94 0.05 -7.61
N VAL B 906 -30.65 0.99 -7.00
CA VAL B 906 -30.10 1.68 -5.82
C VAL B 906 -29.88 0.69 -4.69
N LEU B 907 -30.85 -0.21 -4.45
CA LEU B 907 -30.70 -1.20 -3.38
C LEU B 907 -29.53 -2.13 -3.65
N MET B 908 -29.39 -2.60 -4.89
CA MET B 908 -28.26 -3.48 -5.22
C MET B 908 -26.94 -2.79 -4.97
N ALA B 909 -26.79 -1.55 -5.47
CA ALA B 909 -25.53 -0.84 -5.30
C ALA B 909 -25.23 -0.60 -3.82
N GLY B 910 -26.24 -0.20 -3.05
CA GLY B 910 -26.02 0.03 -1.63
C GLY B 910 -25.56 -1.21 -0.90
N THR B 911 -26.23 -2.34 -1.15
CA THR B 911 -25.84 -3.58 -0.47
C THR B 911 -24.42 -3.99 -0.84
N PHE B 912 -24.09 -3.92 -2.14
CA PHE B 912 -22.75 -4.29 -2.55
C PHE B 912 -21.69 -3.41 -1.90
N PHE B 913 -21.94 -2.10 -1.87
CA PHE B 913 -20.93 -1.20 -1.32
C PHE B 913 -20.74 -1.40 0.18
N ILE B 914 -21.84 -1.60 0.91
CA ILE B 914 -21.71 -1.84 2.36
C ILE B 914 -20.93 -3.12 2.61
N ALA B 915 -21.28 -4.20 1.90
CA ALA B 915 -20.62 -5.47 2.12
C ALA B 915 -19.15 -5.43 1.72
N PHE B 916 -18.80 -4.63 0.72
CA PHE B 916 -17.41 -4.52 0.31
C PHE B 916 -16.60 -3.72 1.31
N PHE B 917 -17.15 -2.59 1.79
CA PHE B 917 -16.37 -1.74 2.69
C PHE B 917 -16.23 -2.35 4.07
N LEU B 918 -17.19 -3.15 4.54
CA LEU B 918 -16.94 -3.85 5.80
C LEU B 918 -15.83 -4.88 5.65
N ARG B 919 -15.78 -5.58 4.51
CA ARG B 919 -14.68 -6.51 4.25
C ARG B 919 -13.34 -5.80 4.28
N LYS B 920 -13.26 -4.62 3.66
CA LYS B 920 -12.02 -3.85 3.73
C LYS B 920 -11.74 -3.36 5.14
N PHE B 921 -12.78 -3.11 5.94
CA PHE B 921 -12.56 -2.70 7.33
C PHE B 921 -12.03 -3.84 8.19
N LYS B 922 -12.30 -5.09 7.80
CA LYS B 922 -11.87 -6.21 8.63
C LYS B 922 -10.35 -6.24 8.81
N ASN B 923 -9.60 -5.91 7.76
CA ASN B 923 -8.14 -5.97 7.81
C ASN B 923 -7.50 -4.59 7.80
N SER B 924 -8.20 -3.56 8.29
CA SER B 924 -7.64 -2.22 8.40
C SER B 924 -6.83 -2.09 9.68
N ARG B 925 -6.48 -0.87 10.05
CA ARG B 925 -5.68 -0.61 11.24
C ARG B 925 -6.43 0.27 12.23
N PHE B 926 -7.73 0.05 12.37
CA PHE B 926 -8.58 0.81 13.27
C PHE B 926 -9.05 -0.07 14.42
N PHE B 927 -9.48 0.58 15.50
CA PHE B 927 -10.21 -0.04 16.61
C PHE B 927 -9.35 -1.03 17.40
N PRO B 928 -9.79 -1.52 18.58
CA PRO B 928 -8.90 -2.31 19.44
C PRO B 928 -8.34 -3.59 18.85
N GLY B 929 -8.73 -3.97 17.63
CA GLY B 929 -8.13 -5.09 16.97
C GLY B 929 -8.79 -6.43 17.20
N ARG B 930 -9.68 -6.54 18.17
CA ARG B 930 -10.51 -7.73 18.32
C ARG B 930 -11.99 -7.44 18.11
N ILE B 931 -12.43 -6.21 18.38
CA ILE B 931 -13.73 -5.77 17.90
C ILE B 931 -13.68 -5.57 16.39
N ARG B 932 -12.51 -5.19 15.86
CA ARG B 932 -12.36 -5.02 14.42
C ARG B 932 -12.67 -6.31 13.67
N ARG B 933 -12.12 -7.43 14.13
CA ARG B 933 -12.36 -8.70 13.45
C ARG B 933 -13.82 -9.13 13.57
N VAL B 934 -14.42 -8.93 14.75
CA VAL B 934 -15.81 -9.33 14.94
C VAL B 934 -16.73 -8.53 14.04
N ILE B 935 -16.52 -7.22 13.95
CA ILE B 935 -17.35 -6.39 13.06
C ILE B 935 -17.09 -6.75 11.60
N GLY B 936 -15.84 -7.01 11.24
CA GLY B 936 -15.54 -7.36 9.87
C GLY B 936 -16.08 -8.71 9.45
N ASP B 937 -16.31 -9.61 10.40
CA ASP B 937 -16.86 -10.91 10.08
C ASP B 937 -18.38 -10.91 9.92
N PHE B 938 -19.05 -9.82 10.31
CA PHE B 938 -20.50 -9.70 10.15
C PHE B 938 -20.87 -8.77 9.01
N GLY B 939 -20.12 -8.79 7.91
CA GLY B 939 -20.41 -7.89 6.80
C GLY B 939 -21.75 -8.16 6.15
N VAL B 940 -22.02 -9.43 5.84
CA VAL B 940 -23.24 -9.82 5.14
C VAL B 940 -24.49 -9.55 5.96
N PRO B 941 -24.58 -9.96 7.24
CA PRO B 941 -25.80 -9.64 8.00
C PRO B 941 -26.06 -8.16 8.13
N ILE B 942 -25.02 -7.36 8.37
CA ILE B 942 -25.20 -5.92 8.52
C ILE B 942 -25.65 -5.31 7.19
N ALA B 943 -25.00 -5.72 6.09
CA ALA B 943 -25.35 -5.17 4.79
C ALA B 943 -26.78 -5.49 4.41
N ILE B 944 -27.23 -6.71 4.70
CA ILE B 944 -28.60 -7.07 4.38
C ILE B 944 -29.58 -6.33 5.28
N LEU B 945 -29.29 -6.24 6.57
CA LEU B 945 -30.22 -5.64 7.51
C LEU B 945 -30.43 -4.16 7.25
N ILE B 946 -29.35 -3.42 6.97
CA ILE B 946 -29.47 -1.98 6.78
C ILE B 946 -30.39 -1.67 5.60
N MET B 947 -30.17 -2.34 4.48
CA MET B 947 -31.00 -2.09 3.30
C MET B 947 -32.40 -2.67 3.42
N VAL B 948 -32.59 -3.76 4.17
CA VAL B 948 -33.95 -4.21 4.44
C VAL B 948 -34.72 -3.15 5.22
N LEU B 949 -34.08 -2.55 6.23
CA LEU B 949 -34.74 -1.48 6.96
C LEU B 949 -35.02 -0.27 6.06
N VAL B 950 -34.06 0.08 5.20
CA VAL B 950 -34.25 1.23 4.31
C VAL B 950 -35.44 1.00 3.39
N ASP B 951 -35.56 -0.21 2.83
CA ASP B 951 -36.70 -0.49 1.95
C ASP B 951 -37.99 -0.66 2.74
N TYR B 952 -37.90 -1.00 4.02
CA TYR B 952 -39.09 -1.04 4.85
C TYR B 952 -39.63 0.37 5.11
N SER B 953 -38.73 1.34 5.27
CA SER B 953 -39.18 2.71 5.52
C SER B 953 -39.96 3.28 4.34
N ILE B 954 -39.51 3.02 3.12
CA ILE B 954 -40.17 3.55 1.94
C ILE B 954 -41.57 2.96 1.83
N GLU B 955 -42.56 3.81 1.58
CA GLU B 955 -43.95 3.41 1.48
C GLU B 955 -44.50 3.78 0.11
N ASP B 956 -45.43 2.95 -0.38
CA ASP B 956 -46.14 3.18 -1.64
C ASP B 956 -45.20 3.04 -2.85
N THR B 957 -44.29 2.08 -2.79
CA THR B 957 -43.46 1.69 -3.92
C THR B 957 -43.35 0.18 -3.93
N TYR B 958 -43.51 -0.41 -5.10
CA TYR B 958 -43.56 -1.86 -5.24
C TYR B 958 -42.19 -2.39 -5.64
N THR B 959 -41.61 -3.23 -4.79
CA THR B 959 -40.36 -3.91 -5.07
C THR B 959 -40.59 -5.41 -4.90
N GLN B 960 -40.16 -6.20 -5.89
CA GLN B 960 -40.42 -7.63 -5.86
C GLN B 960 -39.71 -8.28 -4.67
N LYS B 961 -40.40 -9.20 -4.02
CA LYS B 961 -39.95 -9.77 -2.76
C LYS B 961 -39.85 -11.28 -2.86
N LEU B 962 -39.21 -11.88 -1.86
CA LEU B 962 -38.97 -13.31 -1.84
C LEU B 962 -40.28 -14.08 -1.75
N SER B 963 -40.27 -15.29 -2.30
CA SER B 963 -41.45 -16.16 -2.34
C SER B 963 -41.14 -17.43 -1.56
N VAL B 964 -41.38 -17.40 -0.26
CA VAL B 964 -41.18 -18.54 0.63
C VAL B 964 -42.57 -18.99 1.10
N PRO B 965 -42.98 -20.23 0.83
CA PRO B 965 -44.34 -20.65 1.18
C PRO B 965 -44.47 -20.92 2.67
N SER B 966 -45.73 -20.86 3.12
CA SER B 966 -46.04 -21.05 4.53
C SER B 966 -45.99 -22.52 4.90
N GLY B 967 -45.32 -22.83 6.00
CA GLY B 967 -45.25 -24.20 6.48
C GLY B 967 -44.35 -25.07 5.62
N PHE B 968 -44.48 -26.38 5.83
CA PHE B 968 -43.71 -27.39 5.10
C PHE B 968 -44.53 -27.84 3.90
N SER B 969 -44.26 -27.26 2.74
CA SER B 969 -44.95 -27.63 1.52
C SER B 969 -44.05 -27.34 0.33
N VAL B 970 -44.34 -28.02 -0.79
CA VAL B 970 -43.56 -27.80 -1.99
C VAL B 970 -43.85 -26.40 -2.55
N THR B 971 -42.95 -25.94 -3.42
CA THR B 971 -43.07 -24.58 -3.95
C THR B 971 -44.30 -24.42 -4.83
N ALA B 972 -44.71 -25.49 -5.54
CA ALA B 972 -45.88 -25.46 -6.41
C ALA B 972 -46.76 -26.66 -6.09
N PRO B 973 -47.68 -26.53 -5.13
CA PRO B 973 -48.53 -27.63 -4.72
C PRO B 973 -49.77 -27.80 -5.59
N GLU B 974 -49.57 -27.71 -6.90
CA GLU B 974 -50.64 -27.90 -7.88
C GLU B 974 -50.26 -28.79 -9.04
N LYS B 975 -48.97 -29.07 -9.24
CA LYS B 975 -48.52 -29.92 -10.35
C LYS B 975 -47.44 -30.90 -9.94
N ARG B 976 -47.06 -30.95 -8.66
CA ARG B 976 -45.93 -31.75 -8.22
C ARG B 976 -46.22 -32.33 -6.85
N GLY B 977 -45.92 -33.61 -6.68
CA GLY B 977 -46.02 -34.28 -5.40
C GLY B 977 -44.72 -34.29 -4.64
N TRP B 978 -44.72 -35.01 -3.52
CA TRP B 978 -43.50 -35.15 -2.73
C TRP B 978 -42.66 -36.34 -3.16
N VAL B 979 -43.26 -37.36 -3.75
CA VAL B 979 -42.56 -38.54 -4.23
C VAL B 979 -42.76 -38.65 -5.73
N ILE B 980 -41.66 -38.71 -6.47
CA ILE B 980 -41.70 -38.77 -7.93
C ILE B 980 -41.84 -40.23 -8.35
N ASN B 981 -42.85 -40.52 -9.16
CA ASN B 981 -43.03 -41.87 -9.67
C ASN B 981 -41.95 -42.20 -10.67
N PRO B 982 -41.18 -43.27 -10.49
CA PRO B 982 -40.09 -43.58 -11.42
C PRO B 982 -40.54 -44.07 -12.79
N LEU B 983 -41.85 -44.10 -13.06
CA LEU B 983 -42.34 -44.55 -14.36
C LEU B 983 -43.01 -43.46 -15.18
N GLY B 984 -43.34 -42.32 -14.57
CA GLY B 984 -43.96 -41.24 -15.29
C GLY B 984 -45.11 -40.59 -14.55
N GLU B 985 -45.09 -39.27 -14.43
CA GLU B 985 -46.12 -38.56 -13.69
C GLU B 985 -47.40 -38.41 -14.52
N LYS B 986 -47.31 -37.76 -15.67
CA LYS B 986 -48.44 -37.55 -16.54
C LYS B 986 -48.51 -38.55 -17.70
N SER B 987 -47.38 -38.90 -18.28
CA SER B 987 -47.30 -39.84 -19.38
C SER B 987 -46.22 -40.88 -19.08
N PRO B 988 -46.38 -42.10 -19.61
CA PRO B 988 -45.36 -43.13 -19.38
C PRO B 988 -44.00 -42.70 -19.91
N PHE B 989 -42.95 -43.02 -19.15
CA PHE B 989 -41.60 -42.65 -19.53
C PHE B 989 -41.08 -43.59 -20.62
N PRO B 990 -40.40 -43.06 -21.63
CA PRO B 990 -39.83 -43.92 -22.67
C PRO B 990 -38.77 -44.84 -22.09
N VAL B 991 -38.67 -46.03 -22.68
CA VAL B 991 -37.71 -47.01 -22.17
C VAL B 991 -36.30 -46.69 -22.66
N TRP B 992 -36.15 -46.07 -23.83
CA TRP B 992 -34.83 -45.79 -24.36
C TRP B 992 -34.07 -44.81 -23.49
N MET B 993 -34.76 -43.80 -22.95
CA MET B 993 -34.10 -42.83 -22.09
C MET B 993 -33.60 -43.45 -20.79
N MET B 994 -34.28 -44.50 -20.31
CA MET B 994 -33.91 -45.13 -19.06
C MET B 994 -32.46 -45.63 -19.10
N VAL B 995 -32.00 -46.06 -20.27
CA VAL B 995 -30.64 -46.57 -20.41
C VAL B 995 -29.76 -45.47 -21.01
N ALA B 996 -30.35 -44.64 -21.87
CA ALA B 996 -29.59 -43.56 -22.50
C ALA B 996 -29.20 -42.45 -21.54
N SER B 997 -29.73 -42.46 -20.33
CA SER B 997 -29.38 -41.43 -19.35
C SER B 997 -28.00 -41.59 -18.77
N LEU B 998 -27.14 -42.47 -19.32
CA LEU B 998 -25.79 -42.63 -18.81
C LEU B 998 -24.96 -41.37 -18.98
N LEU B 999 -25.09 -40.69 -20.12
CA LEU B 999 -24.24 -39.53 -20.40
C LEU B 999 -24.42 -38.39 -19.41
N PRO B 1000 -25.62 -37.93 -19.08
CA PRO B 1000 -25.73 -36.87 -18.07
C PRO B 1000 -25.18 -37.29 -16.71
N ALA B 1001 -25.29 -38.58 -16.38
CA ALA B 1001 -24.73 -39.05 -15.12
C ALA B 1001 -23.24 -38.79 -15.05
N ILE B 1002 -22.50 -39.12 -16.12
CA ILE B 1002 -21.08 -38.85 -16.15
C ILE B 1002 -20.81 -37.34 -16.16
N LEU B 1003 -21.58 -36.59 -16.94
CA LEU B 1003 -21.33 -35.16 -17.05
C LEU B 1003 -21.61 -34.41 -15.76
N VAL B 1004 -22.40 -34.98 -14.84
CA VAL B 1004 -22.63 -34.31 -13.55
C VAL B 1004 -21.72 -34.90 -12.49
N PHE B 1005 -21.33 -36.17 -12.68
CA PHE B 1005 -20.36 -36.78 -11.77
C PHE B 1005 -19.03 -36.07 -11.85
N ILE B 1006 -18.64 -35.63 -13.05
CA ILE B 1006 -17.40 -34.88 -13.20
C ILE B 1006 -17.44 -33.60 -12.37
N LEU B 1007 -18.56 -32.87 -12.44
CA LEU B 1007 -18.68 -31.62 -11.69
C LEU B 1007 -18.62 -31.87 -10.19
N ILE B 1008 -19.40 -32.84 -9.71
CA ILE B 1008 -19.42 -33.13 -8.28
C ILE B 1008 -18.03 -33.57 -7.80
N PHE B 1009 -17.38 -34.46 -8.56
CA PHE B 1009 -16.08 -34.96 -8.19
C PHE B 1009 -15.05 -33.84 -8.11
N MET B 1010 -15.01 -32.96 -9.12
CA MET B 1010 -14.05 -31.87 -9.09
C MET B 1010 -14.30 -30.94 -7.90
N GLU B 1011 -15.55 -30.52 -7.73
CA GLU B 1011 -15.85 -29.55 -6.67
C GLU B 1011 -15.59 -30.12 -5.29
N THR B 1012 -15.77 -31.42 -5.10
CA THR B 1012 -15.53 -31.99 -3.77
C THR B 1012 -14.04 -32.28 -3.53
N GLN B 1013 -13.38 -32.88 -4.51
CA GLN B 1013 -11.99 -33.28 -4.32
C GLN B 1013 -11.07 -32.07 -4.22
N ILE B 1014 -11.33 -31.02 -5.00
CA ILE B 1014 -10.49 -29.82 -4.89
C ILE B 1014 -10.60 -29.22 -3.50
N THR B 1015 -11.81 -29.16 -2.95
CA THR B 1015 -12.00 -28.61 -1.61
C THR B 1015 -11.31 -29.47 -0.57
N THR B 1016 -11.43 -30.80 -0.68
CA THR B 1016 -10.78 -31.67 0.31
C THR B 1016 -9.26 -31.55 0.22
N LEU B 1017 -8.73 -31.37 -0.99
CA LEU B 1017 -7.29 -31.16 -1.15
C LEU B 1017 -6.86 -29.84 -0.51
N ILE B 1018 -7.62 -28.77 -0.73
CA ILE B 1018 -7.24 -27.46 -0.20
C ILE B 1018 -7.31 -27.46 1.32
N ILE B 1019 -8.35 -28.08 1.89
CA ILE B 1019 -8.54 -28.02 3.33
C ILE B 1019 -7.43 -28.76 4.05
N SER B 1020 -7.12 -29.98 3.60
CA SER B 1020 -6.16 -30.83 4.31
C SER B 1020 -4.74 -30.61 3.75
N LYS B 1021 -4.20 -29.43 4.05
CA LYS B 1021 -2.83 -29.10 3.75
C LYS B 1021 -1.98 -29.23 5.00
N LYS B 1022 -0.72 -28.81 4.92
CA LYS B 1022 0.15 -28.79 6.09
C LYS B 1022 0.21 -27.43 6.77
N GLU B 1023 -0.02 -26.35 6.04
CA GLU B 1023 -0.06 -25.03 6.65
C GLU B 1023 -1.20 -24.92 7.65
N ARG B 1024 -2.36 -25.46 7.31
CA ARG B 1024 -3.48 -25.54 8.23
C ARG B 1024 -3.24 -26.71 9.18
N MET B 1025 -3.03 -26.42 10.46
CA MET B 1025 -2.65 -27.43 11.44
C MET B 1025 -3.87 -28.28 11.80
N LEU B 1026 -4.32 -29.07 10.83
CA LEU B 1026 -5.46 -29.96 11.01
C LEU B 1026 -4.95 -31.32 11.48
N GLN B 1027 -5.21 -31.65 12.74
CA GLN B 1027 -4.83 -32.94 13.30
C GLN B 1027 -5.87 -33.98 12.87
N LYS B 1028 -5.83 -35.14 13.53
CA LYS B 1028 -6.75 -36.26 13.27
C LYS B 1028 -6.53 -36.70 11.82
N GLY B 1029 -7.53 -36.65 10.94
CA GLY B 1029 -7.33 -37.09 9.58
C GLY B 1029 -8.41 -36.56 8.67
N SER B 1030 -8.19 -36.73 7.37
CA SER B 1030 -9.13 -36.32 6.35
C SER B 1030 -9.49 -37.52 5.48
N GLY B 1031 -10.73 -37.53 5.00
CA GLY B 1031 -11.22 -38.64 4.22
C GLY B 1031 -11.46 -38.30 2.77
N PHE B 1032 -10.69 -38.90 1.87
CA PHE B 1032 -10.87 -38.70 0.44
C PHE B 1032 -11.88 -39.68 -0.17
N HIS B 1033 -12.11 -40.82 0.47
CA HIS B 1033 -13.01 -41.83 -0.05
C HIS B 1033 -14.34 -41.91 0.70
N LEU B 1034 -14.42 -41.39 1.91
CA LEU B 1034 -15.68 -41.35 2.64
C LEU B 1034 -16.47 -40.07 2.41
N ASP B 1035 -15.90 -39.11 1.70
CA ASP B 1035 -16.61 -37.90 1.31
C ASP B 1035 -17.22 -37.99 -0.07
N LEU B 1036 -16.51 -38.61 -1.02
CA LEU B 1036 -17.07 -38.79 -2.36
C LEU B 1036 -18.26 -39.73 -2.33
N LEU B 1037 -18.11 -40.90 -1.71
CA LEU B 1037 -19.18 -41.88 -1.69
C LEU B 1037 -20.41 -41.34 -1.00
N LEU B 1038 -20.23 -40.72 0.17
CA LEU B 1038 -21.37 -40.21 0.93
C LEU B 1038 -22.10 -39.12 0.16
N ILE B 1039 -21.37 -38.15 -0.38
CA ILE B 1039 -22.00 -37.04 -1.08
C ILE B 1039 -22.75 -37.53 -2.32
N VAL B 1040 -22.11 -38.39 -3.12
CA VAL B 1040 -22.75 -38.80 -4.36
C VAL B 1040 -23.95 -39.72 -4.07
N ALA B 1041 -23.82 -40.61 -3.08
CA ALA B 1041 -24.95 -41.47 -2.74
C ALA B 1041 -26.12 -40.66 -2.20
N MET B 1042 -25.85 -39.68 -1.35
CA MET B 1042 -26.92 -38.84 -0.83
C MET B 1042 -27.56 -38.03 -1.94
N GLY B 1043 -26.76 -37.53 -2.89
CA GLY B 1043 -27.32 -36.81 -4.02
C GLY B 1043 -28.20 -37.68 -4.90
N GLY B 1044 -27.76 -38.92 -5.13
CA GLY B 1044 -28.57 -39.82 -5.95
C GLY B 1044 -29.87 -40.22 -5.28
N ILE B 1045 -29.82 -40.52 -3.99
CA ILE B 1045 -31.04 -40.91 -3.27
C ILE B 1045 -31.96 -39.71 -3.11
N CYS B 1046 -31.40 -38.53 -2.83
CA CYS B 1046 -32.19 -37.34 -2.57
C CYS B 1046 -32.85 -36.78 -3.81
N ALA B 1047 -32.43 -37.22 -5.00
CA ALA B 1047 -33.07 -36.77 -6.23
C ALA B 1047 -34.36 -37.52 -6.54
N LEU B 1048 -34.68 -38.55 -5.77
CA LEU B 1048 -35.95 -39.23 -5.95
C LEU B 1048 -37.12 -38.41 -5.41
N PHE B 1049 -36.87 -37.60 -4.39
CA PHE B 1049 -37.87 -36.73 -3.80
C PHE B 1049 -37.95 -35.37 -4.48
N GLY B 1050 -37.41 -35.26 -5.70
CA GLY B 1050 -37.40 -33.99 -6.40
C GLY B 1050 -36.56 -32.92 -5.74
N LEU B 1051 -35.42 -33.30 -5.19
CA LEU B 1051 -34.53 -32.36 -4.53
C LEU B 1051 -33.18 -32.33 -5.23
N PRO B 1052 -32.52 -31.19 -5.28
CA PRO B 1052 -31.29 -31.06 -6.08
C PRO B 1052 -30.11 -31.79 -5.45
N TRP B 1053 -29.10 -32.04 -6.27
CA TRP B 1053 -27.84 -32.57 -5.81
C TRP B 1053 -27.00 -31.46 -5.19
N LEU B 1054 -26.02 -31.85 -4.39
CA LEU B 1054 -25.19 -30.89 -3.67
C LEU B 1054 -23.74 -31.30 -3.75
N ALA B 1055 -22.86 -30.31 -3.66
CA ALA B 1055 -21.42 -30.52 -3.68
C ALA B 1055 -20.75 -29.49 -2.78
N ALA B 1056 -19.70 -29.93 -2.10
CA ALA B 1056 -19.05 -29.09 -1.10
C ALA B 1056 -18.49 -27.83 -1.73
N ALA B 1057 -18.73 -26.69 -1.09
CA ALA B 1057 -18.21 -25.42 -1.58
C ALA B 1057 -16.81 -25.19 -1.06
N THR B 1058 -15.95 -24.62 -1.92
CA THR B 1058 -14.55 -24.45 -1.58
C THR B 1058 -14.23 -23.09 -0.97
N VAL B 1059 -15.23 -22.23 -0.78
CA VAL B 1059 -15.03 -20.93 -0.17
C VAL B 1059 -15.67 -20.87 1.22
N ARG B 1060 -16.86 -21.45 1.39
CA ARG B 1060 -17.45 -21.50 2.71
C ARG B 1060 -16.76 -22.52 3.61
N SER B 1061 -16.18 -23.57 3.03
CA SER B 1061 -15.41 -24.52 3.82
C SER B 1061 -14.16 -23.86 4.39
N VAL B 1062 -13.48 -23.04 3.59
CA VAL B 1062 -12.30 -22.33 4.07
C VAL B 1062 -12.69 -21.33 5.16
N THR B 1063 -13.83 -20.65 4.99
CA THR B 1063 -14.30 -19.74 6.03
C THR B 1063 -14.61 -20.49 7.32
N HIS B 1064 -15.25 -21.64 7.21
CA HIS B 1064 -15.52 -22.46 8.40
C HIS B 1064 -14.23 -22.87 9.09
N ALA B 1065 -13.23 -23.29 8.32
CA ALA B 1065 -11.96 -23.67 8.91
C ALA B 1065 -11.28 -22.48 9.58
N ASN B 1066 -11.29 -21.32 8.93
CA ASN B 1066 -10.63 -20.15 9.49
C ASN B 1066 -11.30 -19.68 10.77
N ALA B 1067 -12.63 -19.77 10.84
CA ALA B 1067 -13.35 -19.31 12.03
C ALA B 1067 -13.07 -20.17 13.25
N LEU B 1068 -12.36 -21.28 13.11
CA LEU B 1068 -12.13 -22.20 14.22
C LEU B 1068 -10.67 -22.30 14.63
N THR B 1069 -9.75 -21.67 13.91
CA THR B 1069 -8.34 -21.72 14.28
C THR B 1069 -8.07 -20.82 15.48
N VAL B 1070 -7.26 -21.31 16.41
CA VAL B 1070 -6.81 -20.53 17.55
C VAL B 1070 -5.31 -20.32 17.41
N MET B 1071 -4.89 -19.06 17.44
CA MET B 1071 -3.49 -18.70 17.27
C MET B 1071 -2.75 -18.72 18.60
N SER B 1072 -1.44 -18.89 18.52
CA SER B 1072 -0.62 -18.93 19.72
C SER B 1072 -0.35 -17.53 20.24
N LYS B 1073 0.07 -17.45 21.51
CA LYS B 1073 0.44 -16.20 22.14
C LYS B 1073 1.93 -16.07 22.39
N ALA B 1074 2.68 -17.17 22.40
CA ALA B 1074 4.11 -17.14 22.66
C ALA B 1074 4.87 -16.91 21.34
N VAL B 1075 4.76 -15.68 20.85
CA VAL B 1075 5.48 -15.24 19.67
C VAL B 1075 6.26 -13.99 20.03
N ALA B 1076 7.55 -13.97 19.67
CA ALA B 1076 8.39 -12.83 19.98
C ALA B 1076 7.88 -11.59 19.24
N PRO B 1077 8.06 -10.41 19.82
CA PRO B 1077 7.55 -9.19 19.18
C PRO B 1077 8.16 -8.98 17.80
N GLY B 1078 7.33 -8.55 16.86
CA GLY B 1078 7.74 -8.34 15.49
C GLY B 1078 7.78 -9.58 14.63
N ASP B 1079 7.47 -10.75 15.19
CA ASP B 1079 7.50 -11.99 14.43
C ASP B 1079 6.15 -12.25 13.78
N LYS B 1080 6.17 -13.08 12.74
CA LYS B 1080 4.95 -13.39 12.01
C LYS B 1080 4.02 -14.26 12.84
N PRO B 1081 2.71 -14.12 12.67
CA PRO B 1081 1.76 -14.93 13.46
C PRO B 1081 1.88 -16.41 13.13
N LYS B 1082 1.60 -17.23 14.14
CA LYS B 1082 1.69 -18.67 14.02
C LYS B 1082 0.41 -19.30 14.54
N ILE B 1083 -0.14 -20.26 13.79
CA ILE B 1083 -1.36 -20.94 14.18
C ILE B 1083 -1.05 -21.95 15.27
N GLN B 1084 -1.71 -21.81 16.42
CA GLN B 1084 -1.51 -22.79 17.49
C GLN B 1084 -2.19 -24.11 17.14
N GLU B 1085 -3.50 -24.09 16.94
CA GLU B 1085 -4.19 -25.31 16.56
C GLU B 1085 -5.54 -24.96 15.94
N VAL B 1086 -6.27 -26.00 15.55
CA VAL B 1086 -7.61 -25.86 14.98
C VAL B 1086 -8.54 -26.81 15.72
N LYS B 1087 -9.67 -26.28 16.19
CA LYS B 1087 -10.64 -27.07 16.93
C LYS B 1087 -11.49 -27.86 15.94
N GLU B 1088 -11.30 -29.17 15.92
CA GLU B 1088 -12.02 -30.05 14.98
C GLU B 1088 -13.16 -30.72 15.73
N GLN B 1089 -14.39 -30.49 15.27
CA GLN B 1089 -15.56 -31.07 15.91
C GLN B 1089 -16.69 -31.12 14.91
N ARG B 1090 -17.66 -31.99 15.20
CA ARG B 1090 -18.84 -32.18 14.37
C ARG B 1090 -20.10 -31.73 15.11
N VAL B 1091 -20.00 -30.59 15.80
CA VAL B 1091 -21.15 -30.01 16.47
C VAL B 1091 -21.56 -28.68 15.87
N THR B 1092 -20.62 -27.81 15.47
CA THR B 1092 -20.99 -26.55 14.85
C THR B 1092 -21.67 -26.76 13.50
N GLY B 1093 -21.16 -27.69 12.68
CA GLY B 1093 -21.78 -27.93 11.38
C GLY B 1093 -23.18 -28.50 11.51
N LEU B 1094 -23.38 -29.42 12.45
CA LEU B 1094 -24.70 -29.98 12.68
C LEU B 1094 -25.68 -28.90 13.13
N LEU B 1095 -25.25 -28.01 14.02
CA LEU B 1095 -26.11 -26.92 14.47
C LEU B 1095 -26.44 -25.96 13.33
N VAL B 1096 -25.46 -25.67 12.47
CA VAL B 1096 -25.72 -24.78 11.34
C VAL B 1096 -26.73 -25.40 10.38
N ALA B 1097 -26.58 -26.70 10.10
CA ALA B 1097 -27.54 -27.38 9.25
C ALA B 1097 -28.93 -27.37 9.85
N LEU B 1098 -29.03 -27.64 11.15
CA LEU B 1098 -30.34 -27.62 11.81
C LEU B 1098 -30.96 -26.23 11.76
N LEU B 1099 -30.16 -25.18 11.95
CA LEU B 1099 -30.68 -23.82 11.88
C LEU B 1099 -31.18 -23.49 10.48
N VAL B 1100 -30.44 -23.89 9.45
CA VAL B 1100 -30.88 -23.63 8.08
C VAL B 1100 -32.16 -24.39 7.79
N GLY B 1101 -32.29 -25.59 8.35
CA GLY B 1101 -33.55 -26.33 8.18
C GLY B 1101 -34.71 -25.67 8.88
N LEU B 1102 -34.51 -25.18 10.11
CA LEU B 1102 -35.56 -24.53 10.86
C LEU B 1102 -35.86 -23.11 10.35
N SER B 1103 -35.03 -22.58 9.48
CA SER B 1103 -35.30 -21.24 8.94
C SER B 1103 -36.51 -21.20 8.02
N ILE B 1104 -37.31 -22.26 7.89
CA ILE B 1104 -38.52 -22.22 7.09
C ILE B 1104 -39.76 -21.87 7.91
N VAL B 1105 -39.68 -21.91 9.25
CA VAL B 1105 -40.79 -21.52 10.10
C VAL B 1105 -40.84 -20.02 10.37
N ILE B 1106 -39.94 -19.25 9.75
CA ILE B 1106 -39.95 -17.80 9.86
C ILE B 1106 -40.21 -17.20 8.49
N GLY B 1107 -40.99 -17.91 7.66
CA GLY B 1107 -41.26 -17.42 6.32
C GLY B 1107 -41.98 -16.08 6.31
N ASP B 1108 -42.81 -15.82 7.31
CA ASP B 1108 -43.49 -14.53 7.38
C ASP B 1108 -42.50 -13.38 7.54
N LEU B 1109 -41.31 -13.66 8.08
CA LEU B 1109 -40.27 -12.66 8.17
C LEU B 1109 -39.34 -12.69 6.97
N LEU B 1110 -39.10 -13.85 6.38
CA LEU B 1110 -38.26 -13.98 5.20
C LEU B 1110 -38.95 -13.49 3.94
N ARG B 1111 -40.25 -13.22 3.99
CA ARG B 1111 -40.98 -12.71 2.84
C ARG B 1111 -40.95 -11.19 2.75
N GLN B 1112 -40.25 -10.51 3.66
CA GLN B 1112 -40.13 -9.07 3.65
C GLN B 1112 -38.79 -8.59 3.09
N ILE B 1113 -37.95 -9.49 2.61
CA ILE B 1113 -36.65 -9.14 2.06
C ILE B 1113 -36.80 -8.91 0.56
N PRO B 1114 -36.60 -7.69 0.07
CA PRO B 1114 -36.73 -7.46 -1.37
C PRO B 1114 -35.72 -8.30 -2.15
N LEU B 1115 -36.13 -8.73 -3.34
CA LEU B 1115 -35.31 -9.63 -4.14
C LEU B 1115 -34.06 -8.96 -4.70
N ALA B 1116 -33.99 -7.63 -4.67
CA ALA B 1116 -32.82 -6.93 -5.20
C ALA B 1116 -31.73 -6.73 -4.16
N VAL B 1117 -32.01 -6.93 -2.87
CA VAL B 1117 -30.96 -6.88 -1.87
C VAL B 1117 -30.04 -8.09 -1.99
N LEU B 1118 -30.62 -9.26 -2.23
CA LEU B 1118 -29.84 -10.50 -2.29
C LEU B 1118 -28.88 -10.52 -3.47
N PHE B 1119 -29.25 -9.88 -4.58
CA PHE B 1119 -28.36 -9.89 -5.74
C PHE B 1119 -27.15 -8.99 -5.53
N GLY B 1120 -27.23 -8.02 -4.62
CA GLY B 1120 -26.02 -7.31 -4.22
C GLY B 1120 -25.01 -8.24 -3.58
N ILE B 1121 -25.47 -9.10 -2.67
CA ILE B 1121 -24.59 -10.09 -2.05
C ILE B 1121 -24.10 -11.08 -3.09
N PHE B 1122 -24.96 -11.42 -4.06
CA PHE B 1122 -24.56 -12.31 -5.15
C PHE B 1122 -23.37 -11.74 -5.91
N LEU B 1123 -23.49 -10.49 -6.35
CA LEU B 1123 -22.40 -9.83 -7.07
C LEU B 1123 -21.16 -9.65 -6.21
N TYR B 1124 -21.35 -9.36 -4.92
CA TYR B 1124 -20.23 -9.20 -4.02
C TYR B 1124 -19.45 -10.50 -3.87
N MET B 1125 -20.16 -11.62 -3.71
CA MET B 1125 -19.49 -12.91 -3.62
C MET B 1125 -18.80 -13.26 -4.92
N GLY B 1126 -19.39 -12.88 -6.05
CA GLY B 1126 -18.73 -13.13 -7.32
C GLY B 1126 -17.44 -12.35 -7.48
N VAL B 1127 -17.47 -11.05 -7.15
CA VAL B 1127 -16.30 -10.20 -7.34
C VAL B 1127 -15.21 -10.53 -6.34
N THR B 1128 -15.58 -10.78 -5.08
CA THR B 1128 -14.60 -10.88 -4.00
C THR B 1128 -13.82 -12.19 -4.02
N SER B 1129 -14.26 -13.20 -4.76
CA SER B 1129 -13.56 -14.47 -4.81
C SER B 1129 -12.54 -14.56 -5.95
N LEU B 1130 -12.40 -13.50 -6.74
CA LEU B 1130 -11.38 -13.49 -7.78
C LEU B 1130 -9.99 -13.32 -7.19
N ASN B 1131 -9.89 -12.71 -6.01
CA ASN B 1131 -8.59 -12.49 -5.39
C ASN B 1131 -7.97 -13.81 -4.97
N GLY B 1132 -6.75 -14.06 -5.42
CA GLY B 1132 -6.04 -15.26 -5.02
C GLY B 1132 -5.55 -16.11 -6.17
N ILE B 1133 -6.35 -16.23 -7.23
CA ILE B 1133 -5.98 -17.10 -8.34
C ILE B 1133 -4.97 -16.39 -9.22
N GLN B 1134 -3.93 -17.13 -9.63
CA GLN B 1134 -2.84 -16.53 -10.40
C GLN B 1134 -3.26 -16.12 -11.80
N PHE B 1135 -4.33 -16.71 -12.34
CA PHE B 1135 -4.81 -16.32 -13.66
C PHE B 1135 -5.20 -14.85 -13.67
N TYR B 1136 -5.90 -14.41 -12.62
CA TYR B 1136 -6.32 -13.01 -12.54
C TYR B 1136 -5.12 -12.07 -12.50
N GLU B 1137 -4.12 -12.39 -11.68
CA GLU B 1137 -2.94 -11.53 -11.58
C GLU B 1137 -2.16 -11.50 -12.88
N ARG B 1138 -1.97 -12.66 -13.52
CA ARG B 1138 -1.30 -12.66 -14.82
C ARG B 1138 -2.11 -11.97 -15.89
N LEU B 1139 -3.43 -11.86 -15.70
CA LEU B 1139 -4.27 -11.09 -16.60
C LEU B 1139 -4.12 -9.59 -16.37
N HIS B 1140 -3.83 -9.20 -15.12
CA HIS B 1140 -3.51 -7.80 -14.86
C HIS B 1140 -2.24 -7.37 -15.58
N LEU B 1141 -1.24 -8.26 -15.62
CA LEU B 1141 0.08 -7.93 -16.13
C LEU B 1141 0.12 -7.73 -17.63
N LEU B 1142 -0.98 -7.99 -18.33
CA LEU B 1142 -1.03 -7.65 -19.75
C LEU B 1142 -1.01 -6.15 -19.98
N LEU B 1143 -1.49 -5.37 -19.01
CA LEU B 1143 -1.57 -3.92 -19.16
C LEU B 1143 -0.40 -3.18 -18.52
N MET B 1144 0.31 -3.81 -17.61
CA MET B 1144 1.43 -3.18 -16.93
C MET B 1144 2.64 -3.12 -17.87
N PRO B 1145 3.41 -2.02 -17.88
CA PRO B 1145 4.66 -2.04 -18.59
C PRO B 1145 5.65 -2.97 -17.91
N PRO B 1146 6.57 -3.58 -18.66
CA PRO B 1146 7.49 -4.56 -18.05
C PRO B 1146 8.34 -3.99 -16.94
N LYS B 1147 8.39 -2.67 -16.78
CA LYS B 1147 9.15 -2.07 -15.70
C LYS B 1147 8.47 -2.23 -14.34
N HIS B 1148 7.14 -2.36 -14.34
CA HIS B 1148 6.35 -2.30 -13.11
C HIS B 1148 5.87 -3.67 -12.63
N HIS B 1149 6.33 -4.75 -13.24
CA HIS B 1149 5.89 -6.07 -12.82
C HIS B 1149 6.40 -6.37 -11.41
N PRO B 1150 5.69 -7.21 -10.65
CA PRO B 1150 6.16 -7.57 -9.30
C PRO B 1150 7.41 -8.45 -9.34
N ASP B 1151 7.84 -8.92 -8.18
CA ASP B 1151 9.01 -9.79 -8.08
C ASP B 1151 8.65 -11.20 -7.65
N VAL B 1152 7.49 -11.69 -8.06
CA VAL B 1152 7.05 -13.04 -7.72
C VAL B 1152 7.87 -14.04 -8.54
N THR B 1153 7.80 -15.32 -8.18
CA THR B 1153 8.69 -16.30 -8.80
C THR B 1153 8.30 -16.65 -10.22
N TYR B 1154 7.08 -16.34 -10.66
CA TYR B 1154 6.66 -16.65 -12.01
C TYR B 1154 6.81 -15.49 -12.98
N VAL B 1155 7.39 -14.38 -12.54
CA VAL B 1155 7.63 -13.25 -13.42
C VAL B 1155 9.11 -12.92 -13.59
N LYS B 1156 9.99 -13.35 -12.68
CA LYS B 1156 11.40 -13.04 -12.76
C LYS B 1156 12.24 -14.22 -13.25
N LYS B 1157 11.60 -15.29 -13.72
CA LYS B 1157 12.31 -16.44 -14.24
C LYS B 1157 11.86 -16.84 -15.65
N VAL B 1158 10.85 -16.18 -16.20
CA VAL B 1158 10.37 -16.44 -17.55
C VAL B 1158 10.28 -15.13 -18.30
N ARG B 1159 10.56 -15.18 -19.60
CA ARG B 1159 10.47 -13.98 -20.42
C ARG B 1159 9.05 -13.45 -20.45
N THR B 1160 8.91 -12.15 -20.68
CA THR B 1160 7.59 -11.54 -20.66
C THR B 1160 6.70 -12.11 -21.77
N LEU B 1161 7.26 -12.29 -22.96
CA LEU B 1161 6.46 -12.80 -24.07
C LEU B 1161 6.00 -14.22 -23.81
N ARG B 1162 6.86 -15.05 -23.22
CA ARG B 1162 6.47 -16.42 -22.89
C ARG B 1162 5.61 -16.51 -21.65
N MET B 1163 5.35 -15.40 -20.98
CA MET B 1163 4.31 -15.36 -19.96
C MET B 1163 2.98 -14.93 -20.57
N HIS B 1164 3.00 -13.93 -21.44
CA HIS B 1164 1.79 -13.49 -22.10
C HIS B 1164 1.24 -14.56 -23.02
N LEU B 1165 2.11 -15.38 -23.62
CA LEU B 1165 1.63 -16.49 -24.43
C LEU B 1165 0.86 -17.50 -23.60
N PHE B 1166 1.36 -17.81 -22.41
CA PHE B 1166 0.63 -18.72 -21.51
C PHE B 1166 -0.70 -18.13 -21.09
N THR B 1167 -0.72 -16.84 -20.74
CA THR B 1167 -1.97 -16.20 -20.35
C THR B 1167 -2.98 -16.21 -21.51
N ALA B 1168 -2.51 -15.94 -22.73
CA ALA B 1168 -3.40 -15.95 -23.88
C ALA B 1168 -3.91 -17.36 -24.18
N LEU B 1169 -3.07 -18.38 -24.01
CA LEU B 1169 -3.53 -19.75 -24.24
C LEU B 1169 -4.55 -20.17 -23.19
N GLN B 1170 -4.46 -19.62 -21.98
CA GLN B 1170 -5.50 -19.88 -20.99
C GLN B 1170 -6.79 -19.16 -21.33
N LEU B 1171 -6.68 -17.89 -21.75
CA LEU B 1171 -7.86 -17.11 -22.10
C LEU B 1171 -8.60 -17.70 -23.29
N LEU B 1172 -7.87 -18.25 -24.25
CA LEU B 1172 -8.52 -18.86 -25.41
C LEU B 1172 -9.37 -20.05 -24.99
N CYS B 1173 -8.85 -20.90 -24.11
CA CYS B 1173 -9.63 -22.04 -23.62
C CYS B 1173 -10.84 -21.57 -22.83
N LEU B 1174 -10.66 -20.54 -21.99
CA LEU B 1174 -11.80 -20.02 -21.24
C LEU B 1174 -12.88 -19.48 -22.16
N ALA B 1175 -12.49 -18.74 -23.20
CA ALA B 1175 -13.47 -18.19 -24.14
C ALA B 1175 -14.18 -19.30 -24.90
N LEU B 1176 -13.44 -20.34 -25.32
CA LEU B 1176 -14.10 -21.45 -25.99
C LEU B 1176 -15.10 -22.14 -25.07
N LEU B 1177 -14.73 -22.33 -23.81
CA LEU B 1177 -15.63 -22.97 -22.86
C LEU B 1177 -16.88 -22.13 -22.62
N TRP B 1178 -16.71 -20.81 -22.52
CA TRP B 1178 -17.88 -19.94 -22.36
C TRP B 1178 -18.73 -19.89 -23.63
N ALA B 1179 -18.12 -20.13 -24.79
CA ALA B 1179 -18.90 -20.16 -26.02
C ALA B 1179 -19.74 -21.44 -26.10
N VAL B 1180 -19.15 -22.59 -25.77
CA VAL B 1180 -19.90 -23.84 -25.86
C VAL B 1180 -21.00 -23.93 -24.80
N MET B 1181 -20.93 -23.10 -23.76
CA MET B 1181 -21.93 -23.12 -22.70
C MET B 1181 -23.19 -22.35 -23.07
N SER B 1182 -23.11 -21.43 -24.03
CA SER B 1182 -24.22 -20.56 -24.35
C SER B 1182 -25.05 -21.01 -25.56
N THR B 1183 -24.57 -21.98 -26.32
CA THR B 1183 -25.29 -22.45 -27.51
C THR B 1183 -26.22 -23.59 -27.13
N ALA B 1184 -26.75 -24.29 -28.13
CA ALA B 1184 -27.74 -25.35 -27.92
C ALA B 1184 -27.13 -26.66 -27.44
N ALA B 1185 -25.83 -26.71 -27.20
CA ALA B 1185 -25.17 -27.88 -26.64
C ALA B 1185 -24.62 -27.57 -25.26
N SER B 1186 -25.41 -26.88 -24.43
CA SER B 1186 -24.93 -26.36 -23.16
C SER B 1186 -24.60 -27.46 -22.16
N LEU B 1187 -25.17 -28.65 -22.29
CA LEU B 1187 -24.84 -29.72 -21.35
C LEU B 1187 -23.67 -30.56 -21.85
N ALA B 1188 -22.60 -29.88 -22.24
CA ALA B 1188 -21.37 -30.55 -22.62
C ALA B 1188 -20.12 -29.84 -22.11
N PHE B 1189 -20.25 -28.78 -21.31
CA PHE B 1189 -19.08 -28.09 -20.80
C PHE B 1189 -18.27 -28.91 -19.79
N PRO B 1190 -18.85 -29.86 -19.04
CA PRO B 1190 -17.98 -30.78 -18.27
C PRO B 1190 -16.99 -31.53 -19.14
N PHE B 1191 -17.39 -31.93 -20.35
CA PHE B 1191 -16.46 -32.60 -21.25
C PHE B 1191 -15.33 -31.68 -21.67
N ILE B 1192 -15.63 -30.41 -21.93
CA ILE B 1192 -14.58 -29.46 -22.26
C ILE B 1192 -13.65 -29.24 -21.07
N LEU B 1193 -14.21 -29.15 -19.86
CA LEU B 1193 -13.40 -28.98 -18.68
C LEU B 1193 -12.50 -30.18 -18.38
N ILE B 1194 -12.93 -31.38 -18.75
CA ILE B 1194 -12.07 -32.55 -18.59
C ILE B 1194 -11.14 -32.74 -19.78
N LEU B 1195 -11.40 -32.06 -20.90
CA LEU B 1195 -10.50 -32.12 -22.05
C LEU B 1195 -9.33 -31.17 -21.94
N THR B 1196 -9.27 -30.35 -20.90
CA THR B 1196 -8.11 -29.49 -20.65
C THR B 1196 -7.13 -30.10 -19.67
N VAL B 1197 -7.39 -31.32 -19.21
CA VAL B 1197 -6.44 -32.09 -18.40
C VAL B 1197 -5.37 -32.73 -19.28
N PRO B 1198 -5.70 -33.41 -20.39
CA PRO B 1198 -4.64 -33.93 -21.25
C PRO B 1198 -3.98 -32.86 -22.11
N LEU B 1199 -4.61 -31.70 -22.27
CA LEU B 1199 -3.98 -30.62 -23.02
C LEU B 1199 -2.68 -30.18 -22.35
N ARG B 1200 -2.72 -29.97 -21.03
CA ARG B 1200 -1.52 -29.56 -20.32
C ARG B 1200 -0.44 -30.63 -20.38
N MET B 1201 -0.82 -31.90 -20.32
CA MET B 1201 0.18 -32.96 -20.33
C MET B 1201 0.76 -33.21 -21.70
N VAL B 1202 0.03 -32.89 -22.78
CA VAL B 1202 0.52 -33.22 -24.12
C VAL B 1202 1.01 -31.98 -24.86
N VAL B 1203 0.11 -31.01 -25.07
CA VAL B 1203 0.43 -29.89 -25.95
C VAL B 1203 1.31 -28.87 -25.24
N LEU B 1204 0.89 -28.39 -24.06
CA LEU B 1204 1.61 -27.32 -23.39
C LEU B 1204 2.97 -27.74 -22.87
N THR B 1205 3.30 -29.04 -22.89
CA THR B 1205 4.64 -29.50 -22.60
C THR B 1205 5.53 -29.48 -23.84
N ARG B 1206 4.97 -29.75 -25.01
CA ARG B 1206 5.76 -29.72 -26.24
C ARG B 1206 6.11 -28.31 -26.68
N ILE B 1207 5.46 -27.28 -26.13
CA ILE B 1207 5.77 -25.90 -26.46
C ILE B 1207 6.72 -25.32 -25.42
N PHE B 1208 6.29 -25.30 -24.17
CA PHE B 1208 7.05 -24.66 -23.11
C PHE B 1208 8.16 -25.58 -22.61
N THR B 1209 9.19 -24.97 -22.04
CA THR B 1209 10.32 -25.69 -21.51
C THR B 1209 9.93 -26.44 -20.24
N ASP B 1210 10.75 -27.42 -19.86
CA ASP B 1210 10.53 -28.14 -18.61
C ASP B 1210 10.80 -27.25 -17.39
N ARG B 1211 11.49 -26.13 -17.57
CA ARG B 1211 11.77 -25.23 -16.46
C ARG B 1211 10.73 -24.13 -16.34
N GLU B 1212 10.09 -23.73 -17.44
CA GLU B 1212 9.05 -22.72 -17.37
C GLU B 1212 7.76 -23.27 -16.79
N MET B 1213 7.48 -24.55 -17.00
CA MET B 1213 6.27 -25.15 -16.45
C MET B 1213 6.30 -25.18 -14.93
N LYS B 1214 7.46 -25.46 -14.34
CA LYS B 1214 7.57 -25.46 -12.88
C LYS B 1214 7.41 -24.06 -12.31
N CYS B 1215 7.72 -23.04 -13.10
CA CYS B 1215 7.55 -21.67 -12.63
C CYS B 1215 6.11 -21.19 -12.77
N LEU B 1216 5.47 -21.51 -13.89
CA LEU B 1216 4.13 -20.99 -14.18
C LEU B 1216 3.02 -21.90 -13.65
N ASP B 1217 3.23 -23.21 -13.67
CA ASP B 1217 2.21 -24.18 -13.30
C ASP B 1217 2.49 -24.87 -11.97
N ALA B 1218 3.19 -24.18 -11.07
CA ALA B 1218 3.55 -24.78 -9.79
C ALA B 1218 2.30 -24.97 -8.94
N ASN B 1219 2.30 -26.06 -8.17
CA ASN B 1219 1.20 -26.35 -7.27
C ASN B 1219 1.33 -25.67 -5.91
N GLU B 1220 2.56 -25.41 -5.49
CA GLU B 1220 2.82 -24.76 -4.20
C GLU B 1220 2.87 -23.25 -4.38
N ALA B 1221 3.32 -22.54 -3.35
CA ALA B 1221 3.46 -21.09 -3.37
C ALA B 1221 2.16 -20.38 -3.73
C1 CLR C . -7.43 5.59 25.47
C2 CLR C . -6.11 5.20 26.09
C3 CLR C . -5.10 4.78 25.07
C4 CLR C . -4.91 5.91 24.04
C5 CLR C . -6.21 6.41 23.45
C6 CLR C . -6.26 6.56 22.13
C7 CLR C . -7.52 7.08 21.40
C8 CLR C . -8.51 7.72 22.38
C9 CLR C . -8.66 6.81 23.62
C10 CLR C . -7.36 6.71 24.43
C11 CLR C . -9.89 7.18 24.46
C12 CLR C . -11.18 7.26 23.64
C13 CLR C . -11.02 8.34 22.56
C14 CLR C . -9.82 7.85 21.67
C15 CLR C . -9.87 8.85 20.49
C16 CLR C . -11.40 8.86 20.15
C17 CLR C . -12.15 8.33 21.45
C18 CLR C . -10.81 9.72 23.10
C19 CLR C . -7.09 8.06 25.11
C20 CLR C . -13.41 9.17 21.73
C21 CLR C . -14.72 8.36 21.73
C22 CLR C . -13.48 10.26 20.58
C23 CLR C . -14.88 10.42 19.95
C24 CLR C . -14.68 11.54 18.88
C25 CLR C . -14.42 10.87 17.52
C26 CLR C . -14.25 12.00 16.48
C27 CLR C . -15.49 9.84 17.14
O1 CLR C . -3.85 4.39 25.61
CAA Y01 D . -15.28 14.13 22.50
CBA Y01 D . -14.09 14.99 22.13
CAB Y01 D . -14.53 16.41 21.72
CAN Y01 D . -13.19 14.37 21.04
CAJ Y01 D . -11.76 14.01 21.45
CAO Y01 D . -11.65 13.84 22.96
CBB Y01 D . -10.29 13.23 23.43
CAC Y01 D . -9.34 13.07 22.24
CBE Y01 D . -9.71 14.11 24.57
CAP Y01 D . -10.88 14.84 25.31
CAQ Y01 D . -10.43 15.03 26.76
CBG Y01 D . -8.95 14.73 26.65
CBI Y01 D . -8.95 13.49 25.75
CAE Y01 D . -9.67 12.32 26.38
CAU Y01 D . -7.49 13.15 25.46
CAS Y01 D . -6.62 13.06 26.72
CBF Y01 D . -6.70 14.32 27.61
CBD Y01 D . -8.16 14.55 27.94
CAK Y01 D . -8.33 15.81 28.79
CAI Y01 D . -7.21 16.22 29.54
CAZ Y01 D . -5.99 15.55 29.64
CAV Y01 D . -5.01 16.24 30.49
CBH Y01 D . -5.83 14.29 28.88
CAD Y01 D . -6.17 13.12 29.79
CAT Y01 D . -4.34 14.17 28.48
CAR Y01 D . -3.31 14.70 29.50
CBC Y01 D . -3.65 16.14 29.85
OAW Y01 D . -2.77 16.80 30.78
CAY Y01 D . -1.93 16.02 31.52
OAG Y01 D . -0.83 15.84 30.96
CAM Y01 D . -2.30 15.49 32.86
CAL Y01 D . -1.30 15.89 33.94
CAX Y01 D . -1.14 17.43 34.01
OAH Y01 D . 0.02 17.88 33.91
OAF Y01 D . -2.18 18.10 34.17
O12 PT5 E . 8.74 -0.20 -21.37
P1 PT5 E . 8.26 0.86 -22.34
O13 PT5 E . 6.64 0.62 -22.67
O11 PT5 E . 9.05 0.76 -23.62
O6 PT5 E . 10.78 3.51 -20.42
O1 PT5 E . 8.47 2.38 -21.67
C1 PT5 E . 8.61 2.52 -20.28
C6 PT5 E . 9.46 3.78 -20.01
C2 PT5 E . 7.22 2.64 -19.66
O2 PT5 E . 6.53 3.65 -20.35
C3 PT5 E . 7.27 3.00 -18.17
O3 PT5 E . 5.96 3.22 -17.70
C4 PT5 E . 8.09 4.28 -17.92
O4 PT5 E . 8.20 4.48 -16.54
P4 PT5 E . 7.16 5.55 -15.77
O41 PT5 E . 5.79 4.92 -15.68
O42 PT5 E . 7.09 6.84 -16.56
O43 PT5 E . 7.66 5.85 -14.38
C5 PT5 E . 9.49 4.18 -18.53
O5 PT5 E . 10.11 5.46 -18.40
P5 PT5 E . 11.62 5.56 -17.63
O52 PT5 E . 12.44 6.63 -18.30
O51 PT5 E . 12.33 4.22 -17.73
O53 PT5 E . 11.41 5.92 -16.17
C7 PT5 E . 6.23 -0.60 -23.28
C8 PT5 E . 4.74 -0.51 -23.63
C9 PT5 E . 4.57 -0.18 -25.13
O16 PT5 E . 4.10 -1.70 -23.38
C10 PT5 E . 3.29 -1.70 -22.24
O17 PT5 E . 3.51 -0.92 -21.37
O18 PT5 E . 4.88 -1.35 -25.91
C11 PT5 E . 3.99 -1.59 -26.99
O19 PT5 E . 4.35 -1.43 -28.12
C12 PT5 E . 2.10 -2.65 -22.13
C13 PT5 E . 0.78 -1.83 -22.03
C14 PT5 E . 0.45 -1.20 -23.43
C15 PT5 E . -0.65 -2.04 -24.15
C16 PT5 E . -1.84 -1.95 -23.53
C17 PT5 E . -3.37 -2.29 -23.38
C18 PT5 E . -4.22 -0.99 -23.55
C19 PT5 E . -5.50 -1.24 -23.91
C20 PT5 E . -6.71 -2.19 -24.26
C21 PT5 E . -8.03 -1.42 -24.07
C22 PT5 E . -8.16 -0.49 -24.99
C23 PT5 E . -7.66 0.28 -26.22
C24 PT5 E . -8.80 1.15 -26.79
C31 PT5 E . 2.54 -2.08 -26.71
C32 PT5 E . 1.77 -2.26 -28.06
C33 PT5 E . 0.21 -2.04 -27.83
C34 PT5 E . -0.60 -2.81 -28.94
C35 PT5 E . -1.59 -1.81 -29.65
C36 PT5 E . -2.72 -1.42 -28.69
C37 PT5 E . -3.47 -0.22 -29.27
C38 PT5 E . -4.95 -0.25 -28.86
C39 PT5 E . -5.56 -1.63 -29.19
C40 PT5 E . -7.06 -1.46 -29.61
C25 PT5 E . -9.76 0.59 -27.50
C26 PT5 E . -10.89 1.48 -28.08
C27 PT5 E . -11.16 2.66 -27.15
C28 PT5 E . -11.20 3.94 -27.96
C29 PT5 E . -12.02 4.97 -27.23
C30 PT5 E . -12.25 6.17 -28.13
C41 PT5 E . -7.16 -0.39 -30.76
C42 PT5 E . -8.62 0.20 -30.82
C43 PT5 E . -8.67 1.36 -31.90
C44 PT5 E . -9.98 1.24 -32.72
C45 PT5 E . -10.90 2.44 -32.41
C46 PT5 E . -12.28 1.94 -31.95
C47 PT5 E . -13.25 3.13 -31.84
O12 PT5 F . -3.11 -0.82 22.89
P1 PT5 F . -4.30 -1.60 23.41
O13 PT5 F . -5.72 -0.85 22.95
O11 PT5 F . -4.23 -1.66 24.91
O6 PT5 F . -2.12 -5.03 22.69
O1 PT5 F . -4.28 -3.16 22.80
C1 PT5 F . -3.54 -3.43 21.62
C6 PT5 F . -3.08 -4.90 21.68
C2 PT5 F . -4.44 -3.16 20.41
O2 PT5 F . -5.63 -3.88 20.60
C3 PT5 F . -3.80 -3.63 19.10
O3 PT5 F . -4.73 -3.48 18.05
C4 PT5 F . -3.38 -5.10 19.15
O4 PT5 F . -2.68 -5.41 17.97
P4 PT5 F . -3.48 -6.19 16.72
O41 PT5 F . -4.39 -5.18 16.04
O42 PT5 F . -4.30 -7.34 17.27
O43 PT5 F . -2.49 -6.73 15.72
C5 PT5 F . -2.47 -5.39 20.35
O5 PT5 F . -2.26 -6.79 20.42
P5 PT5 F . -0.67 -7.36 20.47
O52 PT5 F . -0.69 -8.84 20.85
O51 PT5 F . 0.12 -6.59 21.51
O53 PT5 F . -0.01 -7.20 19.11
C7 PT5 F . -5.91 0.51 23.28
C8 PT5 F . -7.35 0.91 22.93
C9 PT5 F . -8.22 0.89 24.21
O16 PT5 F . -7.40 2.18 22.40
C10 PT5 F . -7.57 2.20 21.01
O17 PT5 F . -7.20 1.28 20.35
O18 PT5 F . -8.12 2.17 24.85
C11 PT5 F . -9.21 2.50 25.69
O19 PT5 F . -9.24 2.09 26.82
C12 PT5 F . -8.26 3.39 20.32
C13 PT5 F . -9.72 3.01 19.96
C14 PT5 F . -10.54 4.33 19.69
C15 PT5 F . -11.90 4.27 20.43
C16 PT5 F . -12.91 3.88 19.61
C17 PT5 F . -14.40 3.54 19.32
C18 PT5 F . -15.22 4.87 19.16
C19 PT5 F . -16.24 4.75 18.27
C20 PT5 F . -17.48 5.31 17.47
C21 PT5 F . -17.05 6.61 16.75
C22 PT5 F . -17.36 6.59 15.48
C23 PT5 F . -17.92 5.94 14.22
C24 PT5 F . -16.81 5.63 13.19
C31 PT5 F . -10.38 3.37 25.16
C32 PT5 F . -11.50 3.47 26.24
C33 PT5 F . -12.47 4.67 25.88
C34 PT5 F . -13.12 4.41 24.46
C35 PT5 F . -14.56 4.99 24.42
C36 PT5 F . -15.46 4.18 25.37
C37 PT5 F . -16.82 3.91 24.70
C38 PT5 F . -16.65 3.75 23.19
C39 PT5 F . -18.02 3.90 22.50
C40 PT5 F . -18.51 5.38 22.60
C25 PT5 F . -16.24 6.56 12.44
C26 PT5 F . -16.63 8.05 12.54
C27 PT5 F . -17.82 8.38 11.64
C28 PT5 F . -18.93 9.00 12.45
C29 PT5 F . -18.37 10.07 13.37
C30 PT5 F . -19.33 10.31 14.51
C41 PT5 F . -20.07 5.39 22.76
C42 PT5 F . -20.71 6.36 21.69
C43 PT5 F . -22.21 5.97 21.46
C44 PT5 F . -22.93 5.83 22.83
C45 PT5 F . -23.88 7.03 23.05
C46 PT5 F . -25.32 6.50 23.30
C47 PT5 F . -26.31 7.69 23.32
C1 CLR G . 5.02 -5.07 -26.15
C2 CLR G . 6.51 -5.11 -26.05
C3 CLR G . 7.00 -4.90 -24.64
C4 CLR G . 6.36 -5.97 -23.73
C5 CLR G . 4.85 -6.09 -23.85
C6 CLR G . 4.14 -6.17 -22.75
C7 CLR G . 2.61 -6.30 -22.74
C8 CLR G . 2.09 -6.69 -24.13
C9 CLR G . 2.77 -5.76 -25.17
C10 CLR G . 4.28 -6.09 -25.29
C11 CLR G . 2.04 -5.69 -26.51
C12 CLR G . 0.55 -5.39 -26.34
C13 CLR G . -0.08 -6.55 -25.56
C14 CLR G . 0.60 -6.52 -24.14
C15 CLR G . -0.21 -7.60 -23.37
C16 CLR G . -1.67 -7.39 -23.91
C17 CLR G . -1.56 -6.31 -25.06
C18 CLR G . 0.05 -7.88 -26.23
C19 CLR G . 4.43 -7.51 -25.88
C20 CLR G . -2.67 -6.51 -26.10
C21 CLR G . -3.09 -5.24 -26.85
C22 CLR G . -3.92 -7.01 -25.26
C23 CLR G . -4.77 -5.87 -24.68
C24 CLR G . -6.15 -6.53 -24.42
C25 CLR G . -6.67 -6.08 -23.05
C26 CLR G . -8.09 -5.51 -23.26
C27 CLR G . -6.62 -7.18 -21.98
O1 CLR G . 8.40 -4.92 -24.50
CAA Y01 H . -7.55 -9.93 -24.30
CBA Y01 H . -6.83 -10.07 -25.63
CAB Y01 H . -7.77 -9.75 -26.79
CAN Y01 H . -6.16 -11.44 -25.84
CAJ Y01 H . -4.68 -11.54 -25.50
CAO Y01 H . -3.80 -11.25 -26.71
CBB Y01 H . -2.30 -11.06 -26.38
CAC Y01 H . -2.08 -11.06 -24.86
CBE Y01 H . -1.48 -12.15 -27.12
CAP Y01 H . -2.24 -12.59 -28.41
CAQ Y01 H . -1.16 -13.09 -29.41
CBG Y01 H . 0.08 -13.13 -28.52
CBI Y01 H . -0.08 -11.87 -27.69
CAE Y01 H . -0.01 -10.62 -28.54
CAU Y01 H . 1.04 -11.89 -26.64
CAS Y01 H . 2.44 -12.16 -27.23
CBF Y01 H . 2.51 -13.40 -28.14
CBD Y01 H . 1.43 -13.24 -29.19
CAK Y01 H . 1.41 -14.45 -30.13
CAI Y01 H . 2.68 -14.98 -30.46
CAZ Y01 H . 3.88 -14.64 -29.86
CAV Y01 H . 5.04 -15.36 -30.41
CBH Y01 H . 3.90 -13.63 -28.78
CAD Y01 H . 4.51 -12.35 -29.31
CAT Y01 H . 4.85 -14.21 -27.70
CAR Y01 H . 6.19 -14.73 -28.25
CBC Y01 H . 5.95 -15.82 -29.28
OAW Y01 H . 7.13 -16.23 -29.97
CAY Y01 H . 8.06 -16.87 -29.21
OAG Y01 H . 7.54 -17.73 -28.47
CAM Y01 H . 9.51 -16.58 -29.30
CAL Y01 H . 10.36 -17.78 -29.62
CAX Y01 H . 10.39 -18.06 -31.15
OAH Y01 H . 10.40 -19.24 -31.52
OAF Y01 H . 10.42 -17.05 -31.88
#